data_1O8P
# 
_entry.id   1O8P 
# 
_audit_conform.dict_name       mmcif_pdbx.dic 
_audit_conform.dict_version    5.382 
_audit_conform.dict_location   http://mmcif.pdb.org/dictionaries/ascii/mmcif_pdbx.dic 
# 
loop_
_database_2.database_id 
_database_2.database_code 
_database_2.pdbx_database_accession 
_database_2.pdbx_DOI 
PDB   1O8P         pdb_00001o8p 10.2210/pdb1o8p/pdb 
PDBE  EBI-11807    ?            ?                   
WWPDB D_1290011807 ?            ?                   
# 
loop_
_pdbx_database_related.db_name 
_pdbx_database_related.db_id 
_pdbx_database_related.content_type 
_pdbx_database_related.details 
PDB 1O8S unspecified 'STRUCTURE OF CSCBM6-3 FROM CLOSTRIDIUM STERCORARIUM IN COMPLEX WITH CELLOBIOSE' 
PDB 1OD3 unspecified 'STRUCTURE OF CBM6-3 IN COMPLEX WITH LAMINARIBIOSE'                              
# 
_pdbx_database_status.status_code                     REL 
_pdbx_database_status.entry_id                        1O8P 
_pdbx_database_status.deposit_site                    PDBE 
_pdbx_database_status.process_site                    PDBE 
_pdbx_database_status.SG_entry                        . 
_pdbx_database_status.recvd_initial_deposition_date   2002-11-28 
_pdbx_database_status.pdb_format_compatible           Y 
_pdbx_database_status.status_code_sf                  REL 
_pdbx_database_status.status_code_mr                  ? 
_pdbx_database_status.status_code_cs                  ? 
_pdbx_database_status.methods_development_category    ? 
_pdbx_database_status.status_code_nmr_data            ? 
# 
loop_
_audit_author.name 
_audit_author.pdbx_ordinal 
_audit_author.identifier_ORCID 
'Boraston, A.B.' 1 ? 
'Notenboom, V.'  2 ? 
'Warren, R.A.J.' 3 ? 
'Kilbrun, D.G.'  4 ? 
'Rose, D.R.'     5 ? 
'Davies, G.J.'   6 ? 
# 
_citation.id                        primary 
_citation.title                     
;Structure and ligand binding of carbohydrate-binding module CsCBM6-3 reveals similarities with fucose-specific lectins and "galactose-binding" domains.
;
_citation.journal_abbrev            'J. Mol. Biol.' 
_citation.journal_volume            327 
_citation.page_first                659 
_citation.page_last                 669 
_citation.year                      2003 
_citation.journal_id_ASTM           JMOBAK 
_citation.country                   UK 
_citation.journal_id_ISSN           0022-2836 
_citation.journal_id_CSD            0070 
_citation.book_publisher            ? 
_citation.pdbx_database_id_PubMed   12634060 
_citation.pdbx_database_id_DOI      '10.1016/S0022-2836(03)00152-9' 
# 
loop_
_citation_author.citation_id 
_citation_author.name 
_citation_author.ordinal 
_citation_author.identifier_ORCID 
primary 'Boraston, A.B.' 1 ? 
primary 'Notenboom, V.'  2 ? 
primary 'Warren, R.A.'   3 ? 
primary 'Kilburn, D.G.'  4 ? 
primary 'Rose, D.R.'     5 ? 
primary 'Davies, G.'     6 ? 
# 
_cell.entry_id           1O8P 
_cell.length_a           98.645 
_cell.length_b           98.645 
_cell.length_c           27.704 
_cell.angle_alpha        90.00 
_cell.angle_beta         90.00 
_cell.angle_gamma        120.00 
_cell.Z_PDB              6 
_cell.pdbx_unique_axis   ? 
# 
_symmetry.entry_id                         1O8P 
_symmetry.space_group_name_H-M             'P 31 2 1' 
_symmetry.pdbx_full_space_group_name_H-M   ? 
_symmetry.cell_setting                     ? 
_symmetry.Int_Tables_number                152 
# 
loop_
_entity.id 
_entity.type 
_entity.src_method 
_entity.pdbx_description 
_entity.formula_weight 
_entity.pdbx_number_of_molecules 
_entity.pdbx_ec 
_entity.pdbx_mutation 
_entity.pdbx_fragment 
_entity.details 
1 polymer     man 'PUTATUVE ENDO-XYLANASE' 15516.851 1   3.2.1.8 ? 'CARBOHYDRATE-BINDING DOMAIN, RESIDUES 273-417' ? 
2 non-polymer syn 'CALCIUM ION'            40.078    1   ?       ? ?                                               ? 
3 water       nat water                    18.015    122 ?       ? ?                                               ? 
# 
_entity_name_com.entity_id   1 
_entity_name_com.name        CSCBM6-3 
# 
_entity_poly.entity_id                      1 
_entity_poly.type                           'polypeptide(L)' 
_entity_poly.nstd_linkage                   no 
_entity_poly.nstd_monomer                   no 
_entity_poly.pdbx_seq_one_letter_code       
;GSHMASTPANVNSGPTSPVGGTRSAFSNIQAEDYDSSYGPNLQIFSLPGGGSAIGYIENGYSTTYKNIDFGDGATSVTAR
VATQNATTIQVRLGSPSGTLLGTIYVGSTGSFDTYRDVSATISNTAGVKDIVLVFSGPVNVDWFVFSKSGT
;
_entity_poly.pdbx_seq_one_letter_code_can   
;GSHMASTPANVNSGPTSPVGGTRSAFSNIQAEDYDSSYGPNLQIFSLPGGGSAIGYIENGYSTTYKNIDFGDGATSVTAR
VATQNATTIQVRLGSPSGTLLGTIYVGSTGSFDTYRDVSATISNTAGVKDIVLVFSGPVNVDWFVFSKSGT
;
_entity_poly.pdbx_strand_id                 A 
_entity_poly.pdbx_target_identifier         ? 
# 
loop_
_entity_poly_seq.entity_id 
_entity_poly_seq.num 
_entity_poly_seq.mon_id 
_entity_poly_seq.hetero 
1 1   GLY n 
1 2   SER n 
1 3   HIS n 
1 4   MET n 
1 5   ALA n 
1 6   SER n 
1 7   THR n 
1 8   PRO n 
1 9   ALA n 
1 10  ASN n 
1 11  VAL n 
1 12  ASN n 
1 13  SER n 
1 14  GLY n 
1 15  PRO n 
1 16  THR n 
1 17  SER n 
1 18  PRO n 
1 19  VAL n 
1 20  GLY n 
1 21  GLY n 
1 22  THR n 
1 23  ARG n 
1 24  SER n 
1 25  ALA n 
1 26  PHE n 
1 27  SER n 
1 28  ASN n 
1 29  ILE n 
1 30  GLN n 
1 31  ALA n 
1 32  GLU n 
1 33  ASP n 
1 34  TYR n 
1 35  ASP n 
1 36  SER n 
1 37  SER n 
1 38  TYR n 
1 39  GLY n 
1 40  PRO n 
1 41  ASN n 
1 42  LEU n 
1 43  GLN n 
1 44  ILE n 
1 45  PHE n 
1 46  SER n 
1 47  LEU n 
1 48  PRO n 
1 49  GLY n 
1 50  GLY n 
1 51  GLY n 
1 52  SER n 
1 53  ALA n 
1 54  ILE n 
1 55  GLY n 
1 56  TYR n 
1 57  ILE n 
1 58  GLU n 
1 59  ASN n 
1 60  GLY n 
1 61  TYR n 
1 62  SER n 
1 63  THR n 
1 64  THR n 
1 65  TYR n 
1 66  LYS n 
1 67  ASN n 
1 68  ILE n 
1 69  ASP n 
1 70  PHE n 
1 71  GLY n 
1 72  ASP n 
1 73  GLY n 
1 74  ALA n 
1 75  THR n 
1 76  SER n 
1 77  VAL n 
1 78  THR n 
1 79  ALA n 
1 80  ARG n 
1 81  VAL n 
1 82  ALA n 
1 83  THR n 
1 84  GLN n 
1 85  ASN n 
1 86  ALA n 
1 87  THR n 
1 88  THR n 
1 89  ILE n 
1 90  GLN n 
1 91  VAL n 
1 92  ARG n 
1 93  LEU n 
1 94  GLY n 
1 95  SER n 
1 96  PRO n 
1 97  SER n 
1 98  GLY n 
1 99  THR n 
1 100 LEU n 
1 101 LEU n 
1 102 GLY n 
1 103 THR n 
1 104 ILE n 
1 105 TYR n 
1 106 VAL n 
1 107 GLY n 
1 108 SER n 
1 109 THR n 
1 110 GLY n 
1 111 SER n 
1 112 PHE n 
1 113 ASP n 
1 114 THR n 
1 115 TYR n 
1 116 ARG n 
1 117 ASP n 
1 118 VAL n 
1 119 SER n 
1 120 ALA n 
1 121 THR n 
1 122 ILE n 
1 123 SER n 
1 124 ASN n 
1 125 THR n 
1 126 ALA n 
1 127 GLY n 
1 128 VAL n 
1 129 LYS n 
1 130 ASP n 
1 131 ILE n 
1 132 VAL n 
1 133 LEU n 
1 134 VAL n 
1 135 PHE n 
1 136 SER n 
1 137 GLY n 
1 138 PRO n 
1 139 VAL n 
1 140 ASN n 
1 141 VAL n 
1 142 ASP n 
1 143 TRP n 
1 144 PHE n 
1 145 VAL n 
1 146 PHE n 
1 147 SER n 
1 148 LYS n 
1 149 SER n 
1 150 GLY n 
1 151 THR n 
# 
_entity_src_gen.entity_id                          1 
_entity_src_gen.pdbx_src_id                        1 
_entity_src_gen.pdbx_alt_source_flag               sample 
_entity_src_gen.pdbx_seq_type                      ? 
_entity_src_gen.pdbx_beg_seq_num                   ? 
_entity_src_gen.pdbx_end_seq_num                   ? 
_entity_src_gen.gene_src_common_name               ? 
_entity_src_gen.gene_src_genus                     ? 
_entity_src_gen.pdbx_gene_src_gene                 ? 
_entity_src_gen.gene_src_species                   ? 
_entity_src_gen.gene_src_strain                    NCIB11745 
_entity_src_gen.gene_src_tissue                    ? 
_entity_src_gen.gene_src_tissue_fraction           ? 
_entity_src_gen.gene_src_details                   ? 
_entity_src_gen.pdbx_gene_src_fragment             ? 
_entity_src_gen.pdbx_gene_src_scientific_name      'CLOSTRIDIUM STERCORARIUM' 
_entity_src_gen.pdbx_gene_src_ncbi_taxonomy_id     1510 
_entity_src_gen.pdbx_gene_src_variant              ? 
_entity_src_gen.pdbx_gene_src_cell_line            ? 
_entity_src_gen.pdbx_gene_src_atcc                 ? 
_entity_src_gen.pdbx_gene_src_organ                ? 
_entity_src_gen.pdbx_gene_src_organelle            ? 
_entity_src_gen.pdbx_gene_src_cell                 ? 
_entity_src_gen.pdbx_gene_src_cellular_location    ? 
_entity_src_gen.host_org_common_name               ? 
_entity_src_gen.pdbx_host_org_scientific_name      'ESCHERICHIA COLI' 
_entity_src_gen.pdbx_host_org_ncbi_taxonomy_id     469008 
_entity_src_gen.host_org_genus                     ? 
_entity_src_gen.pdbx_host_org_gene                 ? 
_entity_src_gen.pdbx_host_org_organ                ? 
_entity_src_gen.host_org_species                   ? 
_entity_src_gen.pdbx_host_org_tissue               ? 
_entity_src_gen.pdbx_host_org_tissue_fraction      ? 
_entity_src_gen.pdbx_host_org_strain               'BL21(DE3)' 
_entity_src_gen.pdbx_host_org_variant              ? 
_entity_src_gen.pdbx_host_org_cell_line            ? 
_entity_src_gen.pdbx_host_org_atcc                 ? 
_entity_src_gen.pdbx_host_org_culture_collection   ? 
_entity_src_gen.pdbx_host_org_cell                 ? 
_entity_src_gen.pdbx_host_org_organelle            ? 
_entity_src_gen.pdbx_host_org_cellular_location    ? 
_entity_src_gen.pdbx_host_org_vector_type          PLASMID 
_entity_src_gen.pdbx_host_org_vector               ? 
_entity_src_gen.host_org_details                   ? 
_entity_src_gen.expression_system_id               ? 
_entity_src_gen.plasmid_name                       PET28A 
_entity_src_gen.plasmid_details                    ? 
_entity_src_gen.pdbx_description                   ? 
# 
loop_
_struct_ref.id 
_struct_ref.db_name 
_struct_ref.db_code 
_struct_ref.entity_id 
_struct_ref.pdbx_seq_one_letter_code 
_struct_ref.pdbx_align_begin 
_struct_ref.pdbx_db_accession 
_struct_ref.pdbx_db_isoform 
1 PDB 1O8P   1 ? ? 1O8P   ? 
2 UNP Q93AQ5 1 ? ? Q93AQ5 ? 
# 
loop_
_struct_ref_seq.align_id 
_struct_ref_seq.ref_id 
_struct_ref_seq.pdbx_PDB_id_code 
_struct_ref_seq.pdbx_strand_id 
_struct_ref_seq.seq_align_beg 
_struct_ref_seq.pdbx_seq_align_beg_ins_code 
_struct_ref_seq.seq_align_end 
_struct_ref_seq.pdbx_seq_align_end_ins_code 
_struct_ref_seq.pdbx_db_accession 
_struct_ref_seq.db_align_beg 
_struct_ref_seq.pdbx_db_align_beg_ins_code 
_struct_ref_seq.db_align_end 
_struct_ref_seq.pdbx_db_align_end_ins_code 
_struct_ref_seq.pdbx_auth_seq_align_beg 
_struct_ref_seq.pdbx_auth_seq_align_end 
1 1 1O8P A 1 ? 6   ? 1O8P   1   ? 6   ? 1 6   
2 2 1O8P A 7 ? 151 ? Q93AQ5 273 ? 417 ? 7 151 
# 
loop_
_chem_comp.id 
_chem_comp.type 
_chem_comp.mon_nstd_flag 
_chem_comp.name 
_chem_comp.pdbx_synonyms 
_chem_comp.formula 
_chem_comp.formula_weight 
ALA 'L-peptide linking' y ALANINE         ? 'C3 H7 N O2'     89.093  
ARG 'L-peptide linking' y ARGININE        ? 'C6 H15 N4 O2 1' 175.209 
ASN 'L-peptide linking' y ASPARAGINE      ? 'C4 H8 N2 O3'    132.118 
ASP 'L-peptide linking' y 'ASPARTIC ACID' ? 'C4 H7 N O4'     133.103 
CA  non-polymer         . 'CALCIUM ION'   ? 'Ca 2'           40.078  
GLN 'L-peptide linking' y GLUTAMINE       ? 'C5 H10 N2 O3'   146.144 
GLU 'L-peptide linking' y 'GLUTAMIC ACID' ? 'C5 H9 N O4'     147.129 
GLY 'peptide linking'   y GLYCINE         ? 'C2 H5 N O2'     75.067  
HIS 'L-peptide linking' y HISTIDINE       ? 'C6 H10 N3 O2 1' 156.162 
HOH non-polymer         . WATER           ? 'H2 O'           18.015  
ILE 'L-peptide linking' y ISOLEUCINE      ? 'C6 H13 N O2'    131.173 
LEU 'L-peptide linking' y LEUCINE         ? 'C6 H13 N O2'    131.173 
LYS 'L-peptide linking' y LYSINE          ? 'C6 H15 N2 O2 1' 147.195 
MET 'L-peptide linking' y METHIONINE      ? 'C5 H11 N O2 S'  149.211 
PHE 'L-peptide linking' y PHENYLALANINE   ? 'C9 H11 N O2'    165.189 
PRO 'L-peptide linking' y PROLINE         ? 'C5 H9 N O2'     115.130 
SER 'L-peptide linking' y SERINE          ? 'C3 H7 N O3'     105.093 
THR 'L-peptide linking' y THREONINE       ? 'C4 H9 N O3'     119.119 
TRP 'L-peptide linking' y TRYPTOPHAN      ? 'C11 H12 N2 O2'  204.225 
TYR 'L-peptide linking' y TYROSINE        ? 'C9 H11 N O3'    181.189 
VAL 'L-peptide linking' y VALINE          ? 'C5 H11 N O2'    117.146 
# 
_exptl.entry_id          1O8P 
_exptl.method            'X-RAY DIFFRACTION' 
_exptl.crystals_number   1 
# 
_exptl_crystal.id                    1 
_exptl_crystal.density_meas          ? 
_exptl_crystal.density_Matthews      2.51 
_exptl_crystal.density_percent_sol   50.95 
_exptl_crystal.description           ? 
_exptl_crystal.preparation           ? 
# 
_exptl_crystal_grow.crystal_id      1 
_exptl_crystal_grow.method          ? 
_exptl_crystal_grow.temp            ? 
_exptl_crystal_grow.temp_details    ? 
_exptl_crystal_grow.pH              4.60 
_exptl_crystal_grow.pdbx_pH_range   ? 
_exptl_crystal_grow.pdbx_details    'pH 4.60' 
# 
_diffrn.id                     1 
_diffrn.ambient_temp           100.0 
_diffrn.ambient_temp_details   ? 
_diffrn.crystal_id             1 
# 
_diffrn_detector.diffrn_id              1 
_diffrn_detector.detector               'IMAGE PLATE' 
_diffrn_detector.type                   'MAR scanner 345 mm plate' 
_diffrn_detector.pdbx_collection_date   ? 
_diffrn_detector.details                ? 
# 
_diffrn_radiation.diffrn_id                        1 
_diffrn_radiation.wavelength_id                    1 
_diffrn_radiation.pdbx_monochromatic_or_laue_m_l   M 
_diffrn_radiation.monochromator                    ? 
_diffrn_radiation.pdbx_diffrn_protocol             'SINGLE WAVELENGTH' 
_diffrn_radiation.pdbx_scattering_type             x-ray 
# 
_diffrn_radiation_wavelength.id           1 
_diffrn_radiation_wavelength.wavelength   1.5418 
_diffrn_radiation_wavelength.wt           1.0 
# 
_diffrn_source.diffrn_id                   1 
_diffrn_source.source                      'ROTATING ANODE' 
_diffrn_source.type                        RIGAKU 
_diffrn_source.pdbx_synchrotron_site       ? 
_diffrn_source.pdbx_synchrotron_beamline   ? 
_diffrn_source.pdbx_wavelength             ? 
_diffrn_source.pdbx_wavelength_list        1.5418 
# 
_reflns.pdbx_diffrn_id               1 
_reflns.pdbx_ordinal                 1 
_reflns.entry_id                     1O8P 
_reflns.observed_criterion_sigma_I   ? 
_reflns.observed_criterion_sigma_F   ? 
_reflns.d_resolution_low             40.000 
_reflns.d_resolution_high            1.990 
_reflns.number_obs                   8498 
_reflns.number_all                   ? 
_reflns.percent_possible_obs         79.2 
_reflns.pdbx_Rmerge_I_obs            0.04600 
_reflns.pdbx_Rsym_value              ? 
_reflns.pdbx_netI_over_sigmaI        28.3000 
_reflns.B_iso_Wilson_estimate        ? 
_reflns.pdbx_redundancy              8.500 
_reflns.pdbx_CC_half                 ? 
_reflns.pdbx_Rpim_I_all              ? 
_reflns.pdbx_Rrim_I_all              ? 
# 
_reflns_shell.pdbx_diffrn_id         1 
_reflns_shell.pdbx_ordinal           1 
_reflns_shell.d_res_high             1.99 
_reflns_shell.d_res_low              2.06 
_reflns_shell.percent_possible_all   27.5 
_reflns_shell.Rmerge_I_obs           0.14100 
_reflns_shell.pdbx_Rsym_value        ? 
_reflns_shell.meanI_over_sigI_obs    6.600 
_reflns_shell.pdbx_redundancy        5.00 
_reflns_shell.number_measured_obs    ? 
_reflns_shell.number_unique_all      ? 
_reflns_shell.number_unique_obs      ? 
_reflns_shell.pdbx_CC_half           ? 
_reflns_shell.pdbx_Rpim_I_all        ? 
_reflns_shell.pdbx_Rrim_I_all        ? 
# 
_refine.pdbx_refine_id                           'X-RAY DIFFRACTION' 
_refine.entry_id                                 1O8P 
_refine.pdbx_diffrn_id                           1 
_refine.pdbx_TLS_residual_ADP_flag               ? 
_refine.ls_number_reflns_obs                     8088 
_refine.ls_number_reflns_all                     ? 
_refine.pdbx_ls_sigma_I                          ? 
_refine.pdbx_ls_sigma_F                          ? 
_refine.pdbx_data_cutoff_high_absF               ? 
_refine.pdbx_data_cutoff_low_absF                ? 
_refine.pdbx_data_cutoff_high_rms_absF           ? 
_refine.ls_d_res_low                             40.00 
_refine.ls_d_res_high                            2.00 
_refine.ls_percent_reflns_obs                    79.7 
_refine.ls_R_factor_obs                          0.163 
_refine.ls_R_factor_all                          ? 
_refine.ls_R_factor_R_work                       0.161 
_refine.ls_R_factor_R_free                       0.203 
_refine.ls_R_factor_R_free_error                 ? 
_refine.ls_R_factor_R_free_error_details         ? 
_refine.ls_percent_reflns_R_free                 4.700 
_refine.ls_number_reflns_R_free                  398 
_refine.ls_number_parameters                     ? 
_refine.ls_number_restraints                     ? 
_refine.occupancy_min                            ? 
_refine.occupancy_max                            ? 
_refine.correlation_coeff_Fo_to_Fc               0.958 
_refine.correlation_coeff_Fo_to_Fc_free          0.931 
_refine.B_iso_mean                               23.06 
_refine.aniso_B[1][1]                            0.99000 
_refine.aniso_B[2][2]                            0.99000 
_refine.aniso_B[3][3]                            -1.49000 
_refine.aniso_B[1][2]                            0.50000 
_refine.aniso_B[1][3]                            0.00000 
_refine.aniso_B[2][3]                            0.00000 
_refine.solvent_model_details                    'BABINET MODEL WITH MASK' 
_refine.solvent_model_param_ksol                 ? 
_refine.solvent_model_param_bsol                 ? 
_refine.pdbx_solvent_vdw_probe_radii             1.40 
_refine.pdbx_solvent_ion_probe_radii             0.80 
_refine.pdbx_solvent_shrinkage_radii             0.80 
_refine.pdbx_ls_cross_valid_method               THROUGHOUT 
_refine.details                                  ? 
_refine.pdbx_starting_model                      'PDB ENTRY 1GMM' 
_refine.pdbx_method_to_determine_struct          MAD 
_refine.pdbx_isotropic_thermal_model             ? 
_refine.pdbx_stereochemistry_target_values       'MAXIMUM LIKELIHOOD' 
_refine.pdbx_stereochem_target_val_spec_case     ? 
_refine.pdbx_R_Free_selection_details            RANDOM 
_refine.pdbx_overall_ESU_R                       0.190 
_refine.pdbx_overall_ESU_R_Free                  0.163 
_refine.overall_SU_ML                            0.100 
_refine.pdbx_overall_phase_error                 ? 
_refine.overall_SU_B                             3.854 
_refine.overall_SU_R_Cruickshank_DPI             ? 
_refine.pdbx_overall_SU_R_free_Cruickshank_DPI   ? 
_refine.pdbx_overall_SU_R_Blow_DPI               ? 
_refine.pdbx_overall_SU_R_free_Blow_DPI          ? 
# 
_refine_hist.pdbx_refine_id                   'X-RAY DIFFRACTION' 
_refine_hist.cycle_id                         LAST 
_refine_hist.pdbx_number_atoms_protein        966 
_refine_hist.pdbx_number_atoms_nucleic_acid   0 
_refine_hist.pdbx_number_atoms_ligand         1 
_refine_hist.number_atoms_solvent             122 
_refine_hist.number_atoms_total               1089 
_refine_hist.d_res_high                       2.00 
_refine_hist.d_res_low                        40.00 
# 
loop_
_refine_ls_restr.type 
_refine_ls_restr.dev_ideal 
_refine_ls_restr.dev_ideal_target 
_refine_ls_restr.weight 
_refine_ls_restr.number 
_refine_ls_restr.pdbx_refine_id 
_refine_ls_restr.pdbx_restraint_function 
r_bond_refined_d             0.018 0.021 ? 986  'X-RAY DIFFRACTION' ? 
r_bond_other_d               ?     ?     ? ?    'X-RAY DIFFRACTION' ? 
r_angle_refined_deg          1.580 1.934 ? 1344 'X-RAY DIFFRACTION' ? 
r_angle_other_deg            ?     ?     ? ?    'X-RAY DIFFRACTION' ? 
r_dihedral_angle_1_deg       6.802 5.000 ? 130  'X-RAY DIFFRACTION' ? 
r_dihedral_angle_2_deg       ?     ?     ? ?    'X-RAY DIFFRACTION' ? 
r_dihedral_angle_3_deg       ?     ?     ? ?    'X-RAY DIFFRACTION' ? 
r_dihedral_angle_4_deg       ?     ?     ? ?    'X-RAY DIFFRACTION' ? 
r_chiral_restr               0.111 0.200 ? 155  'X-RAY DIFFRACTION' ? 
r_gen_planes_refined         0.007 0.020 ? 755  'X-RAY DIFFRACTION' ? 
r_gen_planes_other           ?     ?     ? ?    'X-RAY DIFFRACTION' ? 
r_nbd_refined                0.214 0.200 ? 371  'X-RAY DIFFRACTION' ? 
r_nbd_other                  ?     ?     ? ?    'X-RAY DIFFRACTION' ? 
r_nbtor_refined              ?     ?     ? ?    'X-RAY DIFFRACTION' ? 
r_nbtor_other                ?     ?     ? ?    'X-RAY DIFFRACTION' ? 
r_xyhbond_nbd_refined        0.149 0.200 ? 75   'X-RAY DIFFRACTION' ? 
r_xyhbond_nbd_other          ?     ?     ? ?    'X-RAY DIFFRACTION' ? 
r_metal_ion_refined          0.045 0.200 ? 3    'X-RAY DIFFRACTION' ? 
r_metal_ion_other            ?     ?     ? ?    'X-RAY DIFFRACTION' ? 
r_symmetry_vdw_refined       0.231 0.200 ? 25   'X-RAY DIFFRACTION' ? 
r_symmetry_vdw_other         ?     ?     ? ?    'X-RAY DIFFRACTION' ? 
r_symmetry_hbond_refined     0.249 0.200 ? 12   'X-RAY DIFFRACTION' ? 
r_symmetry_hbond_other       ?     ?     ? ?    'X-RAY DIFFRACTION' ? 
r_symmetry_metal_ion_refined ?     ?     ? ?    'X-RAY DIFFRACTION' ? 
r_symmetry_metal_ion_other   ?     ?     ? ?    'X-RAY DIFFRACTION' ? 
r_mcbond_it                  0.817 1.500 ? 642  'X-RAY DIFFRACTION' ? 
r_mcbond_other               ?     ?     ? ?    'X-RAY DIFFRACTION' ? 
r_mcangle_it                 1.503 2.000 ? 1034 'X-RAY DIFFRACTION' ? 
r_mcangle_other              ?     ?     ? ?    'X-RAY DIFFRACTION' ? 
r_scbond_it                  2.613 3.000 ? 344  'X-RAY DIFFRACTION' ? 
r_scbond_other               ?     ?     ? ?    'X-RAY DIFFRACTION' ? 
r_scangle_it                 4.107 4.500 ? 310  'X-RAY DIFFRACTION' ? 
r_scangle_other              ?     ?     ? ?    'X-RAY DIFFRACTION' ? 
r_long_range_B_refined       ?     ?     ? ?    'X-RAY DIFFRACTION' ? 
r_long_range_B_other         ?     ?     ? ?    'X-RAY DIFFRACTION' ? 
r_rigid_bond_restr           ?     ?     ? ?    'X-RAY DIFFRACTION' ? 
r_sphericity_free            ?     ?     ? ?    'X-RAY DIFFRACTION' ? 
r_sphericity_bonded          ?     ?     ? ?    'X-RAY DIFFRACTION' ? 
# 
_refine_ls_shell.pdbx_refine_id                   'X-RAY DIFFRACTION' 
_refine_ls_shell.pdbx_total_number_of_bins_used   20 
_refine_ls_shell.d_res_high                       2.00 
_refine_ls_shell.d_res_low                        2.05 
_refine_ls_shell.number_reflns_R_work             208 
_refine_ls_shell.R_factor_R_work                  0.2140 
_refine_ls_shell.percent_reflns_obs               ? 
_refine_ls_shell.R_factor_R_free                  0.1810 
_refine_ls_shell.R_factor_R_free_error            ? 
_refine_ls_shell.percent_reflns_R_free            ? 
_refine_ls_shell.number_reflns_R_free             10 
_refine_ls_shell.number_reflns_all                ? 
_refine_ls_shell.R_factor_all                     ? 
_refine_ls_shell.R_factor_obs                     ? 
_refine_ls_shell.number_reflns_obs                ? 
# 
_struct.entry_id                  1O8P 
_struct.title                     'Unbound structure of CsCBM6-3 from Clostridium stercorarium' 
_struct.pdbx_model_details        ? 
_struct.pdbx_CASP_flag            ? 
_struct.pdbx_model_type_details   ? 
# 
_struct_keywords.entry_id        1O8P 
_struct_keywords.pdbx_keywords   HYDROLASE 
_struct_keywords.text            
'HYDROLASE, CARBOHYDRATE-BINDING MODULE, XYLAN, CELLULOSE, BETA- SANDWICH, GLYCOSIDASE, XYLAN DEGRADATION' 
# 
loop_
_struct_asym.id 
_struct_asym.pdbx_blank_PDB_chainid_flag 
_struct_asym.pdbx_modified 
_struct_asym.entity_id 
_struct_asym.details 
A N N 1 ? 
B N N 2 ? 
C N N 3 ? 
# 
loop_
_struct_conn.id 
_struct_conn.conn_type_id 
_struct_conn.pdbx_leaving_atom_flag 
_struct_conn.pdbx_PDB_id 
_struct_conn.ptnr1_label_asym_id 
_struct_conn.ptnr1_label_comp_id 
_struct_conn.ptnr1_label_seq_id 
_struct_conn.ptnr1_label_atom_id 
_struct_conn.pdbx_ptnr1_label_alt_id 
_struct_conn.pdbx_ptnr1_PDB_ins_code 
_struct_conn.pdbx_ptnr1_standard_comp_id 
_struct_conn.ptnr1_symmetry 
_struct_conn.ptnr2_label_asym_id 
_struct_conn.ptnr2_label_comp_id 
_struct_conn.ptnr2_label_seq_id 
_struct_conn.ptnr2_label_atom_id 
_struct_conn.pdbx_ptnr2_label_alt_id 
_struct_conn.pdbx_ptnr2_PDB_ins_code 
_struct_conn.ptnr1_auth_asym_id 
_struct_conn.ptnr1_auth_comp_id 
_struct_conn.ptnr1_auth_seq_id 
_struct_conn.ptnr2_auth_asym_id 
_struct_conn.ptnr2_auth_comp_id 
_struct_conn.ptnr2_auth_seq_id 
_struct_conn.ptnr2_symmetry 
_struct_conn.pdbx_ptnr3_label_atom_id 
_struct_conn.pdbx_ptnr3_label_seq_id 
_struct_conn.pdbx_ptnr3_label_comp_id 
_struct_conn.pdbx_ptnr3_label_asym_id 
_struct_conn.pdbx_ptnr3_label_alt_id 
_struct_conn.pdbx_ptnr3_PDB_ins_code 
_struct_conn.details 
_struct_conn.pdbx_dist_value 
_struct_conn.pdbx_value_order 
_struct_conn.pdbx_role 
metalc1 metalc ? ? A GLN 30  OE1 ? ? ? 1_555 B CA  . CA ? ? A GLN 30   A CA  1149 1_555 ? ? ? ? ? ? ? 2.406 ? ? 
metalc2 metalc ? ? A GLU 32  OE2 ? ? ? 1_555 B CA  . CA ? ? A GLU 32   A CA  1149 1_555 ? ? ? ? ? ? ? 2.884 ? ? 
metalc3 metalc ? ? A GLU 32  OE1 ? ? ? 1_555 B CA  . CA ? ? A GLU 32   A CA  1149 1_555 ? ? ? ? ? ? ? 2.584 ? ? 
metalc4 metalc ? ? A SER 52  O   ? ? ? 1_555 B CA  . CA ? ? A SER 52   A CA  1149 1_555 ? ? ? ? ? ? ? 2.349 ? ? 
metalc5 metalc ? ? A ASP 142 O   ? ? ? 1_555 B CA  . CA ? ? A ASP 142  A CA  1149 1_555 ? ? ? ? ? ? ? 2.513 ? ? 
metalc6 metalc ? ? A ASP 142 OD1 ? ? ? 1_555 B CA  . CA ? ? A ASP 142  A CA  1149 1_555 ? ? ? ? ? ? ? 2.390 ? ? 
metalc7 metalc ? ? B CA  .   CA  ? ? ? 1_555 C HOH . O  ? ? A CA  1149 A HOH 2020 1_555 ? ? ? ? ? ? ? 2.456 ? ? 
# 
_struct_conn_type.id          metalc 
_struct_conn_type.criteria    ? 
_struct_conn_type.reference   ? 
# 
loop_
_struct_sheet.id 
_struct_sheet.type 
_struct_sheet.number_strands 
_struct_sheet.details 
AA ? 3 ? 
AB ? 5 ? 
AC ? 4 ? 
AD ? 2 ? 
# 
loop_
_struct_sheet_order.sheet_id 
_struct_sheet_order.range_id_1 
_struct_sheet_order.range_id_2 
_struct_sheet_order.offset 
_struct_sheet_order.sense 
AA 1 2 ? parallel      
AA 2 3 ? anti-parallel 
AB 1 2 ? parallel      
AB 2 3 ? anti-parallel 
AB 3 4 ? anti-parallel 
AB 4 5 ? anti-parallel 
AC 1 2 ? anti-parallel 
AC 2 3 ? anti-parallel 
AC 3 4 ? anti-parallel 
AD 1 2 ? anti-parallel 
# 
loop_
_struct_sheet_range.sheet_id 
_struct_sheet_range.id 
_struct_sheet_range.beg_label_comp_id 
_struct_sheet_range.beg_label_asym_id 
_struct_sheet_range.beg_label_seq_id 
_struct_sheet_range.pdbx_beg_PDB_ins_code 
_struct_sheet_range.end_label_comp_id 
_struct_sheet_range.end_label_asym_id 
_struct_sheet_range.end_label_seq_id 
_struct_sheet_range.pdbx_end_PDB_ins_code 
_struct_sheet_range.beg_auth_comp_id 
_struct_sheet_range.beg_auth_asym_id 
_struct_sheet_range.beg_auth_seq_id 
_struct_sheet_range.end_auth_comp_id 
_struct_sheet_range.end_auth_asym_id 
_struct_sheet_range.end_auth_seq_id 
AA 1 ARG A 23  ? SER A 24  ? ARG A 23  SER A 24  
AA 2 SER A 62  ? ASP A 69  ? SER A 62  ASP A 69  
AA 3 SER A 36  ? TYR A 38  ? SER A 36  TYR A 38  
AB 1 ARG A 23  ? SER A 24  ? ARG A 23  SER A 24  
AB 2 SER A 62  ? ASP A 69  ? SER A 62  ASP A 69  
AB 3 VAL A 128 ? PHE A 135 ? VAL A 128 PHE A 135 
AB 4 THR A 87  ? LEU A 93  ? THR A 87  LEU A 93  
AB 5 LEU A 100 ? VAL A 106 ? LEU A 100 VAL A 106 
AC 1 ILE A 29  ? GLN A 30  ? ILE A 29  GLN A 30  
AC 2 ASN A 140 ? SER A 147 ? ASN A 140 SER A 147 
AC 3 ALA A 74  ? ALA A 82  ? ALA A 74  ALA A 82  
AC 4 ARG A 116 ? THR A 125 ? ARG A 116 THR A 125 
AD 1 GLN A 43  ? SER A 46  ? GLN A 43  SER A 46  
AD 2 SER A 52  ? GLY A 55  ? SER A 52  GLY A 55  
# 
loop_
_pdbx_struct_sheet_hbond.sheet_id 
_pdbx_struct_sheet_hbond.range_id_1 
_pdbx_struct_sheet_hbond.range_id_2 
_pdbx_struct_sheet_hbond.range_1_label_atom_id 
_pdbx_struct_sheet_hbond.range_1_label_comp_id 
_pdbx_struct_sheet_hbond.range_1_label_asym_id 
_pdbx_struct_sheet_hbond.range_1_label_seq_id 
_pdbx_struct_sheet_hbond.range_1_PDB_ins_code 
_pdbx_struct_sheet_hbond.range_1_auth_atom_id 
_pdbx_struct_sheet_hbond.range_1_auth_comp_id 
_pdbx_struct_sheet_hbond.range_1_auth_asym_id 
_pdbx_struct_sheet_hbond.range_1_auth_seq_id 
_pdbx_struct_sheet_hbond.range_2_label_atom_id 
_pdbx_struct_sheet_hbond.range_2_label_comp_id 
_pdbx_struct_sheet_hbond.range_2_label_asym_id 
_pdbx_struct_sheet_hbond.range_2_label_seq_id 
_pdbx_struct_sheet_hbond.range_2_PDB_ins_code 
_pdbx_struct_sheet_hbond.range_2_auth_atom_id 
_pdbx_struct_sheet_hbond.range_2_auth_comp_id 
_pdbx_struct_sheet_hbond.range_2_auth_asym_id 
_pdbx_struct_sheet_hbond.range_2_auth_seq_id 
AA 1 2 N ARG A 23  ? N ARG A 23  O ASN A 67  ? O ASN A 67  
AA 2 3 N THR A 64  ? N THR A 64  O SER A 36  ? O SER A 36  
AB 1 2 N ARG A 23  ? N ARG A 23  O ASN A 67  ? O ASN A 67  
AB 2 3 N ILE A 68  ? N ILE A 68  O LYS A 129 ? O LYS A 129 
AB 3 4 N VAL A 134 ? N VAL A 134 O GLN A 90  ? O GLN A 90  
AB 4 5 O VAL A 91  ? O VAL A 91  N LEU A 101 ? N LEU A 101 
AC 1 2 N ILE A 29  ? N ILE A 29  O PHE A 144 ? O PHE A 144 
AC 2 3 O SER A 147 ? O SER A 147 N THR A 75  ? N THR A 75  
AC 3 4 N VAL A 81  ? N VAL A 81  O ARG A 116 ? O ARG A 116 
AD 1 2 N PHE A 45  ? N PHE A 45  O ALA A 53  ? O ALA A 53  
# 
_struct_site.id                   AC1 
_struct_site.pdbx_evidence_code   Software 
_struct_site.pdbx_auth_asym_id    ? 
_struct_site.pdbx_auth_comp_id    ? 
_struct_site.pdbx_auth_seq_id     ? 
_struct_site.pdbx_auth_ins_code   ? 
_struct_site.pdbx_num_residues    5 
_struct_site.details              'BINDING SITE FOR RESIDUE CA A1149' 
# 
loop_
_struct_site_gen.id 
_struct_site_gen.site_id 
_struct_site_gen.pdbx_num_res 
_struct_site_gen.label_comp_id 
_struct_site_gen.label_asym_id 
_struct_site_gen.label_seq_id 
_struct_site_gen.pdbx_auth_ins_code 
_struct_site_gen.auth_comp_id 
_struct_site_gen.auth_asym_id 
_struct_site_gen.auth_seq_id 
_struct_site_gen.label_atom_id 
_struct_site_gen.label_alt_id 
_struct_site_gen.symmetry 
_struct_site_gen.details 
1 AC1 5 GLN A 30  ? GLN A 30   . ? 1_555 ? 
2 AC1 5 GLU A 32  ? GLU A 32   . ? 1_555 ? 
3 AC1 5 SER A 52  ? SER A 52   . ? 1_555 ? 
4 AC1 5 ASP A 142 ? ASP A 142  . ? 1_555 ? 
5 AC1 5 HOH C .   ? HOH A 2020 . ? 1_555 ? 
# 
_atom_sites.entry_id                    1O8P 
_atom_sites.fract_transf_matrix[1][1]   0.00042496 
_atom_sites.fract_transf_matrix[1][2]   -0.00779165 
_atom_sites.fract_transf_matrix[1][3]   -0.00872502 
_atom_sites.fract_transf_matrix[2][1]   -0.00358758 
_atom_sites.fract_transf_matrix[2][2]   0.00302105 
_atom_sites.fract_transf_matrix[2][3]   -0.01072534 
_atom_sites.fract_transf_matrix[3][1]   0.03343836 
_atom_sites.fract_transf_matrix[3][2]   0.01090802 
_atom_sites.fract_transf_matrix[3][3]   -0.00811247 
_atom_sites.fract_transf_vector[1]      0.748549 
_atom_sites.fract_transf_vector[2]      0.540999 
_atom_sites.fract_transf_vector[3]      -0.013788 
# 
loop_
_atom_type.symbol 
C  
CA 
N  
O  
# 
loop_
_atom_site.group_PDB 
_atom_site.id 
_atom_site.type_symbol 
_atom_site.label_atom_id 
_atom_site.label_alt_id 
_atom_site.label_comp_id 
_atom_site.label_asym_id 
_atom_site.label_entity_id 
_atom_site.label_seq_id 
_atom_site.pdbx_PDB_ins_code 
_atom_site.Cartn_x 
_atom_site.Cartn_y 
_atom_site.Cartn_z 
_atom_site.occupancy 
_atom_site.B_iso_or_equiv 
_atom_site.pdbx_formal_charge 
_atom_site.auth_seq_id 
_atom_site.auth_comp_id 
_atom_site.auth_asym_id 
_atom_site.auth_atom_id 
_atom_site.pdbx_PDB_model_num 
ATOM   1    N  N   . PRO A 1 18  ? -8.625  -17.210 -1.918  1.00 27.82 ? 18   PRO A N   1 
ATOM   2    C  CA  . PRO A 1 18  ? -7.960  -17.097 -0.591  1.00 28.19 ? 18   PRO A CA  1 
ATOM   3    C  C   . PRO A 1 18  ? -8.763  -17.799 0.512   1.00 28.66 ? 18   PRO A C   1 
ATOM   4    O  O   . PRO A 1 18  ? -9.969  -18.020 0.395   1.00 28.99 ? 18   PRO A O   1 
ATOM   5    C  CB  . PRO A 1 18  ? -7.962  -15.588 -0.335  1.00 26.95 ? 18   PRO A CB  1 
ATOM   6    C  CG  . PRO A 1 18  ? -9.230  -15.153 -0.949  1.00 27.34 ? 18   PRO A CG  1 
ATOM   7    C  CD  . PRO A 1 18  ? -9.271  -15.926 -2.264  1.00 27.74 ? 18   PRO A CD  1 
ATOM   8    N  N   . VAL A 1 19  ? -8.058  -18.140 1.578   1.00 28.90 ? 19   VAL A N   1 
ATOM   9    C  CA  . VAL A 1 19  ? -8.613  -18.790 2.756   1.00 29.46 ? 19   VAL A CA  1 
ATOM   10   C  C   . VAL A 1 19  ? -9.803  -17.953 3.320   1.00 28.66 ? 19   VAL A C   1 
ATOM   11   O  O   . VAL A 1 19  ? -9.843  -16.728 3.159   1.00 28.77 ? 19   VAL A O   1 
ATOM   12   C  CB  . VAL A 1 19  ? -7.427  -19.094 3.709   1.00 29.28 ? 19   VAL A CB  1 
ATOM   13   C  CG1 . VAL A 1 19  ? -7.795  -19.112 5.139   1.00 33.20 ? 19   VAL A CG1 1 
ATOM   14   C  CG2 . VAL A 1 19  ? -6.801  -20.450 3.283   1.00 31.15 ? 19   VAL A CG2 1 
ATOM   15   N  N   . GLY A 1 20  ? -10.827 -18.632 3.856   1.00 27.95 ? 20   GLY A N   1 
ATOM   16   C  CA  . GLY A 1 20  ? -11.932 -17.991 4.573   1.00 24.89 ? 20   GLY A CA  1 
ATOM   17   C  C   . GLY A 1 20  ? -11.574 -16.918 5.575   1.00 23.31 ? 20   GLY A C   1 
ATOM   18   O  O   . GLY A 1 20  ? -10.759 -17.131 6.451   1.00 23.92 ? 20   GLY A O   1 
ATOM   19   N  N   . GLY A 1 21  ? -12.180 -15.743 5.443   1.00 22.25 ? 21   GLY A N   1 
ATOM   20   C  CA  . GLY A 1 21  ? -11.925 -14.633 6.360   1.00 20.02 ? 21   GLY A CA  1 
ATOM   21   C  C   . GLY A 1 21  ? -10.757 -13.771 5.915   1.00 19.71 ? 21   GLY A C   1 
ATOM   22   O  O   . GLY A 1 21  ? -10.206 -12.993 6.670   1.00 18.32 ? 21   GLY A O   1 
ATOM   23   N  N   . THR A 1 22  ? -10.377 -13.946 4.662   1.00 20.49 ? 22   THR A N   1 
ATOM   24   C  CA  . THR A 1 22  ? -9.133  -13.389 4.139   1.00 22.14 ? 22   THR A CA  1 
ATOM   25   C  C   . THR A 1 22  ? -9.299  -12.764 2.753   1.00 21.85 ? 22   THR A C   1 
ATOM   26   O  O   . THR A 1 22  ? -10.251 -13.070 2.053   1.00 22.81 ? 22   THR A O   1 
ATOM   27   C  CB  . THR A 1 22  ? -8.155  -14.560 4.193   1.00 21.84 ? 22   THR A CB  1 
ATOM   28   O  OG1 . THR A 1 22  ? -7.197  -14.308 5.216   1.00 26.10 ? 22   THR A OG1 1 
ATOM   29   C  CG2 . THR A 1 22  ? -7.489  -14.798 2.965   1.00 17.24 ? 22   THR A CG2 1 
ATOM   30   N  N   . ARG A 1 23  ? -8.387  -11.854 2.409   1.00 22.09 ? 23   ARG A N   1 
ATOM   31   C  CA  . ARG A 1 23  ? -8.271  -11.207 1.131   1.00 22.42 ? 23   ARG A CA  1 
ATOM   32   C  C   . ARG A 1 23  ? -6.997  -11.719 0.501   1.00 22.35 ? 23   ARG A C   1 
ATOM   33   O  O   . ARG A 1 23  ? -5.956  -11.847 1.197   1.00 21.11 ? 23   ARG A O   1 
ATOM   34   C  CB  . ARG A 1 23  ? -8.083  -9.697  1.310   1.00 22.75 ? 23   ARG A CB  1 
ATOM   35   C  CG  . ARG A 1 23  ? -9.304  -8.967  1.781   1.00 26.08 ? 23   ARG A CG  1 
ATOM   36   C  CD  . ARG A 1 23  ? -9.122  -7.486  1.866   1.00 27.00 ? 23   ARG A CD  1 
ATOM   37   N  NE  . ARG A 1 23  ? -8.566  -7.076  3.153   1.00 24.89 ? 23   ARG A NE  1 
ATOM   38   C  CZ  . ARG A 1 23  ? -8.340  -5.813  3.499   1.00 24.63 ? 23   ARG A CZ  1 
ATOM   39   N  NH1 . ARG A 1 23  ? -8.603  -4.801  2.659   1.00 23.14 ? 23   ARG A NH1 1 
ATOM   40   N  NH2 . ARG A 1 23  ? -7.835  -5.560  4.691   1.00 24.50 ? 23   ARG A NH2 1 
ATOM   41   N  N   . SER A 1 24  ? -7.058  -11.977 -0.808  1.00 20.50 ? 24   SER A N   1 
ATOM   42   C  CA  . SER A 1 24  ? -5.875  -12.424 -1.526  1.00 20.23 ? 24   SER A CA  1 
ATOM   43   C  C   . SER A 1 24  ? -4.797  -11.322 -1.617  1.00 20.12 ? 24   SER A C   1 
ATOM   44   O  O   . SER A 1 24  ? -5.126  -10.132 -1.784  1.00 19.84 ? 24   SER A O   1 
ATOM   45   C  CB  . SER A 1 24  ? -6.252  -12.846 -2.941  1.00 19.67 ? 24   SER A CB  1 
ATOM   46   O  OG  . SER A 1 24  ? -5.117  -13.459 -3.544  1.00 20.13 ? 24   SER A OG  1 
ATOM   47   N  N   . ALA A 1 25  ? -3.528  -11.729 -1.535  1.00 19.61 ? 25   ALA A N   1 
ATOM   48   C  CA  . ALA A 1 25  ? -2.370  -10.836 -1.764  1.00 19.36 ? 25   ALA A CA  1 
ATOM   49   C  C   . ALA A 1 25  ? -2.222  -10.525 -3.252  1.00 19.43 ? 25   ALA A C   1 
ATOM   50   O  O   . ALA A 1 25  ? -1.621  -9.532  -3.620  1.00 17.79 ? 25   ALA A O   1 
ATOM   51   C  CB  . ALA A 1 25  ? -1.046  -11.520 -1.260  1.00 18.15 ? 25   ALA A CB  1 
ATOM   52   N  N   . PHE A 1 26  ? -2.737  -11.443 -4.084  1.00 19.41 ? 26   PHE A N   1 
ATOM   53   C  CA  . PHE A 1 26  ? -2.542  -11.475 -5.534  1.00 19.99 ? 26   PHE A CA  1 
ATOM   54   C  C   . PHE A 1 26  ? -3.644  -10.841 -6.391  1.00 20.10 ? 26   PHE A C   1 
ATOM   55   O  O   . PHE A 1 26  ? -3.505  -10.836 -7.581  1.00 20.72 ? 26   PHE A O   1 
ATOM   56   C  CB  . PHE A 1 26  ? -2.218  -12.898 -5.994  1.00 18.67 ? 26   PHE A CB  1 
ATOM   57   C  CG  . PHE A 1 26  ? -1.168  -13.545 -5.163  1.00 21.45 ? 26   PHE A CG  1 
ATOM   58   C  CD1 . PHE A 1 26  ? 0.183   -13.264 -5.387  1.00 20.19 ? 26   PHE A CD1 1 
ATOM   59   C  CD2 . PHE A 1 26  ? -1.527  -14.416 -4.107  1.00 20.21 ? 26   PHE A CD2 1 
ATOM   60   C  CE1 . PHE A 1 26  ? 1.163   -13.852 -4.604  1.00 21.48 ? 26   PHE A CE1 1 
ATOM   61   C  CE2 . PHE A 1 26  ? -0.568  -14.990 -3.311  1.00 19.98 ? 26   PHE A CE2 1 
ATOM   62   C  CZ  . PHE A 1 26  ? 0.787   -14.726 -3.555  1.00 22.84 ? 26   PHE A CZ  1 
ATOM   63   N  N   . SER A 1 27  ? -4.713  -10.323 -5.783  1.00 20.70 ? 27   SER A N   1 
ATOM   64   C  CA  . SER A 1 27  ? -5.673  -9.389  -6.414  1.00 21.52 ? 27   SER A CA  1 
ATOM   65   C  C   . SER A 1 27  ? -5.500  -8.034  -5.762  1.00 20.85 ? 27   SER A C   1 
ATOM   66   O  O   . SER A 1 27  ? -5.219  -7.983  -4.561  1.00 20.36 ? 27   SER A O   1 
ATOM   67   C  CB  . SER A 1 27  ? -7.143  -9.776  -6.142  1.00 21.64 ? 27   SER A CB  1 
ATOM   68   O  OG  . SER A 1 27  ? -7.378  -11.146 -6.282  1.00 26.88 ? 27   SER A OG  1 
ATOM   69   N  N   . ASN A 1 28  ? -5.713  -6.954  -6.523  1.00 21.09 ? 28   ASN A N   1 
ATOM   70   C  CA  . ASN A 1 28  ? -5.582  -5.591  -6.005  1.00 21.15 ? 28   ASN A CA  1 
ATOM   71   C  C   . ASN A 1 28  ? -6.218  -5.393  -4.648  1.00 21.51 ? 28   ASN A C   1 
ATOM   72   O  O   . ASN A 1 28  ? -7.405  -5.701  -4.427  1.00 21.96 ? 28   ASN A O   1 
ATOM   73   C  CB  . ASN A 1 28  ? -6.150  -4.564  -6.973  1.00 20.71 ? 28   ASN A CB  1 
ATOM   74   C  CG  . ASN A 1 28  ? -5.432  -4.578  -8.293  1.00 21.24 ? 28   ASN A CG  1 
ATOM   75   O  OD1 . ASN A 1 28  ? -4.415  -5.235  -8.444  1.00 24.70 ? 28   ASN A OD1 1 
ATOM   76   N  ND2 . ASN A 1 28  ? -5.972  -3.904  -9.256  1.00 17.03 ? 28   ASN A ND2 1 
ATOM   77   N  N   . ILE A 1 29  ? -5.412  -4.919  -3.714  1.00 20.85 ? 29   ILE A N   1 
ATOM   78   C  CA  . ILE A 1 29  ? -5.959  -4.462  -2.440  1.00 20.34 ? 29   ILE A CA  1 
ATOM   79   C  C   . ILE A 1 29  ? -6.210  -2.983  -2.555  1.00 20.12 ? 29   ILE A C   1 
ATOM   80   O  O   . ILE A 1 29  ? -5.261  -2.207  -2.747  1.00 19.55 ? 29   ILE A O   1 
ATOM   81   C  CB  . ILE A 1 29  ? -5.001  -4.790  -1.257  1.00 19.97 ? 29   ILE A CB  1 
ATOM   82   C  CG1 . ILE A 1 29  ? -4.638  -6.281  -1.250  1.00 18.84 ? 29   ILE A CG1 1 
ATOM   83   C  CG2 . ILE A 1 29  ? -5.668  -4.375  0.081   1.00 19.99 ? 29   ILE A CG2 1 
ATOM   84   C  CD1 . ILE A 1 29  ? -3.284  -6.596  -0.662  1.00 17.44 ? 29   ILE A CD1 1 
ATOM   85   N  N   . GLN A 1 30  ? -7.480  -2.586  -2.422  1.00 19.89 ? 30   GLN A N   1 
ATOM   86   C  CA  . GLN A 1 30  ? -7.839  -1.187  -2.588  1.00 19.48 ? 30   GLN A CA  1 
ATOM   87   C  C   . GLN A 1 30  ? -7.299  -0.495  -1.359  1.00 19.59 ? 30   GLN A C   1 
ATOM   88   O  O   . GLN A 1 30  ? -7.583  -0.916  -0.247  1.00 20.09 ? 30   GLN A O   1 
ATOM   89   C  CB  . GLN A 1 30  ? -9.364  -0.998  -2.786  1.00 19.56 ? 30   GLN A CB  1 
ATOM   90   C  CG  . GLN A 1 30  ? -9.921  -1.653  -4.071  1.00 17.80 ? 30   GLN A CG  1 
ATOM   91   C  CD  . GLN A 1 30  ? -9.223  -1.139  -5.345  1.00 19.00 ? 30   GLN A CD  1 
ATOM   92   O  OE1 . GLN A 1 30  ? -8.782  0.026   -5.399  1.00 16.66 ? 30   GLN A OE1 1 
ATOM   93   N  NE2 . GLN A 1 30  ? -9.102  -1.996  -6.357  1.00 17.32 ? 30   GLN A NE2 1 
ATOM   94   N  N   . ALA A 1 31  ? -6.492  0.544   -1.551  1.00 18.33 ? 31   ALA A N   1 
ATOM   95   C  CA  . ALA A 1 31  ? -5.790  1.157   -0.438  1.00 17.60 ? 31   ALA A CA  1 
ATOM   96   C  C   . ALA A 1 31  ? -6.772  1.841   0.531   1.00 17.64 ? 31   ALA A C   1 
ATOM   97   O  O   . ALA A 1 31  ? -6.476  1.999   1.742   1.00 17.22 ? 31   ALA A O   1 
ATOM   98   C  CB  . ALA A 1 31  ? -4.742  2.135   -0.959  1.00 17.66 ? 31   ALA A CB  1 
ATOM   99   N  N   . GLU A 1 32  ? -7.920  2.272   0.004   1.00 17.43 ? 32   GLU A N   1 
ATOM   100  C  CA  . GLU A 1 32  ? -8.984  2.801   0.862   1.00 18.38 ? 32   GLU A CA  1 
ATOM   101  C  C   . GLU A 1 32  ? -9.643  1.705   1.750   1.00 18.92 ? 32   GLU A C   1 
ATOM   102  O  O   . GLU A 1 32  ? -10.397 2.026   2.652   1.00 18.76 ? 32   GLU A O   1 
ATOM   103  C  CB  . GLU A 1 32  ? -10.053 3.579   0.048   1.00 18.86 ? 32   GLU A CB  1 
ATOM   104  C  CG  . GLU A 1 32  ? -10.936 2.745   -0.875  1.00 18.72 ? 32   GLU A CG  1 
ATOM   105  C  CD  . GLU A 1 32  ? -10.287 2.465   -2.218  1.00 19.97 ? 32   GLU A CD  1 
ATOM   106  O  OE1 . GLU A 1 32  ? -9.038  2.500   -2.322  1.00 22.45 ? 32   GLU A OE1 1 
ATOM   107  O  OE2 . GLU A 1 32  ? -11.016 2.179   -3.187  1.00 21.18 ? 32   GLU A OE2 1 
ATOM   108  N  N   . ASP A 1 33  ? -9.345  0.428   1.509   1.00 19.37 ? 33   ASP A N   1 
ATOM   109  C  CA  . ASP A 1 33  ? -9.958  -0.628  2.340   1.00 20.17 ? 33   ASP A CA  1 
ATOM   110  C  C   . ASP A 1 33  ? -9.050  -1.025  3.515   1.00 19.47 ? 33   ASP A C   1 
ATOM   111  O  O   . ASP A 1 33  ? -8.775  -2.205  3.720   1.00 19.85 ? 33   ASP A O   1 
ATOM   112  C  CB  . ASP A 1 33  ? -10.276 -1.863  1.506   1.00 19.81 ? 33   ASP A CB  1 
ATOM   113  C  CG  . ASP A 1 33  ? -11.352 -1.624  0.456   1.00 21.80 ? 33   ASP A CG  1 
ATOM   114  O  OD1 . ASP A 1 33  ? -12.141 -0.665  0.524   1.00 24.24 ? 33   ASP A OD1 1 
ATOM   115  O  OD2 . ASP A 1 33  ? -11.494 -2.407  -0.499  1.00 25.07 ? 33   ASP A OD2 1 
ATOM   116  N  N   . TYR A 1 34  ? -8.565  -0.036  4.255   1.00 19.59 ? 34   TYR A N   1 
ATOM   117  C  CA  . TYR A 1 34  ? -7.745  -0.290  5.415   1.00 20.41 ? 34   TYR A CA  1 
ATOM   118  C  C   . TYR A 1 34  ? -8.625  -0.579  6.643   1.00 21.36 ? 34   TYR A C   1 
ATOM   119  O  O   . TYR A 1 34  ? -9.758  -0.078  6.756   1.00 22.11 ? 34   TYR A O   1 
ATOM   120  C  CB  . TYR A 1 34  ? -6.785  0.884   5.676   1.00 20.24 ? 34   TYR A CB  1 
ATOM   121  C  CG  . TYR A 1 34  ? -7.475  2.225   5.807   1.00 20.27 ? 34   TYR A CG  1 
ATOM   122  C  CD1 . TYR A 1 34  ? -8.035  2.624   7.015   1.00 19.14 ? 34   TYR A CD1 1 
ATOM   123  C  CD2 . TYR A 1 34  ? -7.560  3.093   4.723   1.00 20.39 ? 34   TYR A CD2 1 
ATOM   124  C  CE1 . TYR A 1 34  ? -8.661  3.854   7.141   1.00 19.02 ? 34   TYR A CE1 1 
ATOM   125  C  CE2 . TYR A 1 34  ? -8.192  4.337   4.828   1.00 19.59 ? 34   TYR A CE2 1 
ATOM   126  C  CZ  . TYR A 1 34  ? -8.733  4.712   6.041   1.00 22.72 ? 34   TYR A CZ  1 
ATOM   127  O  OH  . TYR A 1 34  ? -9.365  5.940   6.152   1.00 22.38 ? 34   TYR A OH  1 
ATOM   128  N  N   . ASP A 1 35  ? -8.104  -1.405  7.545   1.00 21.52 ? 35   ASP A N   1 
ATOM   129  C  CA  . ASP A 1 35  ? -8.834  -1.788  8.744   1.00 21.31 ? 35   ASP A CA  1 
ATOM   130  C  C   . ASP A 1 35  ? -8.503  -0.842  9.866   1.00 22.39 ? 35   ASP A C   1 
ATOM   131  O  O   . ASP A 1 35  ? -9.247  -0.723  10.801  1.00 21.65 ? 35   ASP A O   1 
ATOM   132  C  CB  . ASP A 1 35  ? -8.448  -3.197  9.126   1.00 20.35 ? 35   ASP A CB  1 
ATOM   133  C  CG  . ASP A 1 35  ? -8.802  -4.177  8.052   1.00 21.50 ? 35   ASP A CG  1 
ATOM   134  O  OD1 . ASP A 1 35  ? -9.997  -4.498  7.964   1.00 22.24 ? 35   ASP A OD1 1 
ATOM   135  O  OD2 . ASP A 1 35  ? -7.983  -4.645  7.220   1.00 17.82 ? 35   ASP A OD2 1 
ATOM   136  N  N   . SER A 1 36  ? -7.382  -0.140  9.729   1.00 23.13 ? 36   SER A N   1 
ATOM   137  C  CA  . SER A 1 36  ? -6.828  0.701   10.772  1.00 25.29 ? 36   SER A CA  1 
ATOM   138  C  C   . SER A 1 36  ? -5.874  1.732   10.118  1.00 25.31 ? 36   SER A C   1 
ATOM   139  O  O   . SER A 1 36  ? -5.357  1.508   9.025   1.00 25.36 ? 36   SER A O   1 
ATOM   140  C  CB  . SER A 1 36  ? -6.054  -0.204  11.720  1.00 25.48 ? 36   SER A CB  1 
ATOM   141  O  OG  . SER A 1 36  ? -5.239  0.564   12.560  1.00 32.66 ? 36   SER A OG  1 
ATOM   142  N  N   . SER A 1 37  ? -5.684  2.884   10.735  1.00 25.76 ? 37   SER A N   1 
ATOM   143  C  CA  . SER A 1 37  ? -4.777  3.885   10.147  1.00 26.21 ? 37   SER A CA  1 
ATOM   144  C  C   . SER A 1 37  ? -4.232  4.827   11.210  1.00 26.97 ? 37   SER A C   1 
ATOM   145  O  O   . SER A 1 37  ? -4.843  4.975   12.291  1.00 27.52 ? 37   SER A O   1 
ATOM   146  C  CB  . SER A 1 37  ? -5.430  4.664   9.019   1.00 25.50 ? 37   SER A CB  1 
ATOM   147  O  OG  . SER A 1 37  ? -6.401  5.555   9.511   1.00 26.40 ? 37   SER A OG  1 
ATOM   148  N  N   . TYR A 1 38  ? -3.047  5.381   10.943  1.00 26.24 ? 38   TYR A N   1 
ATOM   149  C  CA  . TYR A 1 38  ? -2.543  6.484   11.708  1.00 25.38 ? 38   TYR A CA  1 
ATOM   150  C  C   . TYR A 1 38  ? -2.400  7.699   10.812  1.00 25.20 ? 38   TYR A C   1 
ATOM   151  O  O   . TYR A 1 38  ? -1.718  7.657   9.824   1.00 24.05 ? 38   TYR A O   1 
ATOM   152  C  CB  . TYR A 1 38  ? -1.178  6.175   12.368  1.00 26.31 ? 38   TYR A CB  1 
ATOM   153  C  CG  . TYR A 1 38  ? -0.617  7.469   12.940  1.00 28.00 ? 38   TYR A CG  1 
ATOM   154  C  CD1 . TYR A 1 38  ? -1.062  7.943   14.181  1.00 30.07 ? 38   TYR A CD1 1 
ATOM   155  C  CD2 . TYR A 1 38  ? 0.258   8.292   12.189  1.00 26.91 ? 38   TYR A CD2 1 
ATOM   156  C  CE1 . TYR A 1 38  ? -0.598  9.152   14.673  1.00 33.43 ? 38   TYR A CE1 1 
ATOM   157  C  CE2 . TYR A 1 38  ? 0.717   9.502   12.678  1.00 27.02 ? 38   TYR A CE2 1 
ATOM   158  C  CZ  . TYR A 1 38  ? 0.297   9.910   13.925  1.00 30.26 ? 38   TYR A CZ  1 
ATOM   159  O  OH  . TYR A 1 38  ? 0.697   11.091  14.437  1.00 34.38 ? 38   TYR A OH  1 
ATOM   160  N  N   . GLY A 1 39  ? -3.008  8.810   11.176  1.00 25.61 ? 39   GLY A N   1 
ATOM   161  C  CA  . GLY A 1 39  ? -2.733  10.047  10.485  1.00 26.80 ? 39   GLY A CA  1 
ATOM   162  C  C   . GLY A 1 39  ? -3.995  10.862  10.425  1.00 28.77 ? 39   GLY A C   1 
ATOM   163  O  O   . GLY A 1 39  ? -4.919  10.529  9.658   1.00 27.49 ? 39   GLY A O   1 
ATOM   164  N  N   . PRO A 1 40  ? -4.024  11.913  11.252  1.00 30.39 ? 40   PRO A N   1 
ATOM   165  C  CA  . PRO A 1 40  ? -5.228  12.730  11.499  1.00 30.72 ? 40   PRO A CA  1 
ATOM   166  C  C   . PRO A 1 40  ? -5.919  13.205  10.237  1.00 31.40 ? 40   PRO A C   1 
ATOM   167  O  O   . PRO A 1 40  ? -7.157  13.210  10.224  1.00 31.41 ? 40   PRO A O   1 
ATOM   168  C  CB  . PRO A 1 40  ? -4.695  13.953  12.282  1.00 31.40 ? 40   PRO A CB  1 
ATOM   169  C  CG  . PRO A 1 40  ? -3.158  13.892  12.143  1.00 33.20 ? 40   PRO A CG  1 
ATOM   170  C  CD  . PRO A 1 40  ? -2.871  12.368  12.054  1.00 30.64 ? 40   PRO A CD  1 
ATOM   171  N  N   . ASN A 1 41  ? -5.138  13.556  9.204   1.00 31.30 ? 41   ASN A N   1 
ATOM   172  C  CA  . ASN A 1 41  ? -5.650  14.150  7.970   1.00 30.54 ? 41   ASN A CA  1 
ATOM   173  C  C   . ASN A 1 41  ? -6.060  13.174  6.885   1.00 29.72 ? 41   ASN A C   1 
ATOM   174  O  O   . ASN A 1 41  ? -6.648  13.596  5.895   1.00 29.48 ? 41   ASN A O   1 
ATOM   175  C  CB  . ASN A 1 41  ? -4.595  15.066  7.356   1.00 31.37 ? 41   ASN A CB  1 
ATOM   176  C  CG  . ASN A 1 41  ? -4.313  16.307  8.208   1.00 34.10 ? 41   ASN A CG  1 
ATOM   177  O  OD1 . ASN A 1 41  ? -4.985  16.549  9.207   1.00 36.34 ? 41   ASN A OD1 1 
ATOM   178  N  ND2 . ASN A 1 41  ? -3.326  17.095  7.800   1.00 34.31 ? 41   ASN A ND2 1 
ATOM   179  N  N   . LEU A 1 42  ? -5.721  11.892  7.048   1.00 28.54 ? 42   LEU A N   1 
ATOM   180  C  CA  . LEU A 1 42  ? -5.836  10.915  5.980   1.00 28.00 ? 42   LEU A CA  1 
ATOM   181  C  C   . LEU A 1 42  ? -7.259  10.920  5.467   1.00 27.19 ? 42   LEU A C   1 
ATOM   182  O  O   . LEU A 1 42  ? -8.184  10.962  6.259   1.00 26.50 ? 42   LEU A O   1 
ATOM   183  C  CB  . LEU A 1 42  ? -5.450  9.504   6.457   1.00 28.45 ? 42   LEU A CB  1 
ATOM   184  C  CG  . LEU A 1 42  ? -4.940  8.550   5.358   1.00 31.13 ? 42   LEU A CG  1 
ATOM   185  C  CD1 . LEU A 1 42  ? -3.790  7.667   5.832   1.00 34.17 ? 42   LEU A CD1 1 
ATOM   186  C  CD2 . LEU A 1 42  ? -6.092  7.677   4.919   1.00 33.15 ? 42   LEU A CD2 1 
ATOM   187  N  N   . GLN A 1 43  ? -7.418  10.864  4.148   1.00 26.61 ? 43   GLN A N   1 
ATOM   188  C  CA  . GLN A 1 43  ? -8.767  10.896  3.519   1.00 26.76 ? 43   GLN A CA  1 
ATOM   189  C  C   . GLN A 1 43  ? -8.875  10.012  2.309   1.00 24.73 ? 43   GLN A C   1 
ATOM   190  O  O   . GLN A 1 43  ? -7.867  9.705   1.702   1.00 23.07 ? 43   GLN A O   1 
ATOM   191  C  CB  . GLN A 1 43  ? -9.085  12.316  3.066   1.00 26.58 ? 43   GLN A CB  1 
ATOM   192  C  CG  . GLN A 1 43  ? -10.066 12.972  3.958   1.00 32.18 ? 43   GLN A CG  1 
ATOM   193  C  CD  . GLN A 1 43  ? -9.993  14.436  3.788   1.00 37.25 ? 43   GLN A CD  1 
ATOM   194  O  OE1 . GLN A 1 43  ? -10.344 14.962  2.712   1.00 39.10 ? 43   GLN A OE1 1 
ATOM   195  N  NE2 . GLN A 1 43  ? -9.514  15.123  4.818   1.00 37.88 ? 43   GLN A NE2 1 
ATOM   196  N  N   . ILE A 1 44  ? -10.104 9.668   1.914   1.00 23.66 ? 44   ILE A N   1 
ATOM   197  C  CA  . ILE A 1 44  ? -10.325 8.938   0.675   1.00 22.05 ? 44   ILE A CA  1 
ATOM   198  C  C   . ILE A 1 44  ? -10.921 9.902   -0.334  1.00 23.05 ? 44   ILE A C   1 
ATOM   199  O  O   . ILE A 1 44  ? -11.890 10.610  -0.025  1.00 24.06 ? 44   ILE A O   1 
ATOM   200  C  CB  . ILE A 1 44  ? -11.245 7.715   0.937   1.00 22.44 ? 44   ILE A CB  1 
ATOM   201  C  CG1 . ILE A 1 44  ? -10.632 6.812   2.032   1.00 19.77 ? 44   ILE A CG1 1 
ATOM   202  C  CG2 . ILE A 1 44  ? -11.571 6.980   -0.358  1.00 20.60 ? 44   ILE A CG2 1 
ATOM   203  C  CD1 . ILE A 1 44  ? -11.610 5.872   2.745   1.00 17.12 ? 44   ILE A CD1 1 
ATOM   204  N  N   . PHE A 1 45  ? -10.335 9.943   -1.526  1.00 22.51 ? 45   PHE A N   1 
ATOM   205  C  CA  . PHE A 1 45  ? -10.753 10.828  -2.589  1.00 22.98 ? 45   PHE A CA  1 
ATOM   206  C  C   . PHE A 1 45  ? -11.291 10.020  -3.764  1.00 23.35 ? 45   PHE A C   1 
ATOM   207  O  O   . PHE A 1 45  ? -10.737 8.971   -4.108  1.00 23.57 ? 45   PHE A O   1 
ATOM   208  C  CB  . PHE A 1 45  ? -9.591  11.697  -3.097  1.00 23.12 ? 45   PHE A CB  1 
ATOM   209  C  CG  . PHE A 1 45  ? -8.990  12.577  -2.048  1.00 23.33 ? 45   PHE A CG  1 
ATOM   210  C  CD1 . PHE A 1 45  ? -9.796  13.459  -1.315  1.00 22.45 ? 45   PHE A CD1 1 
ATOM   211  C  CD2 . PHE A 1 45  ? -7.615  12.549  -1.811  1.00 26.04 ? 45   PHE A CD2 1 
ATOM   212  C  CE1 . PHE A 1 45  ? -9.265  14.256  -0.336  1.00 23.36 ? 45   PHE A CE1 1 
ATOM   213  C  CE2 . PHE A 1 45  ? -7.072  13.367  -0.822  1.00 26.42 ? 45   PHE A CE2 1 
ATOM   214  C  CZ  . PHE A 1 45  ? -7.917  14.205  -0.074  1.00 22.27 ? 45   PHE A CZ  1 
ATOM   215  N  N   . SER A 1 46  ? -12.333 10.530  -4.402  1.00 22.20 ? 46   SER A N   1 
ATOM   216  C  CA  . SER A 1 46  ? -12.849 9.872   -5.587  1.00 24.15 ? 46   SER A CA  1 
ATOM   217  C  C   . SER A 1 46  ? -11.966 10.225  -6.796  1.00 24.48 ? 46   SER A C   1 
ATOM   218  O  O   . SER A 1 46  ? -11.370 11.313  -6.850  1.00 25.50 ? 46   SER A O   1 
ATOM   219  C  CB  . SER A 1 46  ? -14.324 10.239  -5.798  1.00 24.06 ? 46   SER A CB  1 
ATOM   220  O  OG  . SER A 1 46  ? -14.416 11.644  -5.851  1.00 28.22 ? 46   SER A OG  1 
ATOM   221  N  N   . LEU A 1 47  ? -11.819 9.282   -7.718  1.00 24.67 ? 47   LEU A N   1 
ATOM   222  C  CA  . LEU A 1 47  ? -10.987 9.505   -8.894  1.00 26.35 ? 47   LEU A CA  1 
ATOM   223  C  C   . LEU A 1 47  ? -11.921 9.854   -10.040 1.00 27.59 ? 47   LEU A C   1 
ATOM   224  O  O   . LEU A 1 47  ? -13.008 9.280   -10.102 1.00 26.98 ? 47   LEU A O   1 
ATOM   225  C  CB  . LEU A 1 47  ? -10.146 8.252   -9.213  1.00 25.46 ? 47   LEU A CB  1 
ATOM   226  C  CG  . LEU A 1 47  ? -9.215  7.714   -8.124  1.00 24.40 ? 47   LEU A CG  1 
ATOM   227  C  CD1 . LEU A 1 47  ? -8.575  6.436   -8.628  1.00 26.45 ? 47   LEU A CD1 1 
ATOM   228  C  CD2 . LEU A 1 47  ? -8.164  8.709   -7.694  1.00 23.82 ? 47   LEU A CD2 1 
ATOM   229  N  N   . PRO A 1 48  ? -11.533 10.800  -10.916 1.00 29.19 ? 48   PRO A N   1 
ATOM   230  C  CA  . PRO A 1 48  ? -12.385 11.214  -12.048 1.00 30.65 ? 48   PRO A CA  1 
ATOM   231  C  C   . PRO A 1 48  ? -13.012 10.073  -12.856 1.00 32.51 ? 48   PRO A C   1 
ATOM   232  O  O   . PRO A 1 48  ? -14.225 10.156  -13.146 1.00 34.27 ? 48   PRO A O   1 
ATOM   233  C  CB  . PRO A 1 48  ? -11.440 12.035  -12.934 1.00 30.69 ? 48   PRO A CB  1 
ATOM   234  C  CG  . PRO A 1 48  ? -10.410 12.563  -11.993 1.00 29.84 ? 48   PRO A CG  1 
ATOM   235  C  CD  . PRO A 1 48  ? -10.266 11.555  -10.885 1.00 28.81 ? 48   PRO A CD  1 
ATOM   236  N  N   . GLY A 1 49  ? -12.259 9.030   -13.205 1.00 32.54 ? 49   GLY A N   1 
ATOM   237  C  CA  . GLY A 1 49  ? -12.871 7.966   -13.997 1.00 33.85 ? 49   GLY A CA  1 
ATOM   238  C  C   . GLY A 1 49  ? -13.585 6.799   -13.272 1.00 34.01 ? 49   GLY A C   1 
ATOM   239  O  O   . GLY A 1 49  ? -13.853 5.759   -13.910 1.00 34.33 ? 49   GLY A O   1 
ATOM   240  N  N   . GLY A 1 50  ? -13.904 6.978   -11.978 1.00 32.66 ? 50   GLY A N   1 
ATOM   241  C  CA  . GLY A 1 50  ? -14.357 5.898   -11.094 1.00 30.30 ? 50   GLY A CA  1 
ATOM   242  C  C   . GLY A 1 50  ? -13.271 5.390   -10.133 1.00 28.33 ? 50   GLY A C   1 
ATOM   243  O  O   . GLY A 1 50  ? -12.080 5.360   -10.470 1.00 27.78 ? 50   GLY A O   1 
ATOM   244  N  N   . GLY A 1 51  ? -13.670 4.975   -8.940  1.00 27.21 ? 51   GLY A N   1 
ATOM   245  C  CA  . GLY A 1 51  ? -12.696 4.464   -7.979  1.00 25.97 ? 51   GLY A CA  1 
ATOM   246  C  C   . GLY A 1 51  ? -12.312 5.489   -6.921  1.00 24.87 ? 51   GLY A C   1 
ATOM   247  O  O   . GLY A 1 51  ? -12.873 6.612   -6.858  1.00 25.28 ? 51   GLY A O   1 
ATOM   248  N  N   . SER A 1 52  ? -11.397 5.100   -6.050  1.00 22.94 ? 52   SER A N   1 
ATOM   249  C  CA  . SER A 1 52  ? -10.969 5.961   -4.946  1.00 22.05 ? 52   SER A CA  1 
ATOM   250  C  C   . SER A 1 52  ? -9.508  5.741   -4.607  1.00 20.92 ? 52   SER A C   1 
ATOM   251  O  O   . SER A 1 52  ? -8.945  4.707   -4.945  1.00 20.07 ? 52   SER A O   1 
ATOM   252  C  CB  . SER A 1 52  ? -11.796 5.701   -3.676  1.00 22.59 ? 52   SER A CB  1 
ATOM   253  O  OG  . SER A 1 52  ? -13.177 5.877   -3.883  1.00 23.67 ? 52   SER A OG  1 
ATOM   254  N  N   . ALA A 1 53  ? -8.901  6.705   -3.916  1.00 19.50 ? 53   ALA A N   1 
ATOM   255  C  CA  . ALA A 1 53  ? -7.526  6.564   -3.509  1.00 18.96 ? 53   ALA A CA  1 
ATOM   256  C  C   . ALA A 1 53  ? -7.391  7.208   -2.146  1.00 18.72 ? 53   ALA A C   1 
ATOM   257  O  O   . ALA A 1 53  ? -8.142  8.094   -1.785  1.00 19.48 ? 53   ALA A O   1 
ATOM   258  C  CB  . ALA A 1 53  ? -6.592  7.208   -4.527  1.00 19.24 ? 53   ALA A CB  1 
ATOM   259  N  N   . ILE A 1 54  ? -6.484  6.711   -1.338  1.00 18.27 ? 54   ILE A N   1 
ATOM   260  C  CA  . ILE A 1 54  ? -6.151  7.458   -0.133  1.00 17.48 ? 54   ILE A CA  1 
ATOM   261  C  C   . ILE A 1 54  ? -5.203  8.627   -0.492  1.00 17.53 ? 54   ILE A C   1 
ATOM   262  O  O   . ILE A 1 54  ? -4.410  8.525   -1.432  1.00 15.51 ? 54   ILE A O   1 
ATOM   263  C  CB  . ILE A 1 54  ? -5.622  6.513   0.960   1.00 17.08 ? 54   ILE A CB  1 
ATOM   264  C  CG1 . ILE A 1 54  ? -4.356  5.752   0.470   1.00 16.59 ? 54   ILE A CG1 1 
ATOM   265  C  CG2 . ILE A 1 54  ? -6.781  5.530   1.382   1.00 15.68 ? 54   ILE A CG2 1 
ATOM   266  C  CD1 . ILE A 1 54  ? -3.687  4.836   1.489   1.00 14.36 ? 54   ILE A CD1 1 
ATOM   267  N  N   . GLY A 1 55  ? -5.303  9.716   0.279   1.00 17.48 ? 55   GLY A N   1 
ATOM   268  C  CA  . GLY A 1 55  ? -4.498  10.923  0.126   1.00 17.41 ? 55   GLY A CA  1 
ATOM   269  C  C   . GLY A 1 55  ? -4.491  11.737  1.437   1.00 18.12 ? 55   GLY A C   1 
ATOM   270  O  O   . GLY A 1 55  ? -4.937  11.208  2.466   1.00 17.28 ? 55   GLY A O   1 
ATOM   271  N  N   . TYR A 1 56  ? -4.038  13.012  1.376   1.00 18.79 ? 56   TYR A N   1 
ATOM   272  C  CA  . TYR A 1 56  ? -3.753  13.896  2.521   0.50 18.92 ? 56   TYR A CA  1 
ATOM   273  C  C   . TYR A 1 56  ? -2.837  13.157  3.477   1.00 20.01 ? 56   TYR A C   1 
ATOM   274  O  O   . TYR A 1 56  ? -2.973  13.242  4.702   1.00 21.58 ? 56   TYR A O   1 
ATOM   275  C  CB  . TYR A 1 56  ? -5.008  14.448  3.237   0.50 18.07 ? 56   TYR A CB  1 
ATOM   276  C  CG  . TYR A 1 56  ? -5.788  15.580  2.562   0.50 18.19 ? 56   TYR A CG  1 
ATOM   277  C  CD1 . TYR A 1 56  ? -5.463  16.053  1.277   0.50 19.87 ? 56   TYR A CD1 1 
ATOM   278  C  CD2 . TYR A 1 56  ? -6.885  16.153  3.203   0.50 18.70 ? 56   TYR A CD2 1 
ATOM   279  C  CE1 . TYR A 1 56  ? -6.211  17.080  0.656   0.50 20.58 ? 56   TYR A CE1 1 
ATOM   280  C  CE2 . TYR A 1 56  ? -7.639  17.159  2.614   0.50 19.81 ? 56   TYR A CE2 1 
ATOM   281  C  CZ  . TYR A 1 56  ? -7.314  17.637  1.333   0.50 21.48 ? 56   TYR A CZ  1 
ATOM   282  O  OH  . TYR A 1 56  ? -8.095  18.638  0.749   0.50 19.27 ? 56   TYR A OH  1 
ATOM   283  N  N   . ILE A 1 57  ? -1.892  12.414  2.896   1.00 21.45 ? 57   ILE A N   1 
ATOM   284  C  CA  . ILE A 1 57  ? -0.895  11.622  3.637   1.00 20.84 ? 57   ILE A CA  1 
ATOM   285  C  C   . ILE A 1 57  ? 0.345   12.463  3.967   1.00 20.98 ? 57   ILE A C   1 
ATOM   286  O  O   . ILE A 1 57  ? 0.743   13.327  3.193   1.00 21.46 ? 57   ILE A O   1 
ATOM   287  C  CB  . ILE A 1 57  ? -0.546  10.317  2.850   1.00 20.69 ? 57   ILE A CB  1 
ATOM   288  C  CG1 . ILE A 1 57  ? -1.634  9.242   3.075   1.00 21.18 ? 57   ILE A CG1 1 
ATOM   289  C  CG2 . ILE A 1 57  ? 0.874   9.797   3.152   1.00 17.61 ? 57   ILE A CG2 1 
ATOM   290  C  CD1 . ILE A 1 57  ? -1.607  8.145   2.034   1.00 21.12 ? 57   ILE A CD1 1 
ATOM   291  N  N   . GLU A 1 58  ? 0.915   12.224  5.137   1.00 20.56 ? 58   GLU A N   1 
ATOM   292  C  CA  . GLU A 1 58  ? 2.129   12.893  5.574   1.00 21.89 ? 58   GLU A CA  1 
ATOM   293  C  C   . GLU A 1 58  ? 3.162   11.881  6.054   1.00 20.17 ? 58   GLU A C   1 
ATOM   294  O  O   . GLU A 1 58  ? 2.831   10.730  6.311   1.00 19.21 ? 58   GLU A O   1 
ATOM   295  C  CB  . GLU A 1 58  ? 1.797   13.850  6.729   1.00 22.50 ? 58   GLU A CB  1 
ATOM   296  C  CG  . GLU A 1 58  ? 0.879   15.014  6.363   1.00 28.82 ? 58   GLU A CG  1 
ATOM   297  C  CD  . GLU A 1 58  ? 1.431   15.988  5.312   1.00 35.05 ? 58   GLU A CD  1 
ATOM   298  O  OE1 . GLU A 1 58  ? 2.660   16.027  5.021   1.00 39.76 ? 58   GLU A OE1 1 
ATOM   299  O  OE2 . GLU A 1 58  ? 0.611   16.766  4.765   1.00 41.93 ? 58   GLU A OE2 1 
ATOM   300  N  N   . ASN A 1 59  ? 4.418   12.321  6.182   1.00 20.62 ? 59   ASN A N   1 
ATOM   301  C  CA  . ASN A 1 59  ? 5.450   11.562  6.901   1.00 19.22 ? 59   ASN A CA  1 
ATOM   302  C  C   . ASN A 1 59  ? 4.948   10.996  8.243   1.00 19.33 ? 59   ASN A C   1 
ATOM   303  O  O   . ASN A 1 59  ? 4.398   11.731  9.077   1.00 20.78 ? 59   ASN A O   1 
ATOM   304  C  CB  . ASN A 1 59  ? 6.702   12.444  7.140   1.00 18.57 ? 59   ASN A CB  1 
ATOM   305  C  CG  . ASN A 1 59  ? 7.824   11.671  7.752   1.00 19.13 ? 59   ASN A CG  1 
ATOM   306  O  OD1 . ASN A 1 59  ? 7.987   10.520  7.427   1.00 17.93 ? 59   ASN A OD1 1 
ATOM   307  N  ND2 . ASN A 1 59  ? 8.589   12.278  8.660   1.00 18.16 ? 59   ASN A ND2 1 
ATOM   308  N  N   . GLY A 1 60  ? 5.151   9.697   8.444   1.00 19.60 ? 60   GLY A N   1 
ATOM   309  C  CA  . GLY A 1 60  ? 4.752   8.988   9.636   1.00 18.63 ? 60   GLY A CA  1 
ATOM   310  C  C   . GLY A 1 60  ? 3.362   8.373   9.579   1.00 19.58 ? 60   GLY A C   1 
ATOM   311  O  O   . GLY A 1 60  ? 3.008   7.569   10.461  1.00 18.48 ? 60   GLY A O   1 
ATOM   312  N  N   . TYR A 1 61  ? 2.562   8.741   8.573   1.00 19.66 ? 61   TYR A N   1 
ATOM   313  C  CA  . TYR A 1 61  ? 1.230   8.087   8.379   1.00 19.98 ? 61   TYR A CA  1 
ATOM   314  C  C   . TYR A 1 61  ? 1.356   6.619   7.979   1.00 19.45 ? 61   TYR A C   1 
ATOM   315  O  O   . TYR A 1 61  ? 2.401   6.184   7.506   1.00 19.40 ? 61   TYR A O   1 
ATOM   316  C  CB  . TYR A 1 61  ? 0.410   8.771   7.298   1.00 20.27 ? 61   TYR A CB  1 
ATOM   317  C  CG  . TYR A 1 61  ? -0.229  10.074  7.684   1.00 21.91 ? 61   TYR A CG  1 
ATOM   318  C  CD1 . TYR A 1 61  ? 0.341   10.911  8.654   1.00 22.08 ? 61   TYR A CD1 1 
ATOM   319  C  CD2 . TYR A 1 61  ? -1.407  10.485  7.043   1.00 24.13 ? 61   TYR A CD2 1 
ATOM   320  C  CE1 . TYR A 1 61  ? -0.262  12.132  9.001   1.00 24.46 ? 61   TYR A CE1 1 
ATOM   321  C  CE2 . TYR A 1 61  ? -2.045  11.682  7.378   1.00 25.60 ? 61   TYR A CE2 1 
ATOM   322  C  CZ  . TYR A 1 61  ? -1.469  12.502  8.350   1.00 26.94 ? 61   TYR A CZ  1 
ATOM   323  O  OH  . TYR A 1 61  ? -2.077  13.686  8.619   1.00 24.78 ? 61   TYR A OH  1 
ATOM   324  N  N   . SER A 1 62  ? 0.283   5.859   8.174   1.00 18.53 ? 62   SER A N   1 
ATOM   325  C  CA  . SER A 1 62  ? 0.317   4.440   7.958   1.00 18.97 ? 62   SER A CA  1 
ATOM   326  C  C   . SER A 1 62  ? -1.105  3.905   7.802   1.00 18.32 ? 62   SER A C   1 
ATOM   327  O  O   . SER A 1 62  ? -2.063  4.498   8.322   1.00 17.13 ? 62   SER A O   1 
ATOM   328  C  CB  . SER A 1 62  ? 1.053   3.715   9.114   1.00 19.23 ? 62   SER A CB  1 
ATOM   329  O  OG  . SER A 1 62  ? 0.257   3.690   10.293  1.00 23.06 ? 62   SER A OG  1 
ATOM   330  N  N   . THR A 1 63  ? -1.235  2.822   7.029   1.00 17.81 ? 63   THR A N   1 
ATOM   331  C  CA  . THR A 1 63  ? -2.497  2.119   6.883   1.00 17.77 ? 63   THR A CA  1 
ATOM   332  C  C   . THR A 1 63  ? -2.226  0.659   7.084   1.00 17.12 ? 63   THR A C   1 
ATOM   333  O  O   . THR A 1 63  ? -1.168  0.151   6.706   1.00 16.41 ? 63   THR A O   1 
ATOM   334  C  CB  . THR A 1 63  ? -3.198  2.401   5.530   1.00 17.39 ? 63   THR A CB  1 
ATOM   335  O  OG1 . THR A 1 63  ? -2.223  2.593   4.524   1.00 17.67 ? 63   THR A OG1 1 
ATOM   336  C  CG2 . THR A 1 63  ? -3.912  3.722   5.533   1.00 17.52 ? 63   THR A CG2 1 
ATOM   337  N  N   . THR A 1 64  ? -3.188  -0.014  7.705   1.00 16.99 ? 64   THR A N   1 
ATOM   338  C  CA  . THR A 1 64  ? -3.047  -1.396  8.042   1.00 17.33 ? 64   THR A CA  1 
ATOM   339  C  C   . THR A 1 64  ? -4.150  -2.166  7.359   1.00 17.24 ? 64   THR A C   1 
ATOM   340  O  O   . THR A 1 64  ? -5.309  -1.748  7.398   1.00 18.76 ? 64   THR A O   1 
ATOM   341  C  CB  . THR A 1 64  ? -3.163  -1.561  9.557   1.00 18.59 ? 64   THR A CB  1 
ATOM   342  O  OG1 . THR A 1 64  ? -2.051  -0.926  10.192  1.00 19.64 ? 64   THR A OG1 1 
ATOM   343  C  CG2 . THR A 1 64  ? -3.105  -3.077  9.998   1.00 16.45 ? 64   THR A CG2 1 
ATOM   344  N  N   . TYR A 1 65  ? -3.771  -3.303  6.784   1.00 16.84 ? 65   TYR A N   1 
ATOM   345  C  CA  . TYR A 1 65  ? -4.633  -4.198  6.025   1.00 17.17 ? 65   TYR A CA  1 
ATOM   346  C  C   . TYR A 1 65  ? -4.455  -5.581  6.602   1.00 17.85 ? 65   TYR A C   1 
ATOM   347  O  O   . TYR A 1 65  ? -3.452  -6.260  6.357   1.00 16.95 ? 65   TYR A O   1 
ATOM   348  C  CB  . TYR A 1 65  ? -4.243  -4.182  4.521   1.00 16.98 ? 65   TYR A CB  1 
ATOM   349  C  CG  . TYR A 1 65  ? -4.232  -2.784  3.986   1.00 15.27 ? 65   TYR A CG  1 
ATOM   350  C  CD1 . TYR A 1 65  ? -3.122  -1.941  4.194   1.00 15.17 ? 65   TYR A CD1 1 
ATOM   351  C  CD2 . TYR A 1 65  ? -5.332  -2.277  3.297   1.00 16.13 ? 65   TYR A CD2 1 
ATOM   352  C  CE1 . TYR A 1 65  ? -3.113  -0.653  3.717   1.00 16.15 ? 65   TYR A CE1 1 
ATOM   353  C  CE2 . TYR A 1 65  ? -5.330  -0.978  2.815   1.00 13.42 ? 65   TYR A CE2 1 
ATOM   354  C  CZ  . TYR A 1 65  ? -4.214  -0.172  3.034   1.00 15.19 ? 65   TYR A CZ  1 
ATOM   355  O  OH  . TYR A 1 65  ? -4.204  1.132   2.599   1.00 13.77 ? 65   TYR A OH  1 
ATOM   356  N  N   . LYS A 1 66  ? -5.460  -6.001  7.363   1.00 18.95 ? 66   LYS A N   1 
ATOM   357  C  CA  . LYS A 1 66  ? -5.417  -7.248  8.101   1.00 19.71 ? 66   LYS A CA  1 
ATOM   358  C  C   . LYS A 1 66  ? -5.776  -8.425  7.237   1.00 19.14 ? 66   LYS A C   1 
ATOM   359  O  O   . LYS A 1 66  ? -6.454  -8.276  6.247   1.00 20.13 ? 66   LYS A O   1 
ATOM   360  C  CB  . LYS A 1 66  ? -6.380  -7.152  9.299   1.00 20.14 ? 66   LYS A CB  1 
ATOM   361  C  CG  . LYS A 1 66  ? -5.889  -6.233  10.403  1.00 23.93 ? 66   LYS A CG  1 
ATOM   362  C  CD  . LYS A 1 66  ? -6.839  -6.295  11.600  1.00 31.58 ? 66   LYS A CD  1 
ATOM   363  C  CE  . LYS A 1 66  ? -6.163  -6.934  12.828  1.00 38.47 ? 66   LYS A CE  1 
ATOM   364  N  NZ  . LYS A 1 66  ? -5.886  -8.441  12.714  1.00 41.73 ? 66   LYS A NZ  1 
ATOM   365  N  N   . ASN A 1 67  ? -5.292  -9.606  7.588   1.00 19.69 ? 67   ASN A N   1 
ATOM   366  C  CA  . ASN A 1 67  ? -5.758  -10.839 6.951   1.00 19.84 ? 67   ASN A CA  1 
ATOM   367  C  C   . ASN A 1 67  ? -5.494  -10.896 5.447   1.00 19.29 ? 67   ASN A C   1 
ATOM   368  O  O   . ASN A 1 67  ? -6.364  -11.291 4.679   1.00 19.17 ? 67   ASN A O   1 
ATOM   369  C  CB  . ASN A 1 67  ? -7.254  -11.096 7.285   1.00 19.97 ? 67   ASN A CB  1 
ATOM   370  C  CG  . ASN A 1 67  ? -7.504  -11.128 8.805   1.00 25.27 ? 67   ASN A CG  1 
ATOM   371  O  OD1 . ASN A 1 67  ? -8.348  -10.385 9.359   1.00 30.35 ? 67   ASN A OD1 1 
ATOM   372  N  ND2 . ASN A 1 67  ? -6.739  -11.952 9.483   1.00 22.70 ? 67   ASN A ND2 1 
ATOM   373  N  N   . ILE A 1 68  ? -4.285  -10.527 5.024   1.00 17.99 ? 68   ILE A N   1 
ATOM   374  C  CA  . ILE A 1 68  ? -3.912  -10.786 3.619   1.00 17.22 ? 68   ILE A CA  1 
ATOM   375  C  C   . ILE A 1 68  ? -3.359  -12.223 3.470   1.00 17.04 ? 68   ILE A C   1 
ATOM   376  O  O   . ILE A 1 68  ? -2.446  -12.631 4.192   1.00 16.02 ? 68   ILE A O   1 
ATOM   377  C  CB  . ILE A 1 68  ? -2.912  -9.728  3.100   1.00 16.56 ? 68   ILE A CB  1 
ATOM   378  C  CG1 . ILE A 1 68  ? -3.389  -8.295  3.386   1.00 14.12 ? 68   ILE A CG1 1 
ATOM   379  C  CG2 . ILE A 1 68  ? -2.556  -9.953  1.644   1.00 17.20 ? 68   ILE A CG2 1 
ATOM   380  C  CD1 . ILE A 1 68  ? -4.868  -8.011  3.087   1.00 16.13 ? 68   ILE A CD1 1 
ATOM   381  N  N   . ASP A 1 69  ? -3.903  -12.961 2.514   1.00 16.69 ? 69   ASP A N   1 
ATOM   382  C  CA  . ASP A 1 69  ? -3.493  -14.322 2.262   1.00 16.57 ? 69   ASP A CA  1 
ATOM   383  C  C   . ASP A 1 69  ? -2.416  -14.378 1.149   1.00 16.88 ? 69   ASP A C   1 
ATOM   384  O  O   . ASP A 1 69  ? -2.716  -14.143 -0.021  1.00 15.66 ? 69   ASP A O   1 
ATOM   385  C  CB  . ASP A 1 69  ? -4.722  -15.138 1.910   1.00 17.15 ? 69   ASP A CB  1 
ATOM   386  C  CG  . ASP A 1 69  ? -4.408  -16.573 1.713   1.00 18.18 ? 69   ASP A CG  1 
ATOM   387  O  OD1 . ASP A 1 69  ? -3.235  -16.949 1.883   1.00 16.86 ? 69   ASP A OD1 1 
ATOM   388  O  OD2 . ASP A 1 69  ? -5.253  -17.403 1.357   1.00 23.58 ? 69   ASP A OD2 1 
ATOM   389  N  N   . PHE A 1 70  ? -1.155  -14.636 1.549   1.00 16.79 ? 70   PHE A N   1 
ATOM   390  C  CA  . PHE A 1 70  ? 0.044   -14.663 0.647   1.00 16.11 ? 70   PHE A CA  1 
ATOM   391  C  C   . PHE A 1 70  ? 0.284   -16.081 0.078   1.00 16.77 ? 70   PHE A C   1 
ATOM   392  O  O   . PHE A 1 70  ? 1.214   -16.325 -0.701  1.00 17.55 ? 70   PHE A O   1 
ATOM   393  C  CB  . PHE A 1 70  ? 1.319   -14.171 1.398   1.00 15.26 ? 70   PHE A CB  1 
ATOM   394  C  CG  . PHE A 1 70  ? 1.392   -12.641 1.577   1.00 16.81 ? 70   PHE A CG  1 
ATOM   395  C  CD1 . PHE A 1 70  ? 0.626   -11.989 2.552   1.00 13.89 ? 70   PHE A CD1 1 
ATOM   396  C  CD2 . PHE A 1 70  ? 2.213   -11.860 0.755   1.00 15.76 ? 70   PHE A CD2 1 
ATOM   397  C  CE1 . PHE A 1 70  ? 0.668   -10.606 2.703   1.00 13.96 ? 70   PHE A CE1 1 
ATOM   398  C  CE2 . PHE A 1 70  ? 2.282   -10.464 0.920   1.00 18.53 ? 70   PHE A CE2 1 
ATOM   399  C  CZ  . PHE A 1 70  ? 1.487   -9.835  1.902   1.00 16.08 ? 70   PHE A CZ  1 
ATOM   400  N  N   . GLY A 1 71  ? -0.526  -17.043 0.507   1.00 18.02 ? 71   GLY A N   1 
ATOM   401  C  CA  . GLY A 1 71  ? -0.428  -18.389 -0.013  1.00 18.98 ? 71   GLY A CA  1 
ATOM   402  C  C   . GLY A 1 71  ? 0.946   -18.948 0.217   1.00 19.99 ? 71   GLY A C   1 
ATOM   403  O  O   . GLY A 1 71  ? 1.480   -18.843 1.308   1.00 19.47 ? 71   GLY A O   1 
ATOM   404  N  N   . ASP A 1 72  ? 1.537   -19.547 -0.813  1.00 22.35 ? 72   ASP A N   1 
ATOM   405  C  CA  . ASP A 1 72  ? 2.855   -20.134 -0.637  1.00 23.29 ? 72   ASP A CA  1 
ATOM   406  C  C   . ASP A 1 72  ? 4.009   -19.180 -0.961  1.00 22.93 ? 72   ASP A C   1 
ATOM   407  O  O   . ASP A 1 72  ? 5.130   -19.608 -1.091  1.00 23.24 ? 72   ASP A O   1 
ATOM   408  C  CB  . ASP A 1 72  ? 2.990   -21.480 -1.346  1.00 25.31 ? 72   ASP A CB  1 
ATOM   409  C  CG  . ASP A 1 72  ? 2.687   -21.402 -2.833  1.00 31.48 ? 72   ASP A CG  1 
ATOM   410  O  OD1 . ASP A 1 72  ? 2.739   -20.300 -3.429  1.00 37.30 ? 72   ASP A OD1 1 
ATOM   411  O  OD2 . ASP A 1 72  ? 2.372   -22.417 -3.496  1.00 39.53 ? 72   ASP A OD2 1 
ATOM   412  N  N   . GLY A 1 73  ? 3.742   -17.881 -1.052  1.00 22.31 ? 73   GLY A N   1 
ATOM   413  C  CA  . GLY A 1 73  ? 4.823   -16.913 -1.170  1.00 20.57 ? 73   GLY A CA  1 
ATOM   414  C  C   . GLY A 1 73  ? 4.536   -15.822 -2.169  1.00 20.24 ? 73   GLY A C   1 
ATOM   415  O  O   . GLY A 1 73  ? 3.999   -16.099 -3.252  1.00 21.31 ? 73   GLY A O   1 
ATOM   416  N  N   . ALA A 1 74  ? 4.870   -14.585 -1.806  1.00 19.18 ? 74   ALA A N   1 
ATOM   417  C  CA  . ALA A 1 74  ? 5.005   -13.461 -2.747  1.00 18.77 ? 74   ALA A CA  1 
ATOM   418  C  C   . ALA A 1 74  ? 6.398   -12.831 -2.579  1.00 18.77 ? 74   ALA A C   1 
ATOM   419  O  O   . ALA A 1 74  ? 6.947   -12.816 -1.474  1.00 18.84 ? 74   ALA A O   1 
ATOM   420  C  CB  . ALA A 1 74  ? 3.920   -12.429 -2.557  1.00 17.70 ? 74   ALA A CB  1 
ATOM   421  N  N   . THR A 1 75  ? 6.963   -12.327 -3.671  1.00 18.44 ? 75   THR A N   1 
ATOM   422  C  CA  . THR A 1 75  ? 8.330   -11.797 -3.645  1.00 19.60 ? 75   THR A CA  1 
ATOM   423  C  C   . THR A 1 75  ? 8.357   -10.389 -4.225  1.00 18.64 ? 75   THR A C   1 
ATOM   424  O  O   . THR A 1 75  ? 9.413   -9.787  -4.328  1.00 19.20 ? 75   THR A O   1 
ATOM   425  C  CB  . THR A 1 75  ? 9.279   -12.695 -4.487  1.00 20.02 ? 75   THR A CB  1 
ATOM   426  O  OG1 . THR A 1 75  ? 8.612   -13.005 -5.720  1.00 23.13 ? 75   THR A OG1 1 
ATOM   427  C  CG2 . THR A 1 75  ? 9.465   -14.070 -3.863  1.00 21.76 ? 75   THR A CG2 1 
ATOM   428  N  N   . SER A 1 76  ? 7.210   -9.847  -4.602  1.00 18.16 ? 76   SER A N   1 
ATOM   429  C  CA  . SER A 1 76  ? 7.200   -8.490  -5.128  1.00 19.07 ? 76   SER A CA  1 
ATOM   430  C  C   . SER A 1 76  ? 5.874   -7.784  -4.838  1.00 18.10 ? 76   SER A C   1 
ATOM   431  O  O   . SER A 1 76  ? 4.861   -8.445  -4.612  1.00 16.80 ? 76   SER A O   1 
ATOM   432  C  CB  . SER A 1 76  ? 7.606   -8.516  -6.622  1.00 20.02 ? 76   SER A CB  1 
ATOM   433  O  OG  . SER A 1 76  ? 6.718   -7.854  -7.465  1.00 24.99 ? 76   SER A OG  1 
ATOM   434  N  N   . VAL A 1 77  ? 5.908   -6.451  -4.807  1.00 17.28 ? 77   VAL A N   1 
ATOM   435  C  CA  . VAL A 1 77  ? 4.721   -5.624  -4.554  1.00 16.10 ? 77   VAL A CA  1 
ATOM   436  C  C   . VAL A 1 77  ? 4.682   -4.536  -5.605  1.00 17.36 ? 77   VAL A C   1 
ATOM   437  O  O   . VAL A 1 77  ? 5.745   -4.078  -6.048  1.00 16.24 ? 77   VAL A O   1 
ATOM   438  C  CB  . VAL A 1 77  ? 4.692   -4.985  -3.154  1.00 16.04 ? 77   VAL A CB  1 
ATOM   439  C  CG1 . VAL A 1 77  ? 5.933   -4.061  -2.882  1.00 14.24 ? 77   VAL A CG1 1 
ATOM   440  C  CG2 . VAL A 1 77  ? 3.372   -4.216  -2.933  1.00 14.55 ? 77   VAL A CG2 1 
ATOM   441  N  N   . THR A 1 78  ? 3.455   -4.175  -6.005  1.00 17.22 ? 78   THR A N   1 
ATOM   442  C  CA  . THR A 1 78  ? 3.167   -3.106  -6.941  1.00 18.67 ? 78   THR A CA  1 
ATOM   443  C  C   . THR A 1 78  ? 2.101   -2.192  -6.360  1.00 18.68 ? 78   THR A C   1 
ATOM   444  O  O   . THR A 1 78  ? 1.074   -2.668  -5.907  1.00 18.98 ? 78   THR A O   1 
ATOM   445  C  CB  . THR A 1 78  ? 2.663   -3.690  -8.286  1.00 18.55 ? 78   THR A CB  1 
ATOM   446  O  OG1 . THR A 1 78  ? 3.700   -4.485  -8.866  1.00 19.50 ? 78   THR A OG1 1 
ATOM   447  C  CG2 . THR A 1 78  ? 2.425   -2.579  -9.324  1.00 19.48 ? 78   THR A CG2 1 
ATOM   448  N  N   . ALA A 1 79  ? 2.325   -0.878  -6.380  1.00 19.14 ? 79   ALA A N   1 
ATOM   449  C  CA  . ALA A 1 79  ? 1.279   0.080   -5.965  1.00 18.43 ? 79   ALA A CA  1 
ATOM   450  C  C   . ALA A 1 79  ? 0.946   1.058   -7.109  1.00 19.01 ? 79   ALA A C   1 
ATOM   451  O  O   . ALA A 1 79  ? 1.836   1.423   -7.895  1.00 17.87 ? 79   ALA A O   1 
ATOM   452  C  CB  . ALA A 1 79  ? 1.716   0.827   -4.665  1.00 17.83 ? 79   ALA A CB  1 
ATOM   453  N  N   . ARG A 1 80  ? -0.323  1.453   -7.225  1.00 19.02 ? 80   ARG A N   1 
ATOM   454  C  CA  . ARG A 1 80  ? -0.741  2.458   -8.214  1.00 19.68 ? 80   ARG A CA  1 
ATOM   455  C  C   . ARG A 1 80  ? -0.811  3.734   -7.434  1.00 19.58 ? 80   ARG A C   1 
ATOM   456  O  O   . ARG A 1 80  ? -1.629  3.845   -6.501  1.00 19.04 ? 80   ARG A O   1 
ATOM   457  C  CB  . ARG A 1 80  ? -2.116  2.150   -8.819  1.00 19.71 ? 80   ARG A CB  1 
ATOM   458  C  CG  . ARG A 1 80  ? -2.461  3.054   -10.003 1.00 21.55 ? 80   ARG A CG  1 
ATOM   459  C  CD  . ARG A 1 80  ? -3.724  2.678   -10.790 1.00 27.06 ? 80   ARG A CD  1 
ATOM   460  N  NE  . ARG A 1 80  ? -4.069  3.622   -11.876 1.00 31.82 ? 80   ARG A NE  1 
ATOM   461  C  CZ  . ARG A 1 80  ? -5.042  4.596   -11.821 1.00 36.66 ? 80   ARG A CZ  1 
ATOM   462  N  NH1 . ARG A 1 80  ? -5.754  4.832   -10.714 1.00 30.55 ? 80   ARG A NH1 1 
ATOM   463  N  NH2 . ARG A 1 80  ? -5.282  5.376   -12.892 1.00 39.03 ? 80   ARG A NH2 1 
ATOM   464  N  N   . VAL A 1 81  ? 0.083   4.666   -7.763  1.00 19.32 ? 81   VAL A N   1 
ATOM   465  C  CA  . VAL A 1 81  ? 0.348   5.820   -6.882  1.00 18.57 ? 81   VAL A CA  1 
ATOM   466  C  C   . VAL A 1 81  ? 0.465   7.125   -7.693  1.00 19.05 ? 81   VAL A C   1 
ATOM   467  O  O   . VAL A 1 81  ? 0.791   7.104   -8.877  1.00 19.39 ? 81   VAL A O   1 
ATOM   468  C  CB  . VAL A 1 81  ? 1.635   5.616   -6.029  1.00 18.99 ? 81   VAL A CB  1 
ATOM   469  C  CG1 . VAL A 1 81  ? 1.461   4.491   -4.983  1.00 15.31 ? 81   VAL A CG1 1 
ATOM   470  C  CG2 . VAL A 1 81  ? 2.795   5.292   -6.927  1.00 17.17 ? 81   VAL A CG2 1 
ATOM   471  N  N   . ALA A 1 82  ? 0.151   8.252   -7.071  1.00 19.20 ? 82   ALA A N   1 
ATOM   472  C  CA  . ALA A 1 82  ? 0.416   9.570   -7.681  1.00 19.58 ? 82   ALA A CA  1 
ATOM   473  C  C   . ALA A 1 82  ? 1.086   10.424  -6.644  1.00 19.76 ? 82   ALA A C   1 
ATOM   474  O  O   . ALA A 1 82  ? 0.687   10.388  -5.470  1.00 19.53 ? 82   ALA A O   1 
ATOM   475  C  CB  . ALA A 1 82  ? -0.886  10.243  -8.097  1.00 17.88 ? 82   ALA A CB  1 
ATOM   476  N  N   . THR A 1 83  ? 2.078   11.216  -7.063  1.00 20.25 ? 83   THR A N   1 
ATOM   477  C  CA  . THR A 1 83  ? 2.665   12.210  -6.174  1.00 20.95 ? 83   THR A CA  1 
ATOM   478  C  C   . THR A 1 83  ? 3.373   13.316  -6.944  1.00 22.50 ? 83   THR A C   1 
ATOM   479  O  O   . THR A 1 83  ? 3.650   13.181  -8.145  1.00 22.34 ? 83   THR A O   1 
ATOM   480  C  CB  . THR A 1 83  ? 3.600   11.543  -5.111  1.00 20.87 ? 83   THR A CB  1 
ATOM   481  O  OG1 . THR A 1 83  ? 4.024   12.525  -4.152  1.00 21.64 ? 83   THR A OG1 1 
ATOM   482  C  CG2 . THR A 1 83  ? 4.899   10.986  -5.729  1.00 19.10 ? 83   THR A CG2 1 
ATOM   483  N  N   . GLN A 1 84  ? 3.645   14.419  -6.262  1.00 23.73 ? 84   GLN A N   1 
ATOM   484  C  CA  . GLN A 1 84  ? 4.440   15.501  -6.842  1.00 24.51 ? 84   GLN A CA  1 
ATOM   485  C  C   . GLN A 1 84  ? 5.918   15.518  -6.403  1.00 25.15 ? 84   GLN A C   1 
ATOM   486  O  O   . GLN A 1 84  ? 6.704   16.242  -6.968  1.00 25.29 ? 84   GLN A O   1 
ATOM   487  C  CB  . GLN A 1 84  ? 3.818   16.833  -6.465  1.00 24.46 ? 84   GLN A CB  1 
ATOM   488  C  CG  . GLN A 1 84  ? 2.606   17.152  -7.257  1.00 25.58 ? 84   GLN A CG  1 
ATOM   489  C  CD  . GLN A 1 84  ? 2.143   18.547  -6.978  1.00 29.65 ? 84   GLN A CD  1 
ATOM   490  O  OE1 . GLN A 1 84  ? 2.968   19.423  -6.689  1.00 35.98 ? 84   GLN A OE1 1 
ATOM   491  N  NE2 . GLN A 1 84  ? 0.859   18.784  -7.085  1.00 23.73 ? 84   GLN A NE2 1 
ATOM   492  N  N   . ASN A 1 85  ? 6.276   14.757  -5.374  1.00 25.65 ? 85   ASN A N   1 
ATOM   493  C  CA  . ASN A 1 85  ? 7.653   14.690  -4.878  1.00 25.90 ? 85   ASN A CA  1 
ATOM   494  C  C   . ASN A 1 85  ? 8.017   13.250  -4.491  1.00 25.87 ? 85   ASN A C   1 
ATOM   495  O  O   . ASN A 1 85  ? 7.163   12.511  -4.002  1.00 23.94 ? 85   ASN A O   1 
ATOM   496  C  CB  . ASN A 1 85  ? 7.848   15.606  -3.676  1.00 26.03 ? 85   ASN A CB  1 
ATOM   497  C  CG  . ASN A 1 85  ? 7.632   17.089  -4.026  1.00 30.81 ? 85   ASN A CG  1 
ATOM   498  O  OD1 . ASN A 1 85  ? 6.513   17.596  -3.950  1.00 32.80 ? 85   ASN A OD1 1 
ATOM   499  N  ND2 . ASN A 1 85  ? 8.703   17.779  -4.425  1.00 31.56 ? 85   ASN A ND2 1 
ATOM   500  N  N   . ALA A 1 86  ? 9.300   12.899  -4.698  1.00 25.12 ? 86   ALA A N   1 
ATOM   501  C  CA  . ALA A 1 86  ? 9.839   11.580  -4.393  1.00 24.28 ? 86   ALA A CA  1 
ATOM   502  C  C   . ALA A 1 86  ? 9.591   11.191  -2.942  1.00 24.27 ? 86   ALA A C   1 
ATOM   503  O  O   . ALA A 1 86  ? 9.837   11.966  -2.015  1.00 24.48 ? 86   ALA A O   1 
ATOM   504  C  CB  . ALA A 1 86  ? 11.332  11.508  -4.711  1.00 23.90 ? 86   ALA A CB  1 
ATOM   505  N  N   . THR A 1 87  ? 9.132   9.962   -2.752  1.00 22.82 ? 87   THR A N   1 
ATOM   506  C  CA  . THR A 1 87  ? 8.770   9.503   -1.432  1.00 20.88 ? 87   THR A CA  1 
ATOM   507  C  C   . THR A 1 87  ? 8.833   7.987   -1.408  1.00 20.52 ? 87   THR A C   1 
ATOM   508  O  O   . THR A 1 87  ? 9.148   7.350   -2.426  1.00 21.63 ? 87   THR A O   1 
ATOM   509  C  CB  . THR A 1 87  ? 7.394   10.114  -1.021  1.00 21.27 ? 87   THR A CB  1 
ATOM   510  O  OG1 . THR A 1 87  ? 7.134   9.784   0.336   1.00 21.96 ? 87   THR A OG1 1 
ATOM   511  C  CG2 . THR A 1 87  ? 6.241   9.496   -1.785  1.00 18.39 ? 87   THR A CG2 1 
ATOM   512  N  N   . THR A 1 88  ? 8.605   7.393   -0.244  1.00 20.17 ? 88   THR A N   1 
ATOM   513  C  CA  . THR A 1 88  ? 8.722   5.951   -0.106  1.00 18.59 ? 88   THR A CA  1 
ATOM   514  C  C   . THR A 1 88  ? 7.495   5.454   0.640   1.00 18.47 ? 88   THR A C   1 
ATOM   515  O  O   . THR A 1 88  ? 6.886   6.185   1.479   1.00 17.64 ? 88   THR A O   1 
ATOM   516  C  CB  . THR A 1 88  ? 9.968   5.556   0.710   1.00 19.03 ? 88   THR A CB  1 
ATOM   517  O  OG1 . THR A 1 88  ? 9.872   6.145   2.026   1.00 21.48 ? 88   THR A OG1 1 
ATOM   518  C  CG2 . THR A 1 88  ? 11.281  6.083   0.127   1.00 16.95 ? 88   THR A CG2 1 
ATOM   519  N  N   . ILE A 1 89  ? 7.158   4.203   0.354   1.00 16.92 ? 89   ILE A N   1 
ATOM   520  C  CA  . ILE A 1 89  ? 6.154   3.475   1.113   1.00 16.32 ? 89   ILE A CA  1 
ATOM   521  C  C   . ILE A 1 89  ? 6.831   2.228   1.632   1.00 16.35 ? 89   ILE A C   1 
ATOM   522  O  O   . ILE A 1 89  ? 7.303   1.406   0.871   1.00 16.66 ? 89   ILE A O   1 
ATOM   523  C  CB  . ILE A 1 89  ? 4.949   3.104   0.198   1.00 16.27 ? 89   ILE A CB  1 
ATOM   524  C  CG1 . ILE A 1 89  ? 4.437   4.337   -0.562  1.00 17.49 ? 89   ILE A CG1 1 
ATOM   525  C  CG2 . ILE A 1 89  ? 3.855   2.320   0.997   1.00 14.37 ? 89   ILE A CG2 1 
ATOM   526  C  CD1 . ILE A 1 89  ? 3.420   4.079   -1.684  1.00 18.69 ? 89   ILE A CD1 1 
ATOM   527  N  N   . GLN A 1 90  ? 6.904   2.096   2.943   1.00 17.07 ? 90   GLN A N   1 
ATOM   528  C  CA  . GLN A 1 90  ? 7.393   0.889   3.541   1.00 17.10 ? 90   GLN A CA  1 
ATOM   529  C  C   . GLN A 1 90  ? 6.260   -0.113  3.622   1.00 17.77 ? 90   GLN A C   1 
ATOM   530  O  O   . GLN A 1 90  ? 5.113   0.253   3.885   1.00 17.88 ? 90   GLN A O   1 
ATOM   531  C  CB  . GLN A 1 90  ? 7.930   1.184   4.936   1.00 17.46 ? 90   GLN A CB  1 
ATOM   532  C  CG  . GLN A 1 90  ? 9.307   1.856   4.885   1.00 18.02 ? 90   GLN A CG  1 
ATOM   533  C  CD  . GLN A 1 90  ? 9.887   2.089   6.265   1.00 20.94 ? 90   GLN A CD  1 
ATOM   534  O  OE1 . GLN A 1 90  ? 9.160   2.074   7.252   1.00 24.49 ? 90   GLN A OE1 1 
ATOM   535  N  NE2 . GLN A 1 90  ? 11.193  2.283   6.339   1.00 19.34 ? 90   GLN A NE2 1 
ATOM   536  N  N   . VAL A 1 91  ? 6.608   -1.376  3.403   1.00 18.47 ? 91   VAL A N   1 
ATOM   537  C  CA  . VAL A 1 91  ? 5.687   -2.499  3.498   1.00 18.45 ? 91   VAL A CA  1 
ATOM   538  C  C   . VAL A 1 91  ? 6.160   -3.373  4.664   1.00 18.77 ? 91   VAL A C   1 
ATOM   539  O  O   . VAL A 1 91  ? 7.244   -3.944  4.610   1.00 18.86 ? 91   VAL A O   1 
ATOM   540  C  CB  . VAL A 1 91  ? 5.577   -3.306  2.151   1.00 18.09 ? 91   VAL A CB  1 
ATOM   541  C  CG1 . VAL A 1 91  ? 4.487   -4.370  2.283   1.00 17.82 ? 91   VAL A CG1 1 
ATOM   542  C  CG2 . VAL A 1 91  ? 5.268   -2.370  0.966   1.00 16.44 ? 91   VAL A CG2 1 
ATOM   543  N  N   . ARG A 1 92  ? 5.355   -3.432  5.723   1.00 18.85 ? 92   ARG A N   1 
ATOM   544  C  CA  . ARG A 1 92  ? 5.749   -4.058  6.983   1.00 19.96 ? 92   ARG A CA  1 
ATOM   545  C  C   . ARG A 1 92  ? 4.731   -5.082  7.465   1.00 20.79 ? 92   ARG A C   1 
ATOM   546  O  O   . ARG A 1 92  ? 3.565   -5.053  7.051   1.00 19.91 ? 92   ARG A O   1 
ATOM   547  C  CB  . ARG A 1 92  ? 5.884   -3.012  8.088   1.00 19.61 ? 92   ARG A CB  1 
ATOM   548  C  CG  . ARG A 1 92  ? 6.878   -1.924  7.849   1.00 20.52 ? 92   ARG A CG  1 
ATOM   549  C  CD  . ARG A 1 92  ? 7.295   -1.366  9.123   1.00 23.63 ? 92   ARG A CD  1 
ATOM   550  N  NE  . ARG A 1 92  ? 8.449   -0.511  9.039   1.00 28.22 ? 92   ARG A NE  1 
ATOM   551  C  CZ  . ARG A 1 92  ? 9.593   -0.736  9.651   1.00 29.47 ? 92   ARG A CZ  1 
ATOM   552  N  NH1 . ARG A 1 92  ? 9.779   -1.822  10.382  1.00 29.89 ? 92   ARG A NH1 1 
ATOM   553  N  NH2 . ARG A 1 92  ? 10.570  0.126   9.505   1.00 32.66 ? 92   ARG A NH2 1 
ATOM   554  N  N   . LEU A 1 93  ? 5.173   -5.984  8.351   1.00 22.05 ? 93   LEU A N   1 
ATOM   555  C  CA  . LEU A 1 93  ? 4.272   -6.938  8.991   1.00 23.49 ? 93   LEU A CA  1 
ATOM   556  C  C   . LEU A 1 93  ? 3.705   -6.419  10.335  1.00 25.18 ? 93   LEU A C   1 
ATOM   557  O  O   . LEU A 1 93  ? 4.448   -5.898  11.166  1.00 24.42 ? 93   LEU A O   1 
ATOM   558  C  CB  . LEU A 1 93  ? 5.006   -8.230  9.260   1.00 23.95 ? 93   LEU A CB  1 
ATOM   559  C  CG  . LEU A 1 93  ? 5.444   -9.055  8.056   1.00 25.76 ? 93   LEU A CG  1 
ATOM   560  C  CD1 . LEU A 1 93  ? 6.127   -10.306 8.568   1.00 25.13 ? 93   LEU A CD1 1 
ATOM   561  C  CD2 . LEU A 1 93  ? 4.245   -9.374  7.116   1.00 22.63 ? 93   LEU A CD2 1 
ATOM   562  N  N   . GLY A 1 94  ? 2.390   -6.552  10.536  1.00 26.20 ? 94   GLY A N   1 
ATOM   563  C  CA  . GLY A 1 94  ? 1.837   -6.462  11.885  1.00 27.07 ? 94   GLY A CA  1 
ATOM   564  C  C   . GLY A 1 94  ? 1.584   -5.038  12.324  1.00 27.59 ? 94   GLY A C   1 
ATOM   565  O  O   . GLY A 1 94  ? 0.452   -4.693  12.607  1.00 28.21 ? 94   GLY A O   1 
ATOM   566  N  N   . SER A 1 95  ? 2.617   -4.209  12.332  1.00 27.44 ? 95   SER A N   1 
ATOM   567  C  CA  . SER A 1 95  ? 2.485   -2.834  12.760  1.00 29.08 ? 95   SER A CA  1 
ATOM   568  C  C   . SER A 1 95  ? 3.537   -1.991  12.072  1.00 28.61 ? 95   SER A C   1 
ATOM   569  O  O   . SER A 1 95  ? 4.401   -2.529  11.386  1.00 28.71 ? 95   SER A O   1 
ATOM   570  C  CB  . SER A 1 95  ? 2.633   -2.742  14.298  1.00 30.11 ? 95   SER A CB  1 
ATOM   571  O  OG  . SER A 1 95  ? 3.996   -2.896  14.686  1.00 33.19 ? 95   SER A OG  1 
ATOM   572  N  N   . PRO A 1 96  ? 3.471   -0.668  12.237  1.00 28.85 ? 96   PRO A N   1 
ATOM   573  C  CA  . PRO A 1 96  ? 4.519   0.230   11.742  1.00 28.97 ? 96   PRO A CA  1 
ATOM   574  C  C   . PRO A 1 96  ? 5.970   -0.079  12.241  1.00 29.31 ? 96   PRO A C   1 
ATOM   575  O  O   . PRO A 1 96  ? 6.955   0.371   11.633  1.00 29.35 ? 96   PRO A O   1 
ATOM   576  C  CB  . PRO A 1 96  ? 4.061   1.597   12.248  1.00 28.69 ? 96   PRO A CB  1 
ATOM   577  C  CG  . PRO A 1 96  ? 2.642   1.465   12.389  1.00 28.73 ? 96   PRO A CG  1 
ATOM   578  C  CD  . PRO A 1 96  ? 2.360   0.082   12.864  1.00 29.10 ? 96   PRO A CD  1 
ATOM   579  N  N   . SER A 1 97  ? 6.080   -0.830  13.330  1.00 29.29 ? 97   SER A N   1 
ATOM   580  C  CA  . SER A 1 97  ? 7.379   -1.208  13.865  1.00 29.54 ? 97   SER A CA  1 
ATOM   581  C  C   . SER A 1 97  ? 7.704   -2.687  13.583  1.00 28.61 ? 97   SER A C   1 
ATOM   582  O  O   . SER A 1 97  ? 8.751   -3.165  13.987  1.00 29.05 ? 97   SER A O   1 
ATOM   583  C  CB  . SER A 1 97  ? 7.437   -0.912  15.381  1.00 29.81 ? 97   SER A CB  1 
ATOM   584  O  OG  . SER A 1 97  ? 7.234   0.486   15.635  1.00 30.04 ? 97   SER A OG  1 
ATOM   585  N  N   . GLY A 1 98  ? 6.812   -3.397  12.893  1.00 26.69 ? 98   GLY A N   1 
ATOM   586  C  CA  . GLY A 1 98  ? 7.032   -4.801  12.558  1.00 24.91 ? 98   GLY A CA  1 
ATOM   587  C  C   . GLY A 1 98  ? 8.089   -4.966  11.474  1.00 23.05 ? 98   GLY A C   1 
ATOM   588  O  O   . GLY A 1 98  ? 8.638   -4.006  10.980  1.00 21.34 ? 98   GLY A O   1 
ATOM   589  N  N   . THR A 1 99  ? 8.363   -6.209  11.114  1.00 22.87 ? 99   THR A N   1 
ATOM   590  C  CA  . THR A 1 99  ? 9.345   -6.536  10.089  1.00 22.39 ? 99   THR A CA  1 
ATOM   591  C  C   . THR A 1 99  ? 9.115   -5.754  8.783   1.00 21.55 ? 99   THR A C   1 
ATOM   592  O  O   . THR A 1 99  ? 8.013   -5.726  8.269   1.00 19.92 ? 99   THR A O   1 
ATOM   593  C  CB  . THR A 1 99  ? 9.279   -8.046  9.838   1.00 22.75 ? 99   THR A CB  1 
ATOM   594  O  OG1 . THR A 1 99  ? 9.560   -8.730  11.068  1.00 23.77 ? 99   THR A OG1 1 
ATOM   595  C  CG2 . THR A 1 99  ? 10.393  -8.506  8.887   1.00 21.74 ? 99   THR A CG2 1 
ATOM   596  N  N   . LEU A 1 100 ? 10.177  -5.123  8.285   1.00 21.38 ? 100  LEU A N   1 
ATOM   597  C  CA  . LEU A 1 100 ? 10.189  -4.421  7.004   1.00 21.13 ? 100  LEU A CA  1 
ATOM   598  C  C   . LEU A 1 100 ? 10.388  -5.441  5.887   1.00 21.19 ? 100  LEU A C   1 
ATOM   599  O  O   . LEU A 1 100 ? 11.408  -6.121  5.849   1.00 21.67 ? 100  LEU A O   1 
ATOM   600  C  CB  . LEU A 1 100 ? 11.302  -3.359  6.986   1.00 21.23 ? 100  LEU A CB  1 
ATOM   601  C  CG  . LEU A 1 100 ? 11.416  -2.521  5.685   1.00 20.67 ? 100  LEU A CG  1 
ATOM   602  C  CD1 . LEU A 1 100 ? 10.172  -1.672  5.405   1.00 15.47 ? 100  LEU A CD1 1 
ATOM   603  C  CD2 . LEU A 1 100 ? 12.714  -1.676  5.732   1.00 21.27 ? 100  LEU A CD2 1 
ATOM   604  N  N   . LEU A 1 101 ? 9.395   -5.587  5.014   1.00 20.49 ? 101  LEU A N   1 
ATOM   605  C  CA  . LEU A 1 101 ? 9.464   -6.544  3.901   1.00 20.00 ? 101  LEU A CA  1 
ATOM   606  C  C   . LEU A 1 101 ? 10.118  -5.921  2.697   1.00 19.51 ? 101  LEU A C   1 
ATOM   607  O  O   . LEU A 1 101 ? 10.746  -6.606  1.893   1.00 18.69 ? 101  LEU A O   1 
ATOM   608  C  CB  . LEU A 1 101 ? 8.061   -7.001  3.469   1.00 19.91 ? 101  LEU A CB  1 
ATOM   609  C  CG  . LEU A 1 101 ? 7.203   -7.605  4.579   1.00 20.52 ? 101  LEU A CG  1 
ATOM   610  C  CD1 . LEU A 1 101 ? 5.829   -8.010  4.009   1.00 20.56 ? 101  LEU A CD1 1 
ATOM   611  C  CD2 . LEU A 1 101 ? 7.959   -8.779  5.145   1.00 17.75 ? 101  LEU A CD2 1 
ATOM   612  N  N   . GLY A 1 102 ? 9.925   -4.615  2.549   1.00 19.26 ? 102  GLY A N   1 
ATOM   613  C  CA  . GLY A 1 102 ? 10.470  -3.923  1.397   1.00 19.00 ? 102  GLY A CA  1 
ATOM   614  C  C   . GLY A 1 102 ? 10.035  -2.476  1.407   1.00 18.93 ? 102  GLY A C   1 
ATOM   615  O  O   . GLY A 1 102 ? 9.153   -2.084  2.192   1.00 17.20 ? 102  GLY A O   1 
ATOM   616  N  N   . THR A 1 103 ? 10.636  -1.708  0.501   1.00 17.39 ? 103  THR A N   1 
ATOM   617  C  CA  . THR A 1 103 ? 10.316  -0.310  0.358   1.00 18.43 ? 103  THR A CA  1 
ATOM   618  C  C   . THR A 1 103 ? 10.049  0.015   -1.097  1.00 18.17 ? 103  THR A C   1 
ATOM   619  O  O   . THR A 1 103 ? 10.895  -0.243  -1.961  1.00 18.87 ? 103  THR A O   1 
ATOM   620  C  CB  . THR A 1 103 ? 11.512  0.555   0.896   1.00 17.52 ? 103  THR A CB  1 
ATOM   621  O  OG1 . THR A 1 103 ? 11.738  0.210   2.253   1.00 19.73 ? 103  THR A OG1 1 
ATOM   622  C  CG2 . THR A 1 103 ? 11.157  2.024   0.973   1.00 18.36 ? 103  THR A CG2 1 
ATOM   623  N  N   . ILE A 1 104 ? 8.904   0.640   -1.353  1.00 19.00 ? 104  ILE A N   1 
ATOM   624  C  CA  . ILE A 1 104 ? 8.584   1.176   -2.679  1.00 19.19 ? 104  ILE A CA  1 
ATOM   625  C  C   . ILE A 1 104 ? 9.110   2.618   -2.762  1.00 19.42 ? 104  ILE A C   1 
ATOM   626  O  O   . ILE A 1 104 ? 8.712   3.448   -1.979  1.00 18.19 ? 104  ILE A O   1 
ATOM   627  C  CB  . ILE A 1 104 ? 7.028   1.166   -2.933  1.00 19.39 ? 104  ILE A CB  1 
ATOM   628  C  CG1 . ILE A 1 104 ? 6.410   -0.198  -2.569  1.00 18.91 ? 104  ILE A CG1 1 
ATOM   629  C  CG2 . ILE A 1 104 ? 6.746   1.521   -4.385  1.00 17.42 ? 104  ILE A CG2 1 
ATOM   630  C  CD1 . ILE A 1 104 ? 4.902   -0.298  -2.890  1.00 15.52 ? 104  ILE A CD1 1 
ATOM   631  N  N   . TYR A 1 105 ? 9.963   2.901   -3.747  1.00 19.63 ? 105  TYR A N   1 
ATOM   632  C  CA  . TYR A 1 105 ? 10.550  4.225   -3.944  1.00 19.51 ? 105  TYR A CA  1 
ATOM   633  C  C   . TYR A 1 105 ? 9.722   4.897   -5.001  1.00 19.34 ? 105  TYR A C   1 
ATOM   634  O  O   . TYR A 1 105 ? 9.789   4.552   -6.161  1.00 19.45 ? 105  TYR A O   1 
ATOM   635  C  CB  . TYR A 1 105 ? 12.041  4.116   -4.373  1.00 19.84 ? 105  TYR A CB  1 
ATOM   636  C  CG  . TYR A 1 105 ? 12.875  3.642   -3.208  1.00 18.48 ? 105  TYR A CG  1 
ATOM   637  C  CD1 . TYR A 1 105 ? 13.332  4.544   -2.237  1.00 18.94 ? 105  TYR A CD1 1 
ATOM   638  C  CD2 . TYR A 1 105 ? 13.143  2.292   -3.034  1.00 18.20 ? 105  TYR A CD2 1 
ATOM   639  C  CE1 . TYR A 1 105 ? 14.030  4.102   -1.116  1.00 17.09 ? 105  TYR A CE1 1 
ATOM   640  C  CE2 . TYR A 1 105 ? 13.842  1.841   -1.930  1.00 18.62 ? 105  TYR A CE2 1 
ATOM   641  C  CZ  . TYR A 1 105 ? 14.272  2.748   -0.976  1.00 19.15 ? 105  TYR A CZ  1 
ATOM   642  O  OH  . TYR A 1 105 ? 14.956  2.294   0.108   1.00 18.50 ? 105  TYR A OH  1 
ATOM   643  N  N   . VAL A 1 106 ? 8.900   5.841   -4.584  1.00 20.35 ? 106  VAL A N   1 
ATOM   644  C  CA  . VAL A 1 106 ? 7.987   6.472   -5.512  1.00 20.70 ? 106  VAL A CA  1 
ATOM   645  C  C   . VAL A 1 106 ? 8.593   7.814   -5.968  1.00 22.39 ? 106  VAL A C   1 
ATOM   646  O  O   . VAL A 1 106 ? 8.788   8.722   -5.144  1.00 23.68 ? 106  VAL A O   1 
ATOM   647  C  CB  . VAL A 1 106 ? 6.598   6.683   -4.892  1.00 20.08 ? 106  VAL A CB  1 
ATOM   648  C  CG1 . VAL A 1 106 ? 5.646   7.181   -5.975  1.00 18.34 ? 106  VAL A CG1 1 
ATOM   649  C  CG2 . VAL A 1 106 ? 6.084   5.398   -4.223  1.00 19.02 ? 106  VAL A CG2 1 
ATOM   650  N  N   . GLY A 1 107 ? 8.922   7.911   -7.262  1.00 22.52 ? 107  GLY A N   1 
ATOM   651  C  CA  . GLY A 1 107 ? 9.281   9.184   -7.856  1.00 23.62 ? 107  GLY A CA  1 
ATOM   652  C  C   . GLY A 1 107 ? 8.064   10.024  -8.224  1.00 23.93 ? 107  GLY A C   1 
ATOM   653  O  O   . GLY A 1 107 ? 6.949   9.503   -8.391  1.00 24.26 ? 107  GLY A O   1 
ATOM   654  N  N   . SER A 1 108 ? 8.273   11.327  -8.381  1.00 23.42 ? 108  SER A N   1 
ATOM   655  C  CA  . SER A 1 108 ? 7.195   12.204  -8.790  1.00 23.23 ? 108  SER A CA  1 
ATOM   656  C  C   . SER A 1 108 ? 6.570   11.715  -10.120 1.00 23.52 ? 108  SER A C   1 
ATOM   657  O  O   . SER A 1 108 ? 7.296   11.321  -11.046 1.00 22.90 ? 108  SER A O   1 
ATOM   658  C  CB  . SER A 1 108 ? 7.707   13.646  -8.927  1.00 23.94 ? 108  SER A CB  1 
ATOM   659  O  OG  . SER A 1 108 ? 6.774   14.401  -9.656  1.00 25.68 ? 108  SER A OG  1 
ATOM   660  N  N   . THR A 1 109 ? 5.230   11.685  -10.157 1.00 22.28 ? 109  THR A N   1 
ATOM   661  C  CA  . THR A 1 109 ? 4.452   11.386  -11.342 1.00 22.36 ? 109  THR A CA  1 
ATOM   662  C  C   . THR A 1 109 ? 3.965   12.685  -12.036 1.00 22.98 ? 109  THR A C   1 
ATOM   663  O  O   . THR A 1 109 ? 3.304   12.633  -13.086 1.00 23.26 ? 109  THR A O   1 
ATOM   664  C  CB  . THR A 1 109 ? 3.228   10.459  -11.012 1.00 22.07 ? 109  THR A CB  1 
ATOM   665  O  OG1 . THR A 1 109 ? 2.332   11.118  -10.091 1.00 22.59 ? 109  THR A OG1 1 
ATOM   666  C  CG2 . THR A 1 109 ? 3.666   9.227   -10.265 1.00 20.73 ? 109  THR A CG2 1 
ATOM   667  N  N   . GLY A 1 110 ? 4.299   13.832  -11.450 1.00 22.99 ? 110  GLY A N   1 
ATOM   668  C  CA  . GLY A 1 110 ? 3.942   15.118  -12.015 1.00 23.34 ? 110  GLY A CA  1 
ATOM   669  C  C   . GLY A 1 110 ? 2.653   15.723  -11.471 1.00 23.29 ? 110  GLY A C   1 
ATOM   670  O  O   . GLY A 1 110 ? 2.417   16.923  -11.625 1.00 22.62 ? 110  GLY A O   1 
ATOM   671  N  N   . SER A 1 111 ? 1.809   14.895  -10.850 1.00 22.97 ? 111  SER A N   1 
ATOM   672  C  CA  . SER A 1 111 ? 0.559   15.382  -10.264 1.00 21.75 ? 111  SER A CA  1 
ATOM   673  C  C   . SER A 1 111 ? -0.106  14.351  -9.339  1.00 22.29 ? 111  SER A C   1 
ATOM   674  O  O   . SER A 1 111 ? 0.030   13.143  -9.537  1.00 21.83 ? 111  SER A O   1 
ATOM   675  C  CB  . SER A 1 111 ? -0.368  15.868  -11.371 1.00 21.44 ? 111  SER A CB  1 
ATOM   676  O  OG  . SER A 1 111 ? -1.623  15.269  -11.331 1.00 24.33 ? 111  SER A OG  1 
ATOM   677  N  N   . PHE A 1 112 ? -0.819  14.823  -8.316  1.00 21.69 ? 112  PHE A N   1 
ATOM   678  C  CA  . PHE A 1 112 ? -1.583  13.913  -7.475  1.00 21.54 ? 112  PHE A CA  1 
ATOM   679  C  C   . PHE A 1 112 ? -2.732  13.187  -8.171  1.00 21.76 ? 112  PHE A C   1 
ATOM   680  O  O   . PHE A 1 112 ? -3.421  12.405  -7.528  1.00 21.98 ? 112  PHE A O   1 
ATOM   681  C  CB  . PHE A 1 112 ? -2.067  14.602  -6.201  1.00 20.90 ? 112  PHE A CB  1 
ATOM   682  C  CG  . PHE A 1 112 ? -0.980  14.806  -5.199  1.00 20.96 ? 112  PHE A CG  1 
ATOM   683  C  CD1 . PHE A 1 112 ? -0.481  13.731  -4.477  1.00 21.43 ? 112  PHE A CD1 1 
ATOM   684  C  CD2 . PHE A 1 112 ? -0.444  16.081  -4.991  1.00 20.88 ? 112  PHE A CD2 1 
ATOM   685  C  CE1 . PHE A 1 112 ? 0.533   13.920  -3.548  1.00 24.00 ? 112  PHE A CE1 1 
ATOM   686  C  CE2 . PHE A 1 112 ? 0.606   16.282  -4.059  1.00 21.57 ? 112  PHE A CE2 1 
ATOM   687  C  CZ  . PHE A 1 112 ? 1.081   15.204  -3.341  1.00 23.67 ? 112  PHE A CZ  1 
ATOM   688  N  N   . ASP A 1 113 ? -2.939  13.448  -9.457  1.00 21.81 ? 113  ASP A N   1 
ATOM   689  C  CA  . ASP A 1 113 ? -3.955  12.718  -10.227 1.00 22.17 ? 113  ASP A CA  1 
ATOM   690  C  C   . ASP A 1 113 ? -3.367  12.112  -11.522 1.00 21.69 ? 113  ASP A C   1 
ATOM   691  O  O   . ASP A 1 113 ? -4.074  11.831  -12.479 1.00 21.24 ? 113  ASP A O   1 
ATOM   692  C  CB  . ASP A 1 113 ? -5.220  13.554  -10.487 1.00 21.87 ? 113  ASP A CB  1 
ATOM   693  C  CG  . ASP A 1 113 ? -6.417  12.687  -10.960 1.00 24.64 ? 113  ASP A CG  1 
ATOM   694  O  OD1 . ASP A 1 113 ? -6.545  11.509  -10.518 1.00 24.85 ? 113  ASP A OD1 1 
ATOM   695  O  OD2 . ASP A 1 113 ? -7.283  13.098  -11.775 1.00 23.73 ? 113  ASP A OD2 1 
ATOM   696  N  N   . THR A 1 114 ? -2.062  11.905  -11.515 1.00 21.27 ? 114  THR A N   1 
ATOM   697  C  CA  . THR A 1 114 ? -1.413  11.101  -12.540 1.00 21.74 ? 114  THR A CA  1 
ATOM   698  C  C   . THR A 1 114 ? -0.867  9.878   -11.841 1.00 21.49 ? 114  THR A C   1 
ATOM   699  O  O   . THR A 1 114 ? 0.130   9.981   -11.132 1.00 22.00 ? 114  THR A O   1 
ATOM   700  C  CB  . THR A 1 114 ? -0.255  11.947  -13.188 1.00 21.60 ? 114  THR A CB  1 
ATOM   701  O  OG1 . THR A 1 114 ? -0.789  13.212  -13.608 1.00 21.32 ? 114  THR A OG1 1 
ATOM   702  C  CG2 . THR A 1 114 ? 0.302   11.274  -14.464 1.00 21.36 ? 114  THR A CG2 1 
ATOM   703  N  N   . TYR A 1 115 ? -1.538  8.743   -12.014 1.00 21.54 ? 115  TYR A N   1 
ATOM   704  C  CA  . TYR A 1 115 ? -1.154  7.488   -11.361 1.00 21.47 ? 115  TYR A CA  1 
ATOM   705  C  C   . TYR A 1 115 ? -0.244  6.651   -12.224 1.00 22.15 ? 115  TYR A C   1 
ATOM   706  O  O   . TYR A 1 115 ? -0.412  6.570   -13.446 1.00 21.91 ? 115  TYR A O   1 
ATOM   707  C  CB  . TYR A 1 115 ? -2.388  6.679   -10.924 1.00 20.99 ? 115  TYR A CB  1 
ATOM   708  C  CG  . TYR A 1 115 ? -3.114  7.349   -9.768  1.00 21.01 ? 115  TYR A CG  1 
ATOM   709  C  CD1 . TYR A 1 115 ? -3.977  8.422   -9.994  1.00 20.45 ? 115  TYR A CD1 1 
ATOM   710  C  CD2 . TYR A 1 115 ? -2.878  6.964   -8.438  1.00 18.89 ? 115  TYR A CD2 1 
ATOM   711  C  CE1 . TYR A 1 115 ? -4.610  9.065   -8.938  1.00 19.28 ? 115  TYR A CE1 1 
ATOM   712  C  CE2 . TYR A 1 115 ? -3.525  7.605   -7.374  1.00 14.81 ? 115  TYR A CE2 1 
ATOM   713  C  CZ  . TYR A 1 115 ? -4.381  8.642   -7.633  1.00 16.76 ? 115  TYR A CZ  1 
ATOM   714  O  OH  . TYR A 1 115 ? -5.046  9.277   -6.601  1.00 17.74 ? 115  TYR A OH  1 
ATOM   715  N  N   . ARG A 1 116 ? 0.728   6.039   -11.564 1.00 22.21 ? 116  ARG A N   1 
ATOM   716  C  CA  . ARG A 1 116 ? 1.660   5.121   -12.186 1.00 23.68 ? 116  ARG A CA  1 
ATOM   717  C  C   . ARG A 1 116 ? 1.796   3.892   -11.285 1.00 22.85 ? 116  ARG A C   1 
ATOM   718  O  O   . ARG A 1 116 ? 1.621   3.986   -10.056 1.00 21.83 ? 116  ARG A O   1 
ATOM   719  C  CB  . ARG A 1 116 ? 3.038   5.786   -12.373 1.00 23.45 ? 116  ARG A CB  1 
ATOM   720  C  CG  . ARG A 1 116 ? 3.086   6.863   -13.473 1.00 28.01 ? 116  ARG A CG  1 
ATOM   721  C  CD  . ARG A 1 116 ? 2.310   6.527   -14.764 1.00 34.51 ? 116  ARG A CD  1 
ATOM   722  N  NE  . ARG A 1 116 ? 2.397   7.619   -15.731 1.00 39.27 ? 116  ARG A NE  1 
ATOM   723  C  CZ  . ARG A 1 116 ? 1.359   8.210   -16.326 1.00 42.18 ? 116  ARG A CZ  1 
ATOM   724  N  NH1 . ARG A 1 116 ? 0.107   7.818   -16.078 1.00 44.26 ? 116  ARG A NH1 1 
ATOM   725  N  NH2 . ARG A 1 116 ? 1.581   9.204   -17.184 1.00 41.43 ? 116  ARG A NH2 1 
ATOM   726  N  N   . ASP A 1 117 ? 2.105   2.753   -11.904 1.00 22.80 ? 117  ASP A N   1 
ATOM   727  C  CA  . ASP A 1 117 ? 2.357   1.505   -11.165 1.00 22.36 ? 117  ASP A CA  1 
ATOM   728  C  C   . ASP A 1 117 ? 3.821   1.459   -10.800 1.00 22.60 ? 117  ASP A C   1 
ATOM   729  O  O   . ASP A 1 117 ? 4.678   1.549   -11.686 1.00 21.65 ? 117  ASP A O   1 
ATOM   730  C  CB  . ASP A 1 117 ? 2.016   0.299   -12.005 1.00 22.96 ? 117  ASP A CB  1 
ATOM   731  C  CG  . ASP A 1 117 ? 0.554   0.137   -12.190 1.00 22.56 ? 117  ASP A CG  1 
ATOM   732  O  OD1 . ASP A 1 117 ? -0.231  0.973   -11.690 1.00 23.74 ? 117  ASP A OD1 1 
ATOM   733  O  OD2 . ASP A 1 117 ? 0.086   -0.818  -12.823 1.00 26.96 ? 117  ASP A OD2 1 
ATOM   734  N  N   . VAL A 1 118 ? 4.110   1.369   -9.499  1.00 21.19 ? 118  VAL A N   1 
ATOM   735  C  CA  . VAL A 1 118 ? 5.483   1.337   -9.024  1.00 21.06 ? 118  VAL A CA  1 
ATOM   736  C  C   . VAL A 1 118 ? 5.716   0.052   -8.213  1.00 20.71 ? 118  VAL A C   1 
ATOM   737  O  O   . VAL A 1 118 ? 4.951   -0.253  -7.292  1.00 21.13 ? 118  VAL A O   1 
ATOM   738  C  CB  . VAL A 1 118 ? 5.863   2.638   -8.209  1.00 21.71 ? 118  VAL A CB  1 
ATOM   739  C  CG1 . VAL A 1 118 ? 7.354   2.618   -7.798  1.00 19.84 ? 118  VAL A CG1 1 
ATOM   740  C  CG2 . VAL A 1 118 ? 5.579   3.924   -9.039  1.00 20.05 ? 118  VAL A CG2 1 
ATOM   741  N  N   . SER A 1 119 ? 6.767   -0.689  -8.543  1.00 19.84 ? 119  SER A N   1 
ATOM   742  C  CA  . SER A 1 119 ? 7.040   -1.987  -7.893  1.00 19.89 ? 119  SER A CA  1 
ATOM   743  C  C   . SER A 1 119 ? 8.312   -2.015  -7.044  1.00 19.61 ? 119  SER A C   1 
ATOM   744  O  O   . SER A 1 119 ? 9.194   -1.174  -7.189  1.00 19.87 ? 119  SER A O   1 
ATOM   745  C  CB  . SER A 1 119 ? 7.107   -3.132  -8.933  1.00 19.63 ? 119  SER A CB  1 
ATOM   746  O  OG  . SER A 1 119 ? 5.934   -3.195  -9.731  1.00 21.18 ? 119  SER A OG  1 
ATOM   747  N  N   . ALA A 1 120 ? 8.414   -3.027  -6.189  1.00 19.49 ? 120  ALA A N   1 
ATOM   748  C  CA  . ALA A 1 120 ? 9.603   -3.276  -5.370  1.00 19.15 ? 120  ALA A CA  1 
ATOM   749  C  C   . ALA A 1 120 ? 9.593   -4.771  -5.059  1.00 19.44 ? 120  ALA A C   1 
ATOM   750  O  O   . ALA A 1 120 ? 8.524   -5.398  -5.032  1.00 19.24 ? 120  ALA A O   1 
ATOM   751  C  CB  . ALA A 1 120 ? 9.566   -2.456  -4.067  1.00 17.83 ? 120  ALA A CB  1 
ATOM   752  N  N   . THR A 1 121 ? 10.771  -5.341  -4.825  1.00 19.33 ? 121  THR A N   1 
ATOM   753  C  CA  . THR A 1 121 ? 10.846  -6.693  -4.278  1.00 20.18 ? 121  THR A CA  1 
ATOM   754  C  C   . THR A 1 121 ? 10.560  -6.636  -2.749  1.00 19.57 ? 121  THR A C   1 
ATOM   755  O  O   . THR A 1 121 ? 10.758  -5.611  -2.100  1.00 19.93 ? 121  THR A O   1 
ATOM   756  C  CB  . THR A 1 121 ? 12.200  -7.356  -4.525  1.00 19.03 ? 121  THR A CB  1 
ATOM   757  O  OG1 . THR A 1 121 ? 13.169  -6.704  -3.691  1.00 20.46 ? 121  THR A OG1 1 
ATOM   758  C  CG2 . THR A 1 121 ? 12.720  -7.096  -5.971  1.00 22.47 ? 121  THR A CG2 1 
ATOM   759  N  N   . ILE A 1 122 ? 10.138  -7.768  -2.206  1.00 18.77 ? 122  ILE A N   1 
ATOM   760  C  CA  . ILE A 1 122 ? 9.914   -7.941  -0.783  1.00 18.47 ? 122  ILE A CA  1 
ATOM   761  C  C   . ILE A 1 122 ? 10.516  -9.281  -0.386  1.00 18.62 ? 122  ILE A C   1 
ATOM   762  O  O   . ILE A 1 122 ? 10.604  -10.176 -1.226  1.00 17.19 ? 122  ILE A O   1 
ATOM   763  C  CB  . ILE A 1 122 ? 8.353   -7.833  -0.408  1.00 17.82 ? 122  ILE A CB  1 
ATOM   764  C  CG1 . ILE A 1 122 ? 7.446   -8.815  -1.167  1.00 16.08 ? 122  ILE A CG1 1 
ATOM   765  C  CG2 . ILE A 1 122 ? 7.830   -6.430  -0.617  1.00 17.30 ? 122  ILE A CG2 1 
ATOM   766  C  CD1 . ILE A 1 122 ? 6.201   -9.307  -0.336  1.00 11.01 ? 122  ILE A CD1 1 
ATOM   767  N  N   . SER A 1 123 ? 10.996  -9.392  0.865   1.00 19.62 ? 123  SER A N   1 
ATOM   768  C  CA  . SER A 1 123 ? 11.297  -10.690 1.478   1.00 20.22 ? 123  SER A CA  1 
ATOM   769  C  C   . SER A 1 123 ? 10.122  -11.600 1.210   1.00 19.69 ? 123  SER A C   1 
ATOM   770  O  O   . SER A 1 123 ? 8.958   -11.172 1.352   1.00 19.16 ? 123  SER A O   1 
ATOM   771  C  CB  . SER A 1 123 ? 11.419  -10.597 2.990   1.00 20.70 ? 123  SER A CB  1 
ATOM   772  O  OG  . SER A 1 123 ? 12.367  -9.641  3.371   1.00 24.16 ? 123  SER A OG  1 
ATOM   773  N  N   . ASN A 1 124 ? 10.438  -12.840 0.835   1.00 19.36 ? 124  ASN A N   1 
ATOM   774  C  CA  . ASN A 1 124 ? 9.444   -13.853 0.599   1.00 19.76 ? 124  ASN A CA  1 
ATOM   775  C  C   . ASN A 1 124 ? 8.526   -13.964 1.804   1.00 18.20 ? 124  ASN A C   1 
ATOM   776  O  O   . ASN A 1 124 ? 8.995   -14.271 2.888   1.00 18.25 ? 124  ASN A O   1 
ATOM   777  C  CB  . ASN A 1 124 ? 10.108  -15.216 0.342   1.00 20.63 ? 124  ASN A CB  1 
ATOM   778  C  CG  . ASN A 1 124 ? 9.069   -16.309 -0.026  1.00 24.44 ? 124  ASN A CG  1 
ATOM   779  O  OD1 . ASN A 1 124 ? 8.235   -16.110 -0.902  1.00 29.05 ? 124  ASN A OD1 1 
ATOM   780  N  ND2 . ASN A 1 124 ? 9.107   -17.442 0.676   1.00 29.86 ? 124  ASN A ND2 1 
ATOM   781  N  N   . THR A 1 125 ? 7.230   -13.745 1.584   1.00 17.31 ? 125  THR A N   1 
ATOM   782  C  CA  . THR A 1 125 ? 6.212   -13.731 2.622   1.00 16.24 ? 125  THR A CA  1 
ATOM   783  C  C   . THR A 1 125 ? 5.118   -14.722 2.212   1.00 16.91 ? 125  THR A C   1 
ATOM   784  O  O   . THR A 1 125 ? 4.636   -14.676 1.085   1.00 16.69 ? 125  THR A O   1 
ATOM   785  C  CB  . THR A 1 125 ? 5.637   -12.283 2.664   1.00 16.92 ? 125  THR A CB  1 
ATOM   786  O  OG1 . THR A 1 125 ? 6.713   -11.380 2.937   1.00 16.83 ? 125  THR A OG1 1 
ATOM   787  C  CG2 . THR A 1 125 ? 4.615   -12.054 3.808   1.00 13.03 ? 125  THR A CG2 1 
ATOM   788  N  N   . ALA A 1 126 ? 4.717   -15.579 3.142   1.00 16.85 ? 126  ALA A N   1 
ATOM   789  C  CA  . ALA A 1 126 ? 3.743   -16.642 2.910   1.00 17.61 ? 126  ALA A CA  1 
ATOM   790  C  C   . ALA A 1 126 ? 2.684   -16.673 4.028   1.00 17.61 ? 126  ALA A C   1 
ATOM   791  O  O   . ALA A 1 126 ? 2.854   -16.042 5.066   1.00 18.54 ? 126  ALA A O   1 
ATOM   792  C  CB  . ALA A 1 126 ? 4.464   -18.005 2.821   1.00 17.77 ? 126  ALA A CB  1 
ATOM   793  N  N   . GLY A 1 127 ? 1.585   -17.368 3.779   1.00 18.40 ? 127  GLY A N   1 
ATOM   794  C  CA  . GLY A 1 127 ? 0.471   -17.521 4.728   1.00 18.13 ? 127  GLY A CA  1 
ATOM   795  C  C   . GLY A 1 127 ? -0.258  -16.217 5.001   1.00 19.32 ? 127  GLY A C   1 
ATOM   796  O  O   . GLY A 1 127 ? -0.134  -15.254 4.250   1.00 18.45 ? 127  GLY A O   1 
ATOM   797  N  N   . VAL A 1 128 ? -0.979  -16.164 6.117   1.00 19.20 ? 128  VAL A N   1 
ATOM   798  C  CA  . VAL A 1 128 ? -1.853  -15.035 6.385   1.00 20.62 ? 128  VAL A CA  1 
ATOM   799  C  C   . VAL A 1 128 ? -1.184  -13.999 7.267   1.00 21.13 ? 128  VAL A C   1 
ATOM   800  O  O   . VAL A 1 128 ? -0.758  -14.332 8.393   1.00 21.74 ? 128  VAL A O   1 
ATOM   801  C  CB  . VAL A 1 128 ? -3.224  -15.470 6.978   1.00 20.83 ? 128  VAL A CB  1 
ATOM   802  C  CG1 . VAL A 1 128 ? -4.120  -14.220 7.185   1.00 20.11 ? 128  VAL A CG1 1 
ATOM   803  C  CG2 . VAL A 1 128 ? -3.900  -16.455 6.009   1.00 21.55 ? 128  VAL A CG2 1 
ATOM   804  N  N   . LYS A 1 129 ? -1.097  -12.754 6.749   1.00 20.68 ? 129  LYS A N   1 
ATOM   805  C  CA  . LYS A 1 129 ? -0.416  -11.658 7.422   1.00 20.38 ? 129  LYS A CA  1 
ATOM   806  C  C   . LYS A 1 129 ? -1.228  -10.367 7.466   1.00 20.47 ? 129  LYS A C   1 
ATOM   807  O  O   . LYS A 1 129 ? -2.040  -10.078 6.585   1.00 20.49 ? 129  LYS A O   1 
ATOM   808  C  CB  . LYS A 1 129 ? 0.942   -11.323 6.763   1.00 21.02 ? 129  LYS A CB  1 
ATOM   809  C  CG  . LYS A 1 129 ? 1.977   -12.453 6.640   1.00 22.66 ? 129  LYS A CG  1 
ATOM   810  C  CD  . LYS A 1 129 ? 2.489   -12.961 7.969   1.00 25.64 ? 129  LYS A CD  1 
ATOM   811  C  CE  . LYS A 1 129 ? 3.792   -13.784 7.803   1.00 27.13 ? 129  LYS A CE  1 
ATOM   812  N  NZ  . LYS A 1 129 ? 3.475   -15.295 7.731   1.00 31.82 ? 129  LYS A NZ  1 
ATOM   813  N  N   . ASP A 1 130 ? -0.961  -9.570  8.495   1.00 20.10 ? 130  ASP A N   1 
ATOM   814  C  CA  . ASP A 1 130 ? -1.377  -8.186  8.535   1.00 19.61 ? 130  ASP A CA  1 
ATOM   815  C  C   . ASP A 1 130 ? -0.330  -7.310  7.908   1.00 19.07 ? 130  ASP A C   1 
ATOM   816  O  O   . ASP A 1 130 ? 0.839   -7.360  8.306   1.00 19.61 ? 130  ASP A O   1 
ATOM   817  C  CB  . ASP A 1 130 ? -1.623  -7.739  9.960   1.00 19.07 ? 130  ASP A CB  1 
ATOM   818  C  CG  . ASP A 1 130 ? -2.773  -8.493  10.610  1.00 19.67 ? 130  ASP A CG  1 
ATOM   819  O  OD1 . ASP A 1 130 ? -3.576  -9.215  9.943   1.00 22.50 ? 130  ASP A OD1 1 
ATOM   820  O  OD2 . ASP A 1 130 ? -2.909  -8.449  11.822  1.00 23.13 ? 130  ASP A OD2 1 
ATOM   821  N  N   . ILE A 1 131 ? -0.751  -6.507  6.929   1.00 18.89 ? 131  ILE A N   1 
ATOM   822  C  CA  . ILE A 1 131 ? 0.181   -5.645  6.178   1.00 18.17 ? 131  ILE A CA  1 
ATOM   823  C  C   . ILE A 1 131 ? -0.008  -4.180  6.548   1.00 18.17 ? 131  ILE A C   1 
ATOM   824  O  O   . ILE A 1 131 ? -1.130  -3.657  6.598   1.00 15.98 ? 131  ILE A O   1 
ATOM   825  C  CB  . ILE A 1 131 ? 0.050   -5.824  4.620   1.00 18.42 ? 131  ILE A CB  1 
ATOM   826  C  CG1 . ILE A 1 131 ? 0.499   -7.220  4.208   1.00 17.32 ? 131  ILE A CG1 1 
ATOM   827  C  CG2 . ILE A 1 131 ? 0.972   -4.803  3.850   1.00 17.33 ? 131  ILE A CG2 1 
ATOM   828  C  CD1 . ILE A 1 131 ? 2.053   -7.472  4.379   1.00 13.86 ? 131  ILE A CD1 1 
ATOM   829  N  N   . VAL A 1 132 ? 1.120   -3.529  6.781   1.00 17.89 ? 132  VAL A N   1 
ATOM   830  C  CA  . VAL A 1 132 ? 1.152   -2.104  7.077   1.00 17.87 ? 132  VAL A CA  1 
ATOM   831  C  C   . VAL A 1 132 ? 1.948   -1.331  6.025   1.00 17.99 ? 132  VAL A C   1 
ATOM   832  O  O   . VAL A 1 132 ? 3.068   -1.688  5.720   1.00 17.97 ? 132  VAL A O   1 
ATOM   833  C  CB  . VAL A 1 132 ? 1.742   -1.875  8.515   1.00 18.35 ? 132  VAL A CB  1 
ATOM   834  C  CG1 . VAL A 1 132 ? 1.670   -0.404  8.911   1.00 15.24 ? 132  VAL A CG1 1 
ATOM   835  C  CG2 . VAL A 1 132 ? 0.985   -2.786  9.512   1.00 17.66 ? 132  VAL A CG2 1 
ATOM   836  N  N   . LEU A 1 133 ? 1.347   -0.272  5.472   1.00 18.49 ? 133  LEU A N   1 
ATOM   837  C  CA  . LEU A 1 133 ? 2.058   0.697   4.606   1.00 17.51 ? 133  LEU A CA  1 
ATOM   838  C  C   . LEU A 1 133 ? 2.420   1.941   5.453   1.00 18.23 ? 133  LEU A C   1 
ATOM   839  O  O   . LEU A 1 133 ? 1.548   2.533   6.070   1.00 18.25 ? 133  LEU A O   1 
ATOM   840  C  CB  . LEU A 1 133 ? 1.162   1.106   3.420   1.00 16.57 ? 133  LEU A CB  1 
ATOM   841  C  CG  . LEU A 1 133 ? 0.589   -0.053  2.589   1.00 15.36 ? 133  LEU A CG  1 
ATOM   842  C  CD1 . LEU A 1 133 ? -0.303  0.521   1.456   1.00 15.54 ? 133  LEU A CD1 1 
ATOM   843  C  CD2 . LEU A 1 133 ? 1.753   -0.930  2.011   1.00 10.79 ? 133  LEU A CD2 1 
ATOM   844  N  N   . VAL A 1 134 ? 3.703   2.291   5.500   1.00 17.67 ? 134  VAL A N   1 
ATOM   845  C  CA  . VAL A 1 134 ? 4.177   3.412   6.263   1.00 17.12 ? 134  VAL A CA  1 
ATOM   846  C  C   . VAL A 1 134 ? 4.734   4.403   5.262   1.00 17.63 ? 134  VAL A C   1 
ATOM   847  O  O   . VAL A 1 134 ? 5.561   4.054   4.427   1.00 17.73 ? 134  VAL A O   1 
ATOM   848  C  CB  . VAL A 1 134 ? 5.233   2.995   7.356   1.00 17.70 ? 134  VAL A CB  1 
ATOM   849  C  CG1 . VAL A 1 134 ? 5.654   4.212   8.207   1.00 14.79 ? 134  VAL A CG1 1 
ATOM   850  C  CG2 . VAL A 1 134 ? 4.691   1.831   8.239   1.00 16.44 ? 134  VAL A CG2 1 
ATOM   851  N  N   . PHE A 1 135 ? 4.247   5.640   5.351   1.00 17.61 ? 135  PHE A N   1 
ATOM   852  C  CA  . PHE A 1 135 ? 4.519   6.687   4.379   1.00 18.60 ? 135  PHE A CA  1 
ATOM   853  C  C   . PHE A 1 135 ? 5.517   7.749   4.898   1.00 18.58 ? 135  PHE A C   1 
ATOM   854  O  O   . PHE A 1 135 ? 5.441   8.136   6.062   1.00 17.60 ? 135  PHE A O   1 
ATOM   855  C  CB  . PHE A 1 135 ? 3.201   7.367   4.040   1.00 18.96 ? 135  PHE A CB  1 
ATOM   856  C  CG  . PHE A 1 135 ? 2.176   6.436   3.465   1.00 18.89 ? 135  PHE A CG  1 
ATOM   857  C  CD1 . PHE A 1 135 ? 2.271   6.006   2.151   1.00 21.88 ? 135  PHE A CD1 1 
ATOM   858  C  CD2 . PHE A 1 135 ? 1.130   5.994   4.239   1.00 19.06 ? 135  PHE A CD2 1 
ATOM   859  C  CE1 . PHE A 1 135 ? 1.320   5.144   1.604   1.00 21.35 ? 135  PHE A CE1 1 
ATOM   860  C  CE2 . PHE A 1 135 ? 0.171   5.125   3.726   1.00 18.97 ? 135  PHE A CE2 1 
ATOM   861  C  CZ  . PHE A 1 135 ? 0.270   4.706   2.405   1.00 20.64 ? 135  PHE A CZ  1 
ATOM   862  N  N   . SER A 1 136 ? 6.430   8.205   4.030   1.00 19.24 ? 136  SER A N   1 
ATOM   863  C  CA  . SER A 1 136 ? 7.482   9.166   4.417   1.00 20.49 ? 136  SER A CA  1 
ATOM   864  C  C   . SER A 1 136 ? 7.204   10.567  3.870   1.00 20.85 ? 136  SER A C   1 
ATOM   865  O  O   . SER A 1 136 ? 7.960   11.528  4.060   1.00 21.52 ? 136  SER A O   1 
ATOM   866  C  CB  . SER A 1 136 ? 8.882   8.654   4.031   1.00 20.58 ? 136  SER A CB  1 
ATOM   867  O  OG  . SER A 1 136 ? 9.074   8.724   2.640   1.00 20.21 ? 136  SER A OG  1 
ATOM   868  N  N   . GLY A 1 137 ? 6.067   10.704  3.238   1.00 20.56 ? 137  GLY A N   1 
ATOM   869  C  CA  . GLY A 1 137 ? 5.728   11.956  2.612   1.00 20.59 ? 137  GLY A CA  1 
ATOM   870  C  C   . GLY A 1 137 ? 4.424   11.807  1.852   1.00 20.69 ? 137  GLY A C   1 
ATOM   871  O  O   . GLY A 1 137 ? 3.852   10.720  1.779   1.00 20.49 ? 137  GLY A O   1 
ATOM   872  N  N   . PRO A 1 138 ? 3.929   12.928  1.339   1.00 21.19 ? 138  PRO A N   1 
ATOM   873  C  CA  . PRO A 1 138 ? 2.679   12.968  0.547   1.00 20.72 ? 138  PRO A CA  1 
ATOM   874  C  C   . PRO A 1 138 ? 2.693   12.022  -0.688  1.00 20.30 ? 138  PRO A C   1 
ATOM   875  O  O   . PRO A 1 138 ? 3.649   12.025  -1.487  1.00 20.68 ? 138  PRO A O   1 
ATOM   876  C  CB  . PRO A 1 138 ? 2.578   14.447  0.117   1.00 21.18 ? 138  PRO A CB  1 
ATOM   877  C  CG  . PRO A 1 138 ? 3.520   15.223  1.076   1.00 21.67 ? 138  PRO A CG  1 
ATOM   878  C  CD  . PRO A 1 138 ? 4.536   14.256  1.549   1.00 20.58 ? 138  PRO A CD  1 
ATOM   879  N  N   . VAL A 1 139 ? 1.650   11.208  -0.811  1.00 19.03 ? 139  VAL A N   1 
ATOM   880  C  CA  . VAL A 1 139 ? 1.466   10.292  -1.932  1.00 18.26 ? 139  VAL A CA  1 
ATOM   881  C  C   . VAL A 1 139 ? -0.031  9.894   -1.946  1.00 18.27 ? 139  VAL A C   1 
ATOM   882  O  O   . VAL A 1 139 ? -0.674  9.846   -0.908  1.00 18.06 ? 139  VAL A O   1 
ATOM   883  C  CB  . VAL A 1 139 ? 2.405   9.018   -1.828  1.00 19.23 ? 139  VAL A CB  1 
ATOM   884  C  CG1 . VAL A 1 139 ? 2.071   8.166   -0.556  1.00 15.83 ? 139  VAL A CG1 1 
ATOM   885  C  CG2 . VAL A 1 139 ? 2.408   8.143   -3.163  1.00 17.19 ? 139  VAL A CG2 1 
ATOM   886  N  N   . ASN A 1 140 ? -0.588  9.681   -3.126  1.00 17.82 ? 140  ASN A N   1 
ATOM   887  C  CA  . ASN A 1 140 ? -1.917  9.059   -3.230  1.00 18.01 ? 140  ASN A CA  1 
ATOM   888  C  C   . ASN A 1 140 ? -1.783  7.606   -3.662  1.00 17.61 ? 140  ASN A C   1 
ATOM   889  O  O   . ASN A 1 140 ? -0.972  7.288   -4.512  1.00 16.32 ? 140  ASN A O   1 
ATOM   890  C  CB  . ASN A 1 140 ? -2.799  9.804   -4.214  1.00 17.49 ? 140  ASN A CB  1 
ATOM   891  C  CG  . ASN A 1 140 ? -3.247  11.176  -3.700  1.00 19.82 ? 140  ASN A CG  1 
ATOM   892  O  OD1 . ASN A 1 140 ? -3.996  11.847  -4.372  1.00 23.80 ? 140  ASN A OD1 1 
ATOM   893  N  ND2 . ASN A 1 140 ? -2.813  11.579  -2.512  1.00 19.11 ? 140  ASN A ND2 1 
ATOM   894  N  N   . VAL A 1 141 ? -2.582  6.725   -3.051  1.00 17.46 ? 141  VAL A N   1 
ATOM   895  C  CA  . VAL A 1 141 ? -2.509  5.308   -3.320  1.00 16.66 ? 141  VAL A CA  1 
ATOM   896  C  C   . VAL A 1 141 ? -3.900  4.811   -3.690  1.00 17.59 ? 141  VAL A C   1 
ATOM   897  O  O   . VAL A 1 141 ? -4.834  4.921   -2.897  1.00 17.32 ? 141  VAL A O   1 
ATOM   898  C  CB  . VAL A 1 141 ? -1.958  4.499   -2.138  1.00 16.57 ? 141  VAL A CB  1 
ATOM   899  C  CG1 . VAL A 1 141 ? -1.589  3.051   -2.611  1.00 15.14 ? 141  VAL A CG1 1 
ATOM   900  C  CG2 . VAL A 1 141 ? -0.736  5.214   -1.465  1.00 15.48 ? 141  VAL A CG2 1 
ATOM   901  N  N   . ASP A 1 142 ? -4.021  4.301   -4.916  1.00 17.04 ? 142  ASP A N   1 
ATOM   902  C  CA  . ASP A 1 142 ? -5.276  3.759   -5.427  1.00 17.95 ? 142  ASP A CA  1 
ATOM   903  C  C   . ASP A 1 142 ? -5.373  2.324   -4.887  1.00 18.15 ? 142  ASP A C   1 
ATOM   904  O  O   . ASP A 1 142 ? -6.305  1.999   -4.175  1.00 17.74 ? 142  ASP A O   1 
ATOM   905  C  CB  . ASP A 1 142 ? -5.255  3.798   -6.962  1.00 17.26 ? 142  ASP A CB  1 
ATOM   906  C  CG  . ASP A 1 142 ? -6.515  3.314   -7.582  1.00 17.28 ? 142  ASP A CG  1 
ATOM   907  O  OD1 . ASP A 1 142 ? -7.466  2.863   -6.873  1.00 14.61 ? 142  ASP A OD1 1 
ATOM   908  O  OD2 . ASP A 1 142 ? -6.635  3.328   -8.813  1.00 18.91 ? 142  ASP A OD2 1 
ATOM   909  N  N   . TRP A 1 143 ? -4.376  1.492   -5.199  1.00 18.59 ? 143  TRP A N   1 
ATOM   910  C  CA  . TRP A 1 143 ? -4.360  0.105   -4.751  1.00 18.43 ? 143  TRP A CA  1 
ATOM   911  C  C   . TRP A 1 143 ? -2.950  -0.396  -4.731  1.00 17.96 ? 143  TRP A C   1 
ATOM   912  O  O   . TRP A 1 143 ? -2.033  0.279   -5.235  1.00 17.26 ? 143  TRP A O   1 
ATOM   913  C  CB  . TRP A 1 143 ? -5.240  -0.819  -5.629  1.00 18.09 ? 143  TRP A CB  1 
ATOM   914  C  CG  . TRP A 1 143 ? -5.059  -0.705  -7.112  1.00 18.60 ? 143  TRP A CG  1 
ATOM   915  C  CD1 . TRP A 1 143 ? -5.944  -0.127  -8.009  1.00 19.81 ? 143  TRP A CD1 1 
ATOM   916  C  CD2 . TRP A 1 143 ? -3.967  -1.216  -7.910  1.00 17.36 ? 143  TRP A CD2 1 
ATOM   917  N  NE1 . TRP A 1 143 ? -5.465  -0.242  -9.295  1.00 17.68 ? 143  TRP A NE1 1 
ATOM   918  C  CE2 . TRP A 1 143 ? -4.256  -0.897  -9.271  1.00 20.35 ? 143  TRP A CE2 1 
ATOM   919  C  CE3 . TRP A 1 143 ? -2.785  -1.922  -7.621  1.00 18.42 ? 143  TRP A CE3 1 
ATOM   920  C  CZ2 . TRP A 1 143 ? -3.381  -1.240  -10.338 1.00 20.29 ? 143  TRP A CZ2 1 
ATOM   921  C  CZ3 . TRP A 1 143 ? -1.902  -2.249  -8.665  1.00 20.68 ? 143  TRP A CZ3 1 
ATOM   922  C  CH2 . TRP A 1 143 ? -2.210  -1.921  -10.015 1.00 20.28 ? 143  TRP A CH2 1 
ATOM   923  N  N   . PHE A 1 144 ? -2.789  -1.588  -4.145  1.00 17.43 ? 144  PHE A N   1 
ATOM   924  C  CA  . PHE A 1 144 ? -1.517  -2.310  -4.149  1.00 17.23 ? 144  PHE A CA  1 
ATOM   925  C  C   . PHE A 1 144 ? -1.766  -3.803  -4.269  1.00 17.59 ? 144  PHE A C   1 
ATOM   926  O  O   . PHE A 1 144 ? -2.864  -4.298  -3.983  1.00 17.74 ? 144  PHE A O   1 
ATOM   927  C  CB  . PHE A 1 144 ? -0.599  -1.928  -2.950  1.00 17.39 ? 144  PHE A CB  1 
ATOM   928  C  CG  . PHE A 1 144 ? -1.070  -2.409  -1.599  1.00 17.21 ? 144  PHE A CG  1 
ATOM   929  C  CD1 . PHE A 1 144 ? -2.128  -1.761  -0.931  1.00 16.50 ? 144  PHE A CD1 1 
ATOM   930  C  CD2 . PHE A 1 144 ? -0.432  -3.462  -0.960  1.00 17.95 ? 144  PHE A CD2 1 
ATOM   931  C  CE1 . PHE A 1 144 ? -2.583  -2.186  0.330   1.00 16.34 ? 144  PHE A CE1 1 
ATOM   932  C  CE2 . PHE A 1 144 ? -0.885  -3.881  0.327   1.00 17.58 ? 144  PHE A CE2 1 
ATOM   933  C  CZ  . PHE A 1 144 ? -1.952  -3.241  0.957   1.00 15.93 ? 144  PHE A CZ  1 
ATOM   934  N  N   . VAL A 1 145 ? -0.766  -4.523  -4.729  1.00 17.26 ? 145  VAL A N   1 
ATOM   935  C  CA  . VAL A 1 145 ? -0.942  -5.938  -5.002  1.00 17.96 ? 145  VAL A CA  1 
ATOM   936  C  C   . VAL A 1 145 ? 0.422   -6.610  -4.972  1.00 18.13 ? 145  VAL A C   1 
ATOM   937  O  O   . VAL A 1 145 ? 1.443   -5.959  -5.165  1.00 18.16 ? 145  VAL A O   1 
ATOM   938  C  CB  . VAL A 1 145 ? -1.741  -6.206  -6.369  1.00 17.65 ? 145  VAL A CB  1 
ATOM   939  C  CG1 . VAL A 1 145 ? -0.905  -5.849  -7.629  1.00 17.37 ? 145  VAL A CG1 1 
ATOM   940  C  CG2 . VAL A 1 145 ? -2.205  -7.665  -6.443  1.00 16.82 ? 145  VAL A CG2 1 
ATOM   941  N  N   . PHE A 1 146 ? 0.426   -7.916  -4.708  1.00 19.02 ? 146  PHE A N   1 
ATOM   942  C  CA  . PHE A 1 146 ? 1.664   -8.706  -4.600  1.00 19.21 ? 146  PHE A CA  1 
ATOM   943  C  C   . PHE A 1 146 ? 1.752   -9.733  -5.740  1.00 20.21 ? 146  PHE A C   1 
ATOM   944  O  O   . PHE A 1 146 ? 0.731   -10.060 -6.358  1.00 19.77 ? 146  PHE A O   1 
ATOM   945  C  CB  . PHE A 1 146 ? 1.754   -9.384  -3.212  1.00 18.80 ? 146  PHE A CB  1 
ATOM   946  C  CG  . PHE A 1 146 ? 1.811   -8.406  -2.055  1.00 18.40 ? 146  PHE A CG  1 
ATOM   947  C  CD1 . PHE A 1 146 ? 3.042   -7.909  -1.602  1.00 17.95 ? 146  PHE A CD1 1 
ATOM   948  C  CD2 . PHE A 1 146 ? 0.627   -7.941  -1.443  1.00 18.10 ? 146  PHE A CD2 1 
ATOM   949  C  CE1 . PHE A 1 146 ? 3.097   -6.993  -0.529  1.00 20.09 ? 146  PHE A CE1 1 
ATOM   950  C  CE2 . PHE A 1 146 ? 0.672   -7.018  -0.379  1.00 16.55 ? 146  PHE A CE2 1 
ATOM   951  C  CZ  . PHE A 1 146 ? 1.899   -6.543  0.083   1.00 17.45 ? 146  PHE A CZ  1 
ATOM   952  N  N   . SER A 1 147 ? 2.965   -10.197 -6.040  1.00 22.06 ? 147  SER A N   1 
ATOM   953  C  CA  . SER A 1 147 ? 3.216   -11.202 -7.091  1.00 24.45 ? 147  SER A CA  1 
ATOM   954  C  C   . SER A 1 147 ? 4.231   -12.218 -6.624  1.00 25.98 ? 147  SER A C   1 
ATOM   955  O  O   . SER A 1 147 ? 5.102   -11.897 -5.817  1.00 24.78 ? 147  SER A O   1 
ATOM   956  C  CB  . SER A 1 147 ? 3.853   -10.592 -8.366  1.00 25.36 ? 147  SER A CB  1 
ATOM   957  O  OG  . SER A 1 147 ? 3.295   -9.375  -8.776  1.00 27.69 ? 147  SER A OG  1 
ATOM   958  N  N   . LYS A 1 148 ? 4.149   -13.417 -7.208  1.00 28.76 ? 148  LYS A N   1 
ATOM   959  C  CA  . LYS A 1 148 ? 5.173   -14.465 -7.102  1.00 31.81 ? 148  LYS A CA  1 
ATOM   960  C  C   . LYS A 1 148 ? 6.051   -14.553 -8.371  1.00 33.07 ? 148  LYS A C   1 
ATOM   961  O  O   . LYS A 1 148 ? 6.375   -13.541 -9.028  1.00 34.07 ? 148  LYS A O   1 
ATOM   962  C  CB  . LYS A 1 148 ? 4.499   -15.816 -6.840  1.00 32.13 ? 148  LYS A CB  1 
ATOM   963  C  CG  . LYS A 1 148 ? 5.425   -16.927 -6.260  1.00 39.08 ? 148  LYS A CG  1 
ATOM   964  C  CD  . LYS A 1 148 ? 6.857   -16.451 -5.857  1.00 43.55 ? 148  LYS A CD  1 
ATOM   965  C  CE  . LYS A 1 148 ? 7.976   -17.023 -6.773  1.00 49.27 ? 148  LYS A CE  1 
ATOM   966  N  NZ  . LYS A 1 148 ? 9.175   -16.095 -7.023  1.00 50.81 ? 148  LYS A NZ  1 
HETATM 967  CA CA  . CA  B 2 .   ? -8.688  2.373   -4.879  1.00 28.93 ? 1149 CA  A CA  1 
HETATM 968  O  O   . HOH C 3 .   ? -12.591 -19.346 0.543   1.00 34.17 ? 2001 HOH A O   1 
HETATM 969  O  O   . HOH C 3 .   ? -9.928  -18.419 -4.169  1.00 45.62 ? 2002 HOH A O   1 
HETATM 970  O  O   . HOH C 3 .   ? -8.078  -17.205 -5.172  1.00 37.76 ? 2003 HOH A O   1 
HETATM 971  O  O   . HOH C 3 .   ? -11.019 -21.404 3.776   1.00 38.88 ? 2004 HOH A O   1 
HETATM 972  O  O   . HOH C 3 .   ? -11.614 -12.465 9.154   0.50 19.76 ? 2005 HOH A O   1 
HETATM 973  O  O   . HOH C 3 .   ? -12.489 -11.908 1.133   1.00 21.47 ? 2006 HOH A O   1 
HETATM 974  O  O   . HOH C 3 .   ? -7.315  -8.374  -2.412  1.00 18.76 ? 2007 HOH A O   1 
HETATM 975  O  O   . HOH C 3 .   ? -9.551  -11.505 -2.405  1.00 24.00 ? 2008 HOH A O   1 
HETATM 976  O  O   . HOH C 3 .   ? -11.127 -21.616 0.239   1.00 54.26 ? 2009 HOH A O   1 
HETATM 977  O  O   . HOH C 3 .   ? -8.394  -14.749 -5.780  1.00 50.87 ? 2010 HOH A O   1 
HETATM 978  O  O   . HOH C 3 .   ? -5.583  -14.696 -7.472  1.00 37.85 ? 2011 HOH A O   1 
HETATM 979  O  O   . HOH C 3 .   ? -2.942  -6.118  -10.536 1.00 35.66 ? 2012 HOH A O   1 
HETATM 980  O  O   . HOH C 3 .   ? -6.447  -7.821  -9.535  1.00 28.09 ? 2013 HOH A O   1 
HETATM 981  O  O   . HOH C 3 .   ? -9.441  -5.007  -2.778  1.00 32.89 ? 2014 HOH A O   1 
HETATM 982  O  O   . HOH C 3 .   ? -5.385  -3.332  -12.431 1.00 41.59 ? 2015 HOH A O   1 
HETATM 983  O  O   . HOH C 3 .   ? -12.725 0.372   -7.091  1.00 37.47 ? 2016 HOH A O   1 
HETATM 984  O  O   . HOH C 3 .   ? -8.685  -2.349  -9.143  1.00 32.83 ? 2017 HOH A O   1 
HETATM 985  O  O   . HOH C 3 .   ? -2.014  4.159   15.337  1.00 42.35 ? 2018 HOH A O   1 
HETATM 986  O  O   . HOH C 3 .   ? -12.714 1.478   4.623   1.00 38.11 ? 2019 HOH A O   1 
HETATM 987  O  O   . HOH C 3 .   ? -10.924 2.265   -5.890  1.00 23.47 ? 2020 HOH A O   1 
HETATM 988  O  O   . HOH C 3 .   ? -10.910 11.812  9.840   1.00 57.14 ? 2021 HOH A O   1 
HETATM 989  O  O   . HOH C 3 .   ? -10.165 -5.024  -0.217  1.00 42.20 ? 2022 HOH A O   1 
HETATM 990  O  O   . HOH C 3 .   ? -13.494 -0.651  -2.491  1.00 51.20 ? 2023 HOH A O   1 
HETATM 991  O  O   . HOH C 3 .   ? -13.126 -3.258  -2.590  1.00 34.84 ? 2024 HOH A O   1 
HETATM 992  O  O   . HOH C 3 .   ? -12.100 9.628   6.260   1.00 48.60 ? 2025 HOH A O   1 
HETATM 993  O  O   . HOH C 3 .   ? -12.325 -3.394  9.417   1.00 56.37 ? 2026 HOH A O   1 
HETATM 994  O  O   . HOH C 3 .   ? -2.975  1.539   13.101  1.00 31.36 ? 2027 HOH A O   1 
HETATM 995  O  O   . HOH C 3 .   ? -8.024  3.273   12.728  1.00 34.39 ? 2028 HOH A O   1 
HETATM 996  O  O   . HOH C 3 .   ? 9.146   6.014   6.804   1.00 34.44 ? 2029 HOH A O   1 
HETATM 997  O  O   . HOH C 3 .   ? 0.763   13.473  12.373  1.00 34.15 ? 2030 HOH A O   1 
HETATM 998  O  O   . HOH C 3 .   ? -5.060  8.921   13.278  1.00 25.58 ? 2031 HOH A O   1 
HETATM 999  O  O   . HOH C 3 .   ? -8.697  10.647  9.564   1.00 47.91 ? 2032 HOH A O   1 
HETATM 1000 O  O   . HOH C 3 .   ? -3.681  18.155  3.784   0.50 19.64 ? 2033 HOH A O   1 
HETATM 1001 O  O   . HOH C 3 .   ? 9.070   -21.397 0.025   1.00 37.12 ? 2034 HOH A O   1 
HETATM 1002 O  O   . HOH C 3 .   ? 11.167  -17.445 -3.204  1.00 60.78 ? 2035 HOH A O   1 
HETATM 1003 O  O   . HOH C 3 .   ? -14.478 10.087  -1.179  1.00 26.26 ? 2036 HOH A O   1 
HETATM 1004 O  O   . HOH C 3 .   ? -12.365 10.171  3.711   1.00 28.48 ? 2037 HOH A O   1 
HETATM 1005 O  O   . HOH C 3 .   ? 3.426   17.759  -1.637  1.00 20.74 ? 2038 HOH A O   1 
HETATM 1006 O  O   . HOH C 3 .   ? 9.049   18.458  -0.700  1.00 45.91 ? 2039 HOH A O   1 
HETATM 1007 O  O   . HOH C 3 .   ? -10.410 6.183   -12.576 1.00 38.55 ? 2040 HOH A O   1 
HETATM 1008 O  O   . HOH C 3 .   ? -16.758 5.441   -7.293  1.00 43.63 ? 2041 HOH A O   1 
HETATM 1009 O  O   . HOH C 3 .   ? -14.499 4.072   -1.795  0.50 18.93 ? 2042 HOH A O   1 
HETATM 1010 O  O   . HOH C 3 .   ? -14.303 3.375   -3.726  0.50 18.82 ? 2043 HOH A O   1 
HETATM 1011 O  O   . HOH C 3 .   ? -14.612 7.768   -2.455  0.50 16.75 ? 2044 HOH A O   1 
HETATM 1012 O  O   . HOH C 3 .   ? 14.047  -7.311  10.253  1.00 44.00 ? 2045 HOH A O   1 
HETATM 1013 O  O   . HOH C 3 .   ? -9.184  19.947  2.704   1.00 36.54 ? 2046 HOH A O   1 
HETATM 1014 O  O   . HOH C 3 .   ? -7.812  19.283  -2.014  0.50 3.37  ? 2047 HOH A O   1 
HETATM 1015 O  O   . HOH C 3 .   ? 5.034   15.078  5.159   1.00 17.41 ? 2048 HOH A O   1 
HETATM 1016 O  O   . HOH C 3 .   ? 8.203   7.680   9.213   1.00 29.16 ? 2049 HOH A O   1 
HETATM 1017 O  O   . HOH C 3 .   ? 2.781   11.612  11.221  1.00 22.33 ? 2050 HOH A O   1 
HETATM 1018 O  O   . HOH C 3 .   ? 4.285   14.590  9.272   1.00 25.29 ? 2051 HOH A O   1 
HETATM 1019 O  O   . HOH C 3 .   ? 2.603   5.591   11.783  1.00 19.13 ? 2052 HOH A O   1 
HETATM 1020 O  O   . HOH C 3 .   ? -0.565  15.622  10.134  1.00 35.42 ? 2053 HOH A O   1 
HETATM 1021 O  O   . HOH C 3 .   ? -1.695  1.811   10.624  1.00 22.54 ? 2054 HOH A O   1 
HETATM 1022 O  O   . HOH C 3 .   ? 13.948  -9.162  7.878   1.00 35.88 ? 2055 HOH A O   1 
HETATM 1023 O  O   . HOH C 3 .   ? 7.495   -12.970 6.591   1.00 42.11 ? 2056 HOH A O   1 
HETATM 1024 O  O   . HOH C 3 .   ? -1.191  -1.679  12.778  1.00 28.67 ? 2057 HOH A O   1 
HETATM 1025 O  O   . HOH C 3 .   ? -6.367  -11.475 13.323  1.00 35.05 ? 2058 HOH A O   1 
HETATM 1026 O  O   . HOH C 3 .   ? -4.167  -12.066 10.841  1.00 31.26 ? 2059 HOH A O   1 
HETATM 1027 O  O   . HOH C 3 .   ? 9.597   14.976  5.911   1.00 46.62 ? 2060 HOH A O   1 
HETATM 1028 O  O   . HOH C 3 .   ? -3.918  -16.128 -1.886  1.00 25.03 ? 2061 HOH A O   1 
HETATM 1029 O  O   . HOH C 3 .   ? -4.508  -19.781 0.228   1.00 35.02 ? 2062 HOH A O   1 
HETATM 1030 O  O   . HOH C 3 .   ? -8.727  2.800   -12.039 1.00 49.09 ? 2063 HOH A O   1 
HETATM 1031 O  O   . HOH C 3 .   ? 8.153   -19.326 -2.645  1.00 57.92 ? 2064 HOH A O   1 
HETATM 1032 O  O   . HOH C 3 .   ? 6.834   -21.369 -3.464  1.00 47.13 ? 2065 HOH A O   1 
HETATM 1033 O  O   . HOH C 3 .   ? 0.050   -19.475 -3.404  1.00 31.71 ? 2066 HOH A O   1 
HETATM 1034 O  O   . HOH C 3 .   ? 7.173   -19.678 0.538   1.00 23.20 ? 2067 HOH A O   1 
HETATM 1035 O  O   . HOH C 3 .   ? -2.049  3.450   -13.533 1.00 41.45 ? 2068 HOH A O   1 
HETATM 1036 O  O   . HOH C 3 .   ? -7.254  6.811   -11.906 1.00 35.31 ? 2069 HOH A O   1 
HETATM 1037 O  O   . HOH C 3 .   ? -1.148  17.492  -7.933  1.00 17.22 ? 2070 HOH A O   1 
HETATM 1038 O  O   . HOH C 3 .   ? 11.030  16.516  -3.661  1.00 32.90 ? 2071 HOH A O   1 
HETATM 1039 O  O   . HOH C 3 .   ? 7.672   20.117  -6.363  0.50 52.32 ? 2072 HOH A O   1 
HETATM 1040 O  O   . HOH C 3 .   ? 10.938  20.450  -4.210  1.00 45.39 ? 2073 HOH A O   1 
HETATM 1041 O  O   . HOH C 3 .   ? 8.306   21.104  -3.055  0.50 34.27 ? 2074 HOH A O   1 
HETATM 1042 O  O   . HOH C 3 .   ? 5.534   20.201  -4.431  1.00 37.19 ? 2075 HOH A O   1 
HETATM 1043 O  O   . HOH C 3 .   ? 4.446   15.802  -2.897  1.00 22.91 ? 2076 HOH A O   1 
HETATM 1044 O  O   . HOH C 3 .   ? 10.692  14.870  -6.727  0.50 15.18 ? 2077 HOH A O   1 
HETATM 1045 O  O   . HOH C 3 .   ? 9.403   11.949  0.952   1.00 28.73 ? 2078 HOH A O   1 
HETATM 1046 O  O   . HOH C 3 .   ? 10.789  14.710  -1.682  1.00 29.87 ? 2079 HOH A O   1 
HETATM 1047 O  O   . HOH C 3 .   ? 12.405  3.202   9.483   0.50 19.87 ? 2080 HOH A O   1 
HETATM 1048 O  O   . HOH C 3 .   ? 13.489  1.826   9.674   0.50 21.29 ? 2081 HOH A O   1 
HETATM 1049 O  O   . HOH C 3 .   ? 4.874   1.364   15.505  1.00 31.36 ? 2082 HOH A O   1 
HETATM 1050 O  O   . HOH C 3 .   ? 6.757   -8.118  12.852  1.00 40.78 ? 2083 HOH A O   1 
HETATM 1051 O  O   . HOH C 3 .   ? 12.535  -4.975  9.992   1.00 29.72 ? 2084 HOH A O   1 
HETATM 1052 O  O   . HOH C 3 .   ? 14.149  -5.587  4.383   0.50 16.59 ? 2085 HOH A O   1 
HETATM 1053 O  O   . HOH C 3 .   ? 13.652  -1.663  2.254   1.00 31.97 ? 2086 HOH A O   1 
HETATM 1054 O  O   . HOH C 3 .   ? 12.831  -1.289  -3.573  1.00 25.98 ? 2087 HOH A O   1 
HETATM 1055 O  O   . HOH C 3 .   ? 12.864  2.125   3.926   1.00 27.16 ? 2088 HOH A O   1 
HETATM 1056 O  O   . HOH C 3 .   ? 15.900  -0.033  1.316   1.00 33.78 ? 2089 HOH A O   1 
HETATM 1057 O  O   . HOH C 3 .   ? 8.134   6.047   -9.600  1.00 39.57 ? 2090 HOH A O   1 
HETATM 1058 O  O   . HOH C 3 .   ? 7.499   8.134   -11.977 1.00 46.89 ? 2091 HOH A O   1 
HETATM 1059 O  O   . HOH C 3 .   ? 9.857   10.904  -11.746 1.00 34.17 ? 2092 HOH A O   1 
HETATM 1060 O  O   . HOH C 3 .   ? 2.680   18.540  -14.308 1.00 39.45 ? 2093 HOH A O   1 
HETATM 1061 O  O   . HOH C 3 .   ? 6.796   14.404  -13.750 1.00 42.49 ? 2094 HOH A O   1 
HETATM 1062 O  O   . HOH C 3 .   ? -7.201  9.322   -12.205 1.00 33.67 ? 2095 HOH A O   1 
HETATM 1063 O  O   . HOH C 3 .   ? -6.646  12.000  -6.977  1.00 34.33 ? 2096 HOH A O   1 
HETATM 1064 O  O   . HOH C 3 .   ? -3.890  8.666   -13.924 1.00 26.50 ? 2097 HOH A O   1 
HETATM 1065 O  O   . HOH C 3 .   ? 2.197   5.917   -18.324 1.00 50.50 ? 2098 HOH A O   1 
HETATM 1066 O  O   . HOH C 3 .   ? 2.489   2.602   -14.781 1.00 26.07 ? 2099 HOH A O   1 
HETATM 1067 O  O   . HOH C 3 .   ? -2.327  -0.898  -13.724 1.00 36.71 ? 2100 HOH A O   1 
HETATM 1068 O  O   . HOH C 3 .   ? 8.663   0.113   -10.585 1.00 22.32 ? 2101 HOH A O   1 
HETATM 1069 O  O   . HOH C 3 .   ? 10.582  0.771   -5.929  1.00 17.34 ? 2102 HOH A O   1 
HETATM 1070 O  O   . HOH C 3 .   ? 5.469   -1.458  -11.929 1.00 31.74 ? 2103 HOH A O   1 
HETATM 1071 O  O   . HOH C 3 .   ? 12.175  -3.551  -1.305  1.00 19.85 ? 2104 HOH A O   1 
HETATM 1072 O  O   . HOH C 3 .   ? 12.152  -8.679  5.652   1.00 19.24 ? 2105 HOH A O   1 
HETATM 1073 O  O   . HOH C 3 .   ? 8.460   -16.718 4.011   1.00 28.26 ? 2106 HOH A O   1 
HETATM 1074 O  O   . HOH C 3 .   ? 7.555   -17.160 -3.207  1.00 50.09 ? 2107 HOH A O   1 
HETATM 1075 O  O   . HOH C 3 .   ? 11.732  -17.965 1.907   1.00 42.59 ? 2108 HOH A O   1 
HETATM 1076 O  O   . HOH C 3 .   ? 11.709  -14.780 3.620   1.00 36.53 ? 2109 HOH A O   1 
HETATM 1077 O  O   . HOH C 3 .   ? 6.346   -15.623 5.704   1.00 21.18 ? 2110 HOH A O   1 
HETATM 1078 O  O   . HOH C 3 .   ? 1.219   -16.130 9.014   1.00 32.74 ? 2111 HOH A O   1 
HETATM 1079 O  O   . HOH C 3 .   ? 8.035   5.060   4.520   1.00 22.47 ? 2112 HOH A O   1 
HETATM 1080 O  O   . HOH C 3 .   ? 10.418  12.118  5.052   1.00 33.83 ? 2113 HOH A O   1 
HETATM 1081 O  O   . HOH C 3 .   ? 7.847   14.410  3.639   1.00 42.54 ? 2114 HOH A O   1 
HETATM 1082 O  O   . HOH C 3 .   ? 11.204  10.371  1.862   1.00 54.97 ? 2115 HOH A O   1 
HETATM 1083 O  O   . HOH C 3 .   ? 4.736   8.087   1.277   1.00 35.99 ? 2116 HOH A O   1 
HETATM 1084 O  O   . HOH C 3 .   ? 5.786   13.511  -1.967  1.00 20.60 ? 2117 HOH A O   1 
HETATM 1085 O  O   . HOH C 3 .   ? -1.084  12.535  -0.056  1.00 21.38 ? 2118 HOH A O   1 
HETATM 1086 O  O   . HOH C 3 .   ? -4.279  14.924  -3.495  0.50 5.92  ? 2119 HOH A O   1 
HETATM 1087 O  O   . HOH C 3 .   ? -9.186  2.377   -9.406  1.00 31.33 ? 2120 HOH A O   1 
HETATM 1088 O  O   . HOH C 3 .   ? -0.784  -10.797 -8.728  1.00 31.05 ? 2121 HOH A O   1 
HETATM 1089 O  O   . HOH C 3 .   ? 3.363   -7.127  -7.774  1.00 32.64 ? 2122 HOH A O   1 
# 
loop_
_pdbx_poly_seq_scheme.asym_id 
_pdbx_poly_seq_scheme.entity_id 
_pdbx_poly_seq_scheme.seq_id 
_pdbx_poly_seq_scheme.mon_id 
_pdbx_poly_seq_scheme.ndb_seq_num 
_pdbx_poly_seq_scheme.pdb_seq_num 
_pdbx_poly_seq_scheme.auth_seq_num 
_pdbx_poly_seq_scheme.pdb_mon_id 
_pdbx_poly_seq_scheme.auth_mon_id 
_pdbx_poly_seq_scheme.pdb_strand_id 
_pdbx_poly_seq_scheme.pdb_ins_code 
_pdbx_poly_seq_scheme.hetero 
A 1 1   GLY 1   1   ?   ?   ?   A . n 
A 1 2   SER 2   2   ?   ?   ?   A . n 
A 1 3   HIS 3   3   ?   ?   ?   A . n 
A 1 4   MET 4   4   ?   ?   ?   A . n 
A 1 5   ALA 5   5   ?   ?   ?   A . n 
A 1 6   SER 6   6   ?   ?   ?   A . n 
A 1 7   THR 7   7   ?   ?   ?   A . n 
A 1 8   PRO 8   8   ?   ?   ?   A . n 
A 1 9   ALA 9   9   ?   ?   ?   A . n 
A 1 10  ASN 10  10  ?   ?   ?   A . n 
A 1 11  VAL 11  11  ?   ?   ?   A . n 
A 1 12  ASN 12  12  ?   ?   ?   A . n 
A 1 13  SER 13  13  ?   ?   ?   A . n 
A 1 14  GLY 14  14  ?   ?   ?   A . n 
A 1 15  PRO 15  15  ?   ?   ?   A . n 
A 1 16  THR 16  16  ?   ?   ?   A . n 
A 1 17  SER 17  17  ?   ?   ?   A . n 
A 1 18  PRO 18  18  18  PRO PRO A . n 
A 1 19  VAL 19  19  19  VAL VAL A . n 
A 1 20  GLY 20  20  20  GLY GLY A . n 
A 1 21  GLY 21  21  21  GLY GLY A . n 
A 1 22  THR 22  22  22  THR THR A . n 
A 1 23  ARG 23  23  23  ARG ARG A . n 
A 1 24  SER 24  24  24  SER SER A . n 
A 1 25  ALA 25  25  25  ALA ALA A . n 
A 1 26  PHE 26  26  26  PHE PHE A . n 
A 1 27  SER 27  27  27  SER SER A . n 
A 1 28  ASN 28  28  28  ASN ASN A . n 
A 1 29  ILE 29  29  29  ILE ILE A . n 
A 1 30  GLN 30  30  30  GLN GLN A . n 
A 1 31  ALA 31  31  31  ALA ALA A . n 
A 1 32  GLU 32  32  32  GLU GLU A . n 
A 1 33  ASP 33  33  33  ASP ASP A . n 
A 1 34  TYR 34  34  34  TYR TYR A . n 
A 1 35  ASP 35  35  35  ASP ASP A . n 
A 1 36  SER 36  36  36  SER SER A . n 
A 1 37  SER 37  37  37  SER SER A . n 
A 1 38  TYR 38  38  38  TYR TYR A . n 
A 1 39  GLY 39  39  39  GLY GLY A . n 
A 1 40  PRO 40  40  40  PRO PRO A . n 
A 1 41  ASN 41  41  41  ASN ASN A . n 
A 1 42  LEU 42  42  42  LEU LEU A . n 
A 1 43  GLN 43  43  43  GLN GLN A . n 
A 1 44  ILE 44  44  44  ILE ILE A . n 
A 1 45  PHE 45  45  45  PHE PHE A . n 
A 1 46  SER 46  46  46  SER SER A . n 
A 1 47  LEU 47  47  47  LEU LEU A . n 
A 1 48  PRO 48  48  48  PRO PRO A . n 
A 1 49  GLY 49  49  49  GLY GLY A . n 
A 1 50  GLY 50  50  50  GLY GLY A . n 
A 1 51  GLY 51  51  51  GLY GLY A . n 
A 1 52  SER 52  52  52  SER SER A . n 
A 1 53  ALA 53  53  53  ALA ALA A . n 
A 1 54  ILE 54  54  54  ILE ILE A . n 
A 1 55  GLY 55  55  55  GLY GLY A . n 
A 1 56  TYR 56  56  56  TYR TYR A . n 
A 1 57  ILE 57  57  57  ILE ILE A . n 
A 1 58  GLU 58  58  58  GLU GLU A . n 
A 1 59  ASN 59  59  59  ASN ASN A . n 
A 1 60  GLY 60  60  60  GLY GLY A . n 
A 1 61  TYR 61  61  61  TYR TYR A . n 
A 1 62  SER 62  62  62  SER SER A . n 
A 1 63  THR 63  63  63  THR THR A . n 
A 1 64  THR 64  64  64  THR THR A . n 
A 1 65  TYR 65  65  65  TYR TYR A . n 
A 1 66  LYS 66  66  66  LYS LYS A . n 
A 1 67  ASN 67  67  67  ASN ASN A . n 
A 1 68  ILE 68  68  68  ILE ILE A . n 
A 1 69  ASP 69  69  69  ASP ASP A . n 
A 1 70  PHE 70  70  70  PHE PHE A . n 
A 1 71  GLY 71  71  71  GLY GLY A . n 
A 1 72  ASP 72  72  72  ASP ASP A . n 
A 1 73  GLY 73  73  73  GLY GLY A . n 
A 1 74  ALA 74  74  74  ALA ALA A . n 
A 1 75  THR 75  75  75  THR THR A . n 
A 1 76  SER 76  76  76  SER SER A . n 
A 1 77  VAL 77  77  77  VAL VAL A . n 
A 1 78  THR 78  78  78  THR THR A . n 
A 1 79  ALA 79  79  79  ALA ALA A . n 
A 1 80  ARG 80  80  80  ARG ARG A . n 
A 1 81  VAL 81  81  81  VAL VAL A . n 
A 1 82  ALA 82  82  82  ALA ALA A . n 
A 1 83  THR 83  83  83  THR THR A . n 
A 1 84  GLN 84  84  84  GLN GLN A . n 
A 1 85  ASN 85  85  85  ASN ASN A . n 
A 1 86  ALA 86  86  86  ALA ALA A . n 
A 1 87  THR 87  87  87  THR THR A . n 
A 1 88  THR 88  88  88  THR THR A . n 
A 1 89  ILE 89  89  89  ILE ILE A . n 
A 1 90  GLN 90  90  90  GLN GLN A . n 
A 1 91  VAL 91  91  91  VAL VAL A . n 
A 1 92  ARG 92  92  92  ARG ARG A . n 
A 1 93  LEU 93  93  93  LEU LEU A . n 
A 1 94  GLY 94  94  94  GLY GLY A . n 
A 1 95  SER 95  95  95  SER SER A . n 
A 1 96  PRO 96  96  96  PRO PRO A . n 
A 1 97  SER 97  97  97  SER SER A . n 
A 1 98  GLY 98  98  98  GLY GLY A . n 
A 1 99  THR 99  99  99  THR THR A . n 
A 1 100 LEU 100 100 100 LEU LEU A . n 
A 1 101 LEU 101 101 101 LEU LEU A . n 
A 1 102 GLY 102 102 102 GLY GLY A . n 
A 1 103 THR 103 103 103 THR THR A . n 
A 1 104 ILE 104 104 104 ILE ILE A . n 
A 1 105 TYR 105 105 105 TYR TYR A . n 
A 1 106 VAL 106 106 106 VAL VAL A . n 
A 1 107 GLY 107 107 107 GLY GLY A . n 
A 1 108 SER 108 108 108 SER SER A . n 
A 1 109 THR 109 109 109 THR THR A . n 
A 1 110 GLY 110 110 110 GLY GLY A . n 
A 1 111 SER 111 111 111 SER SER A . n 
A 1 112 PHE 112 112 112 PHE PHE A . n 
A 1 113 ASP 113 113 113 ASP ASP A . n 
A 1 114 THR 114 114 114 THR THR A . n 
A 1 115 TYR 115 115 115 TYR TYR A . n 
A 1 116 ARG 116 116 116 ARG ARG A . n 
A 1 117 ASP 117 117 117 ASP ASP A . n 
A 1 118 VAL 118 118 118 VAL VAL A . n 
A 1 119 SER 119 119 119 SER SER A . n 
A 1 120 ALA 120 120 120 ALA ALA A . n 
A 1 121 THR 121 121 121 THR THR A . n 
A 1 122 ILE 122 122 122 ILE ILE A . n 
A 1 123 SER 123 123 123 SER SER A . n 
A 1 124 ASN 124 124 124 ASN ASN A . n 
A 1 125 THR 125 125 125 THR THR A . n 
A 1 126 ALA 126 126 126 ALA ALA A . n 
A 1 127 GLY 127 127 127 GLY GLY A . n 
A 1 128 VAL 128 128 128 VAL VAL A . n 
A 1 129 LYS 129 129 129 LYS LYS A . n 
A 1 130 ASP 130 130 130 ASP ASP A . n 
A 1 131 ILE 131 131 131 ILE ILE A . n 
A 1 132 VAL 132 132 132 VAL VAL A . n 
A 1 133 LEU 133 133 133 LEU LEU A . n 
A 1 134 VAL 134 134 134 VAL VAL A . n 
A 1 135 PHE 135 135 135 PHE PHE A . n 
A 1 136 SER 136 136 136 SER SER A . n 
A 1 137 GLY 137 137 137 GLY GLY A . n 
A 1 138 PRO 138 138 138 PRO PRO A . n 
A 1 139 VAL 139 139 139 VAL VAL A . n 
A 1 140 ASN 140 140 140 ASN ASN A . n 
A 1 141 VAL 141 141 141 VAL VAL A . n 
A 1 142 ASP 142 142 142 ASP ASP A . n 
A 1 143 TRP 143 143 143 TRP TRP A . n 
A 1 144 PHE 144 144 144 PHE PHE A . n 
A 1 145 VAL 145 145 145 VAL VAL A . n 
A 1 146 PHE 146 146 146 PHE PHE A . n 
A 1 147 SER 147 147 147 SER SER A . n 
A 1 148 LYS 148 148 148 LYS LYS A . n 
A 1 149 SER 149 149 ?   ?   ?   A . n 
A 1 150 GLY 150 150 ?   ?   ?   A . n 
A 1 151 THR 151 151 ?   ?   ?   A . n 
# 
loop_
_pdbx_nonpoly_scheme.asym_id 
_pdbx_nonpoly_scheme.entity_id 
_pdbx_nonpoly_scheme.mon_id 
_pdbx_nonpoly_scheme.ndb_seq_num 
_pdbx_nonpoly_scheme.pdb_seq_num 
_pdbx_nonpoly_scheme.auth_seq_num 
_pdbx_nonpoly_scheme.pdb_mon_id 
_pdbx_nonpoly_scheme.auth_mon_id 
_pdbx_nonpoly_scheme.pdb_strand_id 
_pdbx_nonpoly_scheme.pdb_ins_code 
B 2 CA  1   1149 1149 CA  CA  A . 
C 3 HOH 1   2001 2001 HOH HOH A . 
C 3 HOH 2   2002 2002 HOH HOH A . 
C 3 HOH 3   2003 2003 HOH HOH A . 
C 3 HOH 4   2004 2004 HOH HOH A . 
C 3 HOH 5   2005 2005 HOH HOH A . 
C 3 HOH 6   2006 2006 HOH HOH A . 
C 3 HOH 7   2007 2007 HOH HOH A . 
C 3 HOH 8   2008 2008 HOH HOH A . 
C 3 HOH 9   2009 2009 HOH HOH A . 
C 3 HOH 10  2010 2010 HOH HOH A . 
C 3 HOH 11  2011 2011 HOH HOH A . 
C 3 HOH 12  2012 2012 HOH HOH A . 
C 3 HOH 13  2013 2013 HOH HOH A . 
C 3 HOH 14  2014 2014 HOH HOH A . 
C 3 HOH 15  2015 2015 HOH HOH A . 
C 3 HOH 16  2016 2016 HOH HOH A . 
C 3 HOH 17  2017 2017 HOH HOH A . 
C 3 HOH 18  2018 2018 HOH HOH A . 
C 3 HOH 19  2019 2019 HOH HOH A . 
C 3 HOH 20  2020 2020 HOH HOH A . 
C 3 HOH 21  2021 2021 HOH HOH A . 
C 3 HOH 22  2022 2022 HOH HOH A . 
C 3 HOH 23  2023 2023 HOH HOH A . 
C 3 HOH 24  2024 2024 HOH HOH A . 
C 3 HOH 25  2025 2025 HOH HOH A . 
C 3 HOH 26  2026 2026 HOH HOH A . 
C 3 HOH 27  2027 2027 HOH HOH A . 
C 3 HOH 28  2028 2028 HOH HOH A . 
C 3 HOH 29  2029 2029 HOH HOH A . 
C 3 HOH 30  2030 2030 HOH HOH A . 
C 3 HOH 31  2031 2031 HOH HOH A . 
C 3 HOH 32  2032 2032 HOH HOH A . 
C 3 HOH 33  2033 2033 HOH HOH A . 
C 3 HOH 34  2034 2034 HOH HOH A . 
C 3 HOH 35  2035 2035 HOH HOH A . 
C 3 HOH 36  2036 2036 HOH HOH A . 
C 3 HOH 37  2037 2037 HOH HOH A . 
C 3 HOH 38  2038 2038 HOH HOH A . 
C 3 HOH 39  2039 2039 HOH HOH A . 
C 3 HOH 40  2040 2040 HOH HOH A . 
C 3 HOH 41  2041 2041 HOH HOH A . 
C 3 HOH 42  2042 2042 HOH HOH A . 
C 3 HOH 43  2043 2043 HOH HOH A . 
C 3 HOH 44  2044 2044 HOH HOH A . 
C 3 HOH 45  2045 2045 HOH HOH A . 
C 3 HOH 46  2046 2046 HOH HOH A . 
C 3 HOH 47  2047 2047 HOH HOH A . 
C 3 HOH 48  2048 2048 HOH HOH A . 
C 3 HOH 49  2049 2049 HOH HOH A . 
C 3 HOH 50  2050 2050 HOH HOH A . 
C 3 HOH 51  2051 2051 HOH HOH A . 
C 3 HOH 52  2052 2052 HOH HOH A . 
C 3 HOH 53  2053 2053 HOH HOH A . 
C 3 HOH 54  2054 2054 HOH HOH A . 
C 3 HOH 55  2055 2055 HOH HOH A . 
C 3 HOH 56  2056 2056 HOH HOH A . 
C 3 HOH 57  2057 2057 HOH HOH A . 
C 3 HOH 58  2058 2058 HOH HOH A . 
C 3 HOH 59  2059 2059 HOH HOH A . 
C 3 HOH 60  2060 2060 HOH HOH A . 
C 3 HOH 61  2061 2061 HOH HOH A . 
C 3 HOH 62  2062 2062 HOH HOH A . 
C 3 HOH 63  2063 2063 HOH HOH A . 
C 3 HOH 64  2064 2064 HOH HOH A . 
C 3 HOH 65  2065 2065 HOH HOH A . 
C 3 HOH 66  2066 2066 HOH HOH A . 
C 3 HOH 67  2067 2067 HOH HOH A . 
C 3 HOH 68  2068 2068 HOH HOH A . 
C 3 HOH 69  2069 2069 HOH HOH A . 
C 3 HOH 70  2070 2070 HOH HOH A . 
C 3 HOH 71  2071 2071 HOH HOH A . 
C 3 HOH 72  2072 2072 HOH HOH A . 
C 3 HOH 73  2073 2073 HOH HOH A . 
C 3 HOH 74  2074 2074 HOH HOH A . 
C 3 HOH 75  2075 2075 HOH HOH A . 
C 3 HOH 76  2076 2076 HOH HOH A . 
C 3 HOH 77  2077 2077 HOH HOH A . 
C 3 HOH 78  2078 2078 HOH HOH A . 
C 3 HOH 79  2079 2079 HOH HOH A . 
C 3 HOH 80  2080 2080 HOH HOH A . 
C 3 HOH 81  2081 2081 HOH HOH A . 
C 3 HOH 82  2082 2082 HOH HOH A . 
C 3 HOH 83  2083 2083 HOH HOH A . 
C 3 HOH 84  2084 2084 HOH HOH A . 
C 3 HOH 85  2085 2085 HOH HOH A . 
C 3 HOH 86  2086 2086 HOH HOH A . 
C 3 HOH 87  2087 2087 HOH HOH A . 
C 3 HOH 88  2088 2088 HOH HOH A . 
C 3 HOH 89  2089 2089 HOH HOH A . 
C 3 HOH 90  2090 2090 HOH HOH A . 
C 3 HOH 91  2091 2091 HOH HOH A . 
C 3 HOH 92  2092 2092 HOH HOH A . 
C 3 HOH 93  2093 2093 HOH HOH A . 
C 3 HOH 94  2094 2094 HOH HOH A . 
C 3 HOH 95  2095 2095 HOH HOH A . 
C 3 HOH 96  2096 2096 HOH HOH A . 
C 3 HOH 97  2097 2097 HOH HOH A . 
C 3 HOH 98  2098 2098 HOH HOH A . 
C 3 HOH 99  2099 2099 HOH HOH A . 
C 3 HOH 100 2100 2100 HOH HOH A . 
C 3 HOH 101 2101 2101 HOH HOH A . 
C 3 HOH 102 2102 2102 HOH HOH A . 
C 3 HOH 103 2103 2103 HOH HOH A . 
C 3 HOH 104 2104 2104 HOH HOH A . 
C 3 HOH 105 2105 2105 HOH HOH A . 
C 3 HOH 106 2106 2106 HOH HOH A . 
C 3 HOH 107 2107 2107 HOH HOH A . 
C 3 HOH 108 2108 2108 HOH HOH A . 
C 3 HOH 109 2109 2109 HOH HOH A . 
C 3 HOH 110 2110 2110 HOH HOH A . 
C 3 HOH 111 2111 2111 HOH HOH A . 
C 3 HOH 112 2112 2112 HOH HOH A . 
C 3 HOH 113 2113 2113 HOH HOH A . 
C 3 HOH 114 2114 2114 HOH HOH A . 
C 3 HOH 115 2115 2115 HOH HOH A . 
C 3 HOH 116 2116 2116 HOH HOH A . 
C 3 HOH 117 2117 2117 HOH HOH A . 
C 3 HOH 118 2118 2118 HOH HOH A . 
C 3 HOH 119 2119 2119 HOH HOH A . 
C 3 HOH 120 2120 2120 HOH HOH A . 
C 3 HOH 121 2121 2121 HOH HOH A . 
C 3 HOH 122 2122 2122 HOH HOH A . 
# 
_pdbx_struct_assembly.id                   1 
_pdbx_struct_assembly.details              author_and_software_defined_assembly 
_pdbx_struct_assembly.method_details       PQS 
_pdbx_struct_assembly.oligomeric_details   monomeric 
_pdbx_struct_assembly.oligomeric_count     1 
# 
_pdbx_struct_assembly_gen.assembly_id       1 
_pdbx_struct_assembly_gen.oper_expression   1 
_pdbx_struct_assembly_gen.asym_id_list      A,B,C 
# 
_pdbx_struct_oper_list.id                   1 
_pdbx_struct_oper_list.type                 'identity operation' 
_pdbx_struct_oper_list.name                 1_555 
_pdbx_struct_oper_list.symmetry_operation   x,y,z 
_pdbx_struct_oper_list.matrix[1][1]         1.0000000000 
_pdbx_struct_oper_list.matrix[1][2]         0.0000000000 
_pdbx_struct_oper_list.matrix[1][3]         0.0000000000 
_pdbx_struct_oper_list.vector[1]            0.0000000000 
_pdbx_struct_oper_list.matrix[2][1]         0.0000000000 
_pdbx_struct_oper_list.matrix[2][2]         1.0000000000 
_pdbx_struct_oper_list.matrix[2][3]         0.0000000000 
_pdbx_struct_oper_list.vector[2]            0.0000000000 
_pdbx_struct_oper_list.matrix[3][1]         0.0000000000 
_pdbx_struct_oper_list.matrix[3][2]         0.0000000000 
_pdbx_struct_oper_list.matrix[3][3]         1.0000000000 
_pdbx_struct_oper_list.vector[3]            0.0000000000 
# 
loop_
_pdbx_struct_conn_angle.id 
_pdbx_struct_conn_angle.ptnr1_label_atom_id 
_pdbx_struct_conn_angle.ptnr1_label_alt_id 
_pdbx_struct_conn_angle.ptnr1_label_asym_id 
_pdbx_struct_conn_angle.ptnr1_label_comp_id 
_pdbx_struct_conn_angle.ptnr1_label_seq_id 
_pdbx_struct_conn_angle.ptnr1_auth_atom_id 
_pdbx_struct_conn_angle.ptnr1_auth_asym_id 
_pdbx_struct_conn_angle.ptnr1_auth_comp_id 
_pdbx_struct_conn_angle.ptnr1_auth_seq_id 
_pdbx_struct_conn_angle.ptnr1_PDB_ins_code 
_pdbx_struct_conn_angle.ptnr1_symmetry 
_pdbx_struct_conn_angle.ptnr2_label_atom_id 
_pdbx_struct_conn_angle.ptnr2_label_alt_id 
_pdbx_struct_conn_angle.ptnr2_label_asym_id 
_pdbx_struct_conn_angle.ptnr2_label_comp_id 
_pdbx_struct_conn_angle.ptnr2_label_seq_id 
_pdbx_struct_conn_angle.ptnr2_auth_atom_id 
_pdbx_struct_conn_angle.ptnr2_auth_asym_id 
_pdbx_struct_conn_angle.ptnr2_auth_comp_id 
_pdbx_struct_conn_angle.ptnr2_auth_seq_id 
_pdbx_struct_conn_angle.ptnr2_PDB_ins_code 
_pdbx_struct_conn_angle.ptnr2_symmetry 
_pdbx_struct_conn_angle.ptnr3_label_atom_id 
_pdbx_struct_conn_angle.ptnr3_label_alt_id 
_pdbx_struct_conn_angle.ptnr3_label_asym_id 
_pdbx_struct_conn_angle.ptnr3_label_comp_id 
_pdbx_struct_conn_angle.ptnr3_label_seq_id 
_pdbx_struct_conn_angle.ptnr3_auth_atom_id 
_pdbx_struct_conn_angle.ptnr3_auth_asym_id 
_pdbx_struct_conn_angle.ptnr3_auth_comp_id 
_pdbx_struct_conn_angle.ptnr3_auth_seq_id 
_pdbx_struct_conn_angle.ptnr3_PDB_ins_code 
_pdbx_struct_conn_angle.ptnr3_symmetry 
_pdbx_struct_conn_angle.value 
_pdbx_struct_conn_angle.value_esd 
1  OE1 ? A GLN 30  ? A GLN 30  ? 1_555 CA ? B CA . ? A CA 1149 ? 1_555 OE2 ? A GLU 32  ? A GLU 32   ? 1_555 91.7  ? 
2  OE1 ? A GLN 30  ? A GLN 30  ? 1_555 CA ? B CA . ? A CA 1149 ? 1_555 OE1 ? A GLU 32  ? A GLU 32   ? 1_555 104.9 ? 
3  OE2 ? A GLU 32  ? A GLU 32  ? 1_555 CA ? B CA . ? A CA 1149 ? 1_555 OE1 ? A GLU 32  ? A GLU 32   ? 1_555 46.7  ? 
4  OE1 ? A GLN 30  ? A GLN 30  ? 1_555 CA ? B CA . ? A CA 1149 ? 1_555 O   ? A SER 52  ? A SER 52   ? 1_555 163.6 ? 
5  OE2 ? A GLU 32  ? A GLU 32  ? 1_555 CA ? B CA . ? A CA 1149 ? 1_555 O   ? A SER 52  ? A SER 52   ? 1_555 89.7  ? 
6  OE1 ? A GLU 32  ? A GLU 32  ? 1_555 CA ? B CA . ? A CA 1149 ? 1_555 O   ? A SER 52  ? A SER 52   ? 1_555 87.9  ? 
7  OE1 ? A GLN 30  ? A GLN 30  ? 1_555 CA ? B CA . ? A CA 1149 ? 1_555 O   ? A ASP 142 ? A ASP 142  ? 1_555 87.3  ? 
8  OE2 ? A GLU 32  ? A GLU 32  ? 1_555 CA ? B CA . ? A CA 1149 ? 1_555 O   ? A ASP 142 ? A ASP 142  ? 1_555 126.2 ? 
9  OE1 ? A GLU 32  ? A GLU 32  ? 1_555 CA ? B CA . ? A CA 1149 ? 1_555 O   ? A ASP 142 ? A ASP 142  ? 1_555 81.9  ? 
10 O   ? A SER 52  ? A SER 52  ? 1_555 CA ? B CA . ? A CA 1149 ? 1_555 O   ? A ASP 142 ? A ASP 142  ? 1_555 105.0 ? 
11 OE1 ? A GLN 30  ? A GLN 30  ? 1_555 CA ? B CA . ? A CA 1149 ? 1_555 OD1 ? A ASP 142 ? A ASP 142  ? 1_555 92.3  ? 
12 OE2 ? A GLU 32  ? A GLU 32  ? 1_555 CA ? B CA . ? A CA 1149 ? 1_555 OD1 ? A ASP 142 ? A ASP 142  ? 1_555 156.4 ? 
13 OE1 ? A GLU 32  ? A GLU 32  ? 1_555 CA ? B CA . ? A CA 1149 ? 1_555 OD1 ? A ASP 142 ? A ASP 142  ? 1_555 152.2 ? 
14 O   ? A SER 52  ? A SER 52  ? 1_555 CA ? B CA . ? A CA 1149 ? 1_555 OD1 ? A ASP 142 ? A ASP 142  ? 1_555 80.1  ? 
15 O   ? A ASP 142 ? A ASP 142 ? 1_555 CA ? B CA . ? A CA 1149 ? 1_555 OD1 ? A ASP 142 ? A ASP 142  ? 1_555 77.2  ? 
16 OE1 ? A GLN 30  ? A GLN 30  ? 1_555 CA ? B CA . ? A CA 1149 ? 1_555 O   ? C HOH .   ? A HOH 2020 ? 1_555 80.4  ? 
17 OE2 ? A GLU 32  ? A GLU 32  ? 1_555 CA ? B CA . ? A CA 1149 ? 1_555 O   ? C HOH .   ? A HOH 2020 ? 1_555 60.3  ? 
18 OE1 ? A GLU 32  ? A GLU 32  ? 1_555 CA ? B CA . ? A CA 1149 ? 1_555 O   ? C HOH .   ? A HOH 2020 ? 1_555 106.7 ? 
19 O   ? A SER 52  ? A SER 52  ? 1_555 CA ? B CA . ? A CA 1149 ? 1_555 O   ? C HOH .   ? A HOH 2020 ? 1_555 86.1  ? 
20 O   ? A ASP 142 ? A ASP 142 ? 1_555 CA ? B CA . ? A CA 1149 ? 1_555 O   ? C HOH .   ? A HOH 2020 ? 1_555 166.4 ? 
21 OD1 ? A ASP 142 ? A ASP 142 ? 1_555 CA ? B CA . ? A CA 1149 ? 1_555 O   ? C HOH .   ? A HOH 2020 ? 1_555 97.5  ? 
# 
loop_
_pdbx_audit_revision_history.ordinal 
_pdbx_audit_revision_history.data_content_type 
_pdbx_audit_revision_history.major_revision 
_pdbx_audit_revision_history.minor_revision 
_pdbx_audit_revision_history.revision_date 
1 'Structure model' 1 0 2003-03-13 
2 'Structure model' 1 1 2011-05-08 
3 'Structure model' 1 2 2011-07-13 
4 'Structure model' 1 3 2018-09-19 
5 'Structure model' 1 4 2023-12-13 
# 
_pdbx_audit_revision_details.ordinal             1 
_pdbx_audit_revision_details.revision_ordinal    1 
_pdbx_audit_revision_details.data_content_type   'Structure model' 
_pdbx_audit_revision_details.provider            repository 
_pdbx_audit_revision_details.type                'Initial release' 
_pdbx_audit_revision_details.description         ? 
_pdbx_audit_revision_details.details             ? 
# 
loop_
_pdbx_audit_revision_group.ordinal 
_pdbx_audit_revision_group.revision_ordinal 
_pdbx_audit_revision_group.data_content_type 
_pdbx_audit_revision_group.group 
1 2 'Structure model' 'Version format compliance' 
2 3 'Structure model' 'Version format compliance' 
3 4 'Structure model' 'Data collection'           
4 4 'Structure model' 'Database references'       
5 5 'Structure model' 'Data collection'           
6 5 'Structure model' 'Database references'       
7 5 'Structure model' 'Derived calculations'      
8 5 'Structure model' Other                       
9 5 'Structure model' 'Refinement description'    
# 
loop_
_pdbx_audit_revision_category.ordinal 
_pdbx_audit_revision_category.revision_ordinal 
_pdbx_audit_revision_category.data_content_type 
_pdbx_audit_revision_category.category 
1  4 'Structure model' citation                      
2  4 'Structure model' citation_author               
3  4 'Structure model' diffrn_detector               
4  4 'Structure model' diffrn_radiation_wavelength   
5  4 'Structure model' diffrn_source                 
6  5 'Structure model' chem_comp_atom                
7  5 'Structure model' chem_comp_bond                
8  5 'Structure model' database_2                    
9  5 'Structure model' pdbx_database_status          
10 5 'Structure model' pdbx_initial_refinement_model 
11 5 'Structure model' pdbx_struct_conn_angle        
12 5 'Structure model' struct_conn                   
# 
loop_
_pdbx_audit_revision_item.ordinal 
_pdbx_audit_revision_item.revision_ordinal 
_pdbx_audit_revision_item.data_content_type 
_pdbx_audit_revision_item.item 
1  4 'Structure model' '_citation.journal_abbrev'                    
2  4 'Structure model' '_citation.page_last'                         
3  4 'Structure model' '_citation.title'                             
4  4 'Structure model' '_citation_author.name'                       
5  4 'Structure model' '_diffrn_detector.detector'                   
6  4 'Structure model' '_diffrn_detector.type'                       
7  4 'Structure model' '_diffrn_radiation_wavelength.wavelength'     
8  4 'Structure model' '_diffrn_source.pdbx_synchrotron_beamline'    
9  4 'Structure model' '_diffrn_source.pdbx_synchrotron_site'        
10 4 'Structure model' '_diffrn_source.pdbx_wavelength_list'         
11 4 'Structure model' '_diffrn_source.source'                       
12 4 'Structure model' '_diffrn_source.type'                         
13 5 'Structure model' '_database_2.pdbx_DOI'                        
14 5 'Structure model' '_database_2.pdbx_database_accession'         
15 5 'Structure model' '_pdbx_database_status.status_code_sf'        
16 5 'Structure model' '_pdbx_struct_conn_angle.ptnr1_auth_comp_id'  
17 5 'Structure model' '_pdbx_struct_conn_angle.ptnr1_auth_seq_id'   
18 5 'Structure model' '_pdbx_struct_conn_angle.ptnr1_label_atom_id' 
19 5 'Structure model' '_pdbx_struct_conn_angle.ptnr1_label_comp_id' 
20 5 'Structure model' '_pdbx_struct_conn_angle.ptnr1_label_seq_id'  
21 5 'Structure model' '_pdbx_struct_conn_angle.ptnr3_auth_comp_id'  
22 5 'Structure model' '_pdbx_struct_conn_angle.ptnr3_auth_seq_id'   
23 5 'Structure model' '_pdbx_struct_conn_angle.ptnr3_label_atom_id' 
24 5 'Structure model' '_pdbx_struct_conn_angle.ptnr3_label_comp_id' 
25 5 'Structure model' '_pdbx_struct_conn_angle.ptnr3_label_seq_id'  
26 5 'Structure model' '_pdbx_struct_conn_angle.value'               
27 5 'Structure model' '_struct_conn.pdbx_dist_value'                
28 5 'Structure model' '_struct_conn.ptnr1_auth_comp_id'             
29 5 'Structure model' '_struct_conn.ptnr1_auth_seq_id'              
30 5 'Structure model' '_struct_conn.ptnr1_label_asym_id'            
31 5 'Structure model' '_struct_conn.ptnr1_label_atom_id'            
32 5 'Structure model' '_struct_conn.ptnr1_label_comp_id'            
33 5 'Structure model' '_struct_conn.ptnr1_label_seq_id'             
34 5 'Structure model' '_struct_conn.ptnr2_auth_comp_id'             
35 5 'Structure model' '_struct_conn.ptnr2_auth_seq_id'              
36 5 'Structure model' '_struct_conn.ptnr2_label_asym_id'            
37 5 'Structure model' '_struct_conn.ptnr2_label_atom_id'            
38 5 'Structure model' '_struct_conn.ptnr2_label_comp_id'            
39 5 'Structure model' '_struct_conn.ptnr2_label_seq_id'             
# 
loop_
_software.name 
_software.classification 
_software.version 
_software.citation_id 
_software.pdbx_ordinal 
_software.date 
_software.type 
_software.location 
_software.language 
REFMAC    refinement       5.1.24 ? 1 ? ? ? ? 
DENZO     'data reduction' .      ? 2 ? ? ? ? 
SCALEPACK 'data scaling'   .      ? 3 ? ? ? ? 
MOLREP    phasing          .      ? 4 ? ? ? ? 
# 
_pdbx_database_remark.id     700 
_pdbx_database_remark.text   
;
SHEET
THE SHEET STRUCTURE OF THIS MOLECULE IS BIFURCATED. IN
ORDER TO REPRESENT THIS FEATURE IN THE SHEET RECORDS BELOW,
TWO SHEETS ARE DEFINED.
;
# 
_pdbx_entry_details.entry_id                 1O8P 
_pdbx_entry_details.compound_details         ? 
_pdbx_entry_details.source_details           ? 
_pdbx_entry_details.nonpolymer_details       ? 
_pdbx_entry_details.sequence_details         'C-TERMINAL MODULE' 
_pdbx_entry_details.has_ligand_of_interest   ? 
# 
_pdbx_validate_rmsd_angle.id                         1 
_pdbx_validate_rmsd_angle.PDB_model_num              1 
_pdbx_validate_rmsd_angle.auth_atom_id_1             CB 
_pdbx_validate_rmsd_angle.auth_asym_id_1             A 
_pdbx_validate_rmsd_angle.auth_comp_id_1             ASP 
_pdbx_validate_rmsd_angle.auth_seq_id_1              35 
_pdbx_validate_rmsd_angle.PDB_ins_code_1             ? 
_pdbx_validate_rmsd_angle.label_alt_id_1             ? 
_pdbx_validate_rmsd_angle.auth_atom_id_2             CG 
_pdbx_validate_rmsd_angle.auth_asym_id_2             A 
_pdbx_validate_rmsd_angle.auth_comp_id_2             ASP 
_pdbx_validate_rmsd_angle.auth_seq_id_2              35 
_pdbx_validate_rmsd_angle.PDB_ins_code_2             ? 
_pdbx_validate_rmsd_angle.label_alt_id_2             ? 
_pdbx_validate_rmsd_angle.auth_atom_id_3             OD2 
_pdbx_validate_rmsd_angle.auth_asym_id_3             A 
_pdbx_validate_rmsd_angle.auth_comp_id_3             ASP 
_pdbx_validate_rmsd_angle.auth_seq_id_3              35 
_pdbx_validate_rmsd_angle.PDB_ins_code_3             ? 
_pdbx_validate_rmsd_angle.label_alt_id_3             ? 
_pdbx_validate_rmsd_angle.angle_value                124.33 
_pdbx_validate_rmsd_angle.angle_target_value         118.30 
_pdbx_validate_rmsd_angle.angle_deviation            6.03 
_pdbx_validate_rmsd_angle.angle_standard_deviation   0.90 
_pdbx_validate_rmsd_angle.linker_flag                N 
# 
_pdbx_validate_torsion.id              1 
_pdbx_validate_torsion.PDB_model_num   1 
_pdbx_validate_torsion.auth_comp_id    ASP 
_pdbx_validate_torsion.auth_asym_id    A 
_pdbx_validate_torsion.auth_seq_id     33 
_pdbx_validate_torsion.PDB_ins_code    ? 
_pdbx_validate_torsion.label_alt_id    ? 
_pdbx_validate_torsion.phi             -94.23 
_pdbx_validate_torsion.psi             49.63 
# 
loop_
_pdbx_unobs_or_zero_occ_residues.id 
_pdbx_unobs_or_zero_occ_residues.PDB_model_num 
_pdbx_unobs_or_zero_occ_residues.polymer_flag 
_pdbx_unobs_or_zero_occ_residues.occupancy_flag 
_pdbx_unobs_or_zero_occ_residues.auth_asym_id 
_pdbx_unobs_or_zero_occ_residues.auth_comp_id 
_pdbx_unobs_or_zero_occ_residues.auth_seq_id 
_pdbx_unobs_or_zero_occ_residues.PDB_ins_code 
_pdbx_unobs_or_zero_occ_residues.label_asym_id 
_pdbx_unobs_or_zero_occ_residues.label_comp_id 
_pdbx_unobs_or_zero_occ_residues.label_seq_id 
1  1 Y 1 A GLY 1   ? A GLY 1   
2  1 Y 1 A SER 2   ? A SER 2   
3  1 Y 1 A HIS 3   ? A HIS 3   
4  1 Y 1 A MET 4   ? A MET 4   
5  1 Y 1 A ALA 5   ? A ALA 5   
6  1 Y 1 A SER 6   ? A SER 6   
7  1 Y 1 A THR 7   ? A THR 7   
8  1 Y 1 A PRO 8   ? A PRO 8   
9  1 Y 1 A ALA 9   ? A ALA 9   
10 1 Y 1 A ASN 10  ? A ASN 10  
11 1 Y 1 A VAL 11  ? A VAL 11  
12 1 Y 1 A ASN 12  ? A ASN 12  
13 1 Y 1 A SER 13  ? A SER 13  
14 1 Y 1 A GLY 14  ? A GLY 14  
15 1 Y 1 A PRO 15  ? A PRO 15  
16 1 Y 1 A THR 16  ? A THR 16  
17 1 Y 1 A SER 17  ? A SER 17  
18 1 Y 1 A SER 149 ? A SER 149 
19 1 Y 1 A GLY 150 ? A GLY 150 
20 1 Y 1 A THR 151 ? A THR 151 
# 
loop_
_chem_comp_atom.comp_id 
_chem_comp_atom.atom_id 
_chem_comp_atom.type_symbol 
_chem_comp_atom.pdbx_aromatic_flag 
_chem_comp_atom.pdbx_stereo_config 
_chem_comp_atom.pdbx_ordinal 
ALA N    N  N N 1   
ALA CA   C  N S 2   
ALA C    C  N N 3   
ALA O    O  N N 4   
ALA CB   C  N N 5   
ALA OXT  O  N N 6   
ALA H    H  N N 7   
ALA H2   H  N N 8   
ALA HA   H  N N 9   
ALA HB1  H  N N 10  
ALA HB2  H  N N 11  
ALA HB3  H  N N 12  
ALA HXT  H  N N 13  
ARG N    N  N N 14  
ARG CA   C  N S 15  
ARG C    C  N N 16  
ARG O    O  N N 17  
ARG CB   C  N N 18  
ARG CG   C  N N 19  
ARG CD   C  N N 20  
ARG NE   N  N N 21  
ARG CZ   C  N N 22  
ARG NH1  N  N N 23  
ARG NH2  N  N N 24  
ARG OXT  O  N N 25  
ARG H    H  N N 26  
ARG H2   H  N N 27  
ARG HA   H  N N 28  
ARG HB2  H  N N 29  
ARG HB3  H  N N 30  
ARG HG2  H  N N 31  
ARG HG3  H  N N 32  
ARG HD2  H  N N 33  
ARG HD3  H  N N 34  
ARG HE   H  N N 35  
ARG HH11 H  N N 36  
ARG HH12 H  N N 37  
ARG HH21 H  N N 38  
ARG HH22 H  N N 39  
ARG HXT  H  N N 40  
ASN N    N  N N 41  
ASN CA   C  N S 42  
ASN C    C  N N 43  
ASN O    O  N N 44  
ASN CB   C  N N 45  
ASN CG   C  N N 46  
ASN OD1  O  N N 47  
ASN ND2  N  N N 48  
ASN OXT  O  N N 49  
ASN H    H  N N 50  
ASN H2   H  N N 51  
ASN HA   H  N N 52  
ASN HB2  H  N N 53  
ASN HB3  H  N N 54  
ASN HD21 H  N N 55  
ASN HD22 H  N N 56  
ASN HXT  H  N N 57  
ASP N    N  N N 58  
ASP CA   C  N S 59  
ASP C    C  N N 60  
ASP O    O  N N 61  
ASP CB   C  N N 62  
ASP CG   C  N N 63  
ASP OD1  O  N N 64  
ASP OD2  O  N N 65  
ASP OXT  O  N N 66  
ASP H    H  N N 67  
ASP H2   H  N N 68  
ASP HA   H  N N 69  
ASP HB2  H  N N 70  
ASP HB3  H  N N 71  
ASP HD2  H  N N 72  
ASP HXT  H  N N 73  
CA  CA   CA N N 74  
GLN N    N  N N 75  
GLN CA   C  N S 76  
GLN C    C  N N 77  
GLN O    O  N N 78  
GLN CB   C  N N 79  
GLN CG   C  N N 80  
GLN CD   C  N N 81  
GLN OE1  O  N N 82  
GLN NE2  N  N N 83  
GLN OXT  O  N N 84  
GLN H    H  N N 85  
GLN H2   H  N N 86  
GLN HA   H  N N 87  
GLN HB2  H  N N 88  
GLN HB3  H  N N 89  
GLN HG2  H  N N 90  
GLN HG3  H  N N 91  
GLN HE21 H  N N 92  
GLN HE22 H  N N 93  
GLN HXT  H  N N 94  
GLU N    N  N N 95  
GLU CA   C  N S 96  
GLU C    C  N N 97  
GLU O    O  N N 98  
GLU CB   C  N N 99  
GLU CG   C  N N 100 
GLU CD   C  N N 101 
GLU OE1  O  N N 102 
GLU OE2  O  N N 103 
GLU OXT  O  N N 104 
GLU H    H  N N 105 
GLU H2   H  N N 106 
GLU HA   H  N N 107 
GLU HB2  H  N N 108 
GLU HB3  H  N N 109 
GLU HG2  H  N N 110 
GLU HG3  H  N N 111 
GLU HE2  H  N N 112 
GLU HXT  H  N N 113 
GLY N    N  N N 114 
GLY CA   C  N N 115 
GLY C    C  N N 116 
GLY O    O  N N 117 
GLY OXT  O  N N 118 
GLY H    H  N N 119 
GLY H2   H  N N 120 
GLY HA2  H  N N 121 
GLY HA3  H  N N 122 
GLY HXT  H  N N 123 
HIS N    N  N N 124 
HIS CA   C  N S 125 
HIS C    C  N N 126 
HIS O    O  N N 127 
HIS CB   C  N N 128 
HIS CG   C  Y N 129 
HIS ND1  N  Y N 130 
HIS CD2  C  Y N 131 
HIS CE1  C  Y N 132 
HIS NE2  N  Y N 133 
HIS OXT  O  N N 134 
HIS H    H  N N 135 
HIS H2   H  N N 136 
HIS HA   H  N N 137 
HIS HB2  H  N N 138 
HIS HB3  H  N N 139 
HIS HD1  H  N N 140 
HIS HD2  H  N N 141 
HIS HE1  H  N N 142 
HIS HE2  H  N N 143 
HIS HXT  H  N N 144 
HOH O    O  N N 145 
HOH H1   H  N N 146 
HOH H2   H  N N 147 
ILE N    N  N N 148 
ILE CA   C  N S 149 
ILE C    C  N N 150 
ILE O    O  N N 151 
ILE CB   C  N S 152 
ILE CG1  C  N N 153 
ILE CG2  C  N N 154 
ILE CD1  C  N N 155 
ILE OXT  O  N N 156 
ILE H    H  N N 157 
ILE H2   H  N N 158 
ILE HA   H  N N 159 
ILE HB   H  N N 160 
ILE HG12 H  N N 161 
ILE HG13 H  N N 162 
ILE HG21 H  N N 163 
ILE HG22 H  N N 164 
ILE HG23 H  N N 165 
ILE HD11 H  N N 166 
ILE HD12 H  N N 167 
ILE HD13 H  N N 168 
ILE HXT  H  N N 169 
LEU N    N  N N 170 
LEU CA   C  N S 171 
LEU C    C  N N 172 
LEU O    O  N N 173 
LEU CB   C  N N 174 
LEU CG   C  N N 175 
LEU CD1  C  N N 176 
LEU CD2  C  N N 177 
LEU OXT  O  N N 178 
LEU H    H  N N 179 
LEU H2   H  N N 180 
LEU HA   H  N N 181 
LEU HB2  H  N N 182 
LEU HB3  H  N N 183 
LEU HG   H  N N 184 
LEU HD11 H  N N 185 
LEU HD12 H  N N 186 
LEU HD13 H  N N 187 
LEU HD21 H  N N 188 
LEU HD22 H  N N 189 
LEU HD23 H  N N 190 
LEU HXT  H  N N 191 
LYS N    N  N N 192 
LYS CA   C  N S 193 
LYS C    C  N N 194 
LYS O    O  N N 195 
LYS CB   C  N N 196 
LYS CG   C  N N 197 
LYS CD   C  N N 198 
LYS CE   C  N N 199 
LYS NZ   N  N N 200 
LYS OXT  O  N N 201 
LYS H    H  N N 202 
LYS H2   H  N N 203 
LYS HA   H  N N 204 
LYS HB2  H  N N 205 
LYS HB3  H  N N 206 
LYS HG2  H  N N 207 
LYS HG3  H  N N 208 
LYS HD2  H  N N 209 
LYS HD3  H  N N 210 
LYS HE2  H  N N 211 
LYS HE3  H  N N 212 
LYS HZ1  H  N N 213 
LYS HZ2  H  N N 214 
LYS HZ3  H  N N 215 
LYS HXT  H  N N 216 
MET N    N  N N 217 
MET CA   C  N S 218 
MET C    C  N N 219 
MET O    O  N N 220 
MET CB   C  N N 221 
MET CG   C  N N 222 
MET SD   S  N N 223 
MET CE   C  N N 224 
MET OXT  O  N N 225 
MET H    H  N N 226 
MET H2   H  N N 227 
MET HA   H  N N 228 
MET HB2  H  N N 229 
MET HB3  H  N N 230 
MET HG2  H  N N 231 
MET HG3  H  N N 232 
MET HE1  H  N N 233 
MET HE2  H  N N 234 
MET HE3  H  N N 235 
MET HXT  H  N N 236 
PHE N    N  N N 237 
PHE CA   C  N S 238 
PHE C    C  N N 239 
PHE O    O  N N 240 
PHE CB   C  N N 241 
PHE CG   C  Y N 242 
PHE CD1  C  Y N 243 
PHE CD2  C  Y N 244 
PHE CE1  C  Y N 245 
PHE CE2  C  Y N 246 
PHE CZ   C  Y N 247 
PHE OXT  O  N N 248 
PHE H    H  N N 249 
PHE H2   H  N N 250 
PHE HA   H  N N 251 
PHE HB2  H  N N 252 
PHE HB3  H  N N 253 
PHE HD1  H  N N 254 
PHE HD2  H  N N 255 
PHE HE1  H  N N 256 
PHE HE2  H  N N 257 
PHE HZ   H  N N 258 
PHE HXT  H  N N 259 
PRO N    N  N N 260 
PRO CA   C  N S 261 
PRO C    C  N N 262 
PRO O    O  N N 263 
PRO CB   C  N N 264 
PRO CG   C  N N 265 
PRO CD   C  N N 266 
PRO OXT  O  N N 267 
PRO H    H  N N 268 
PRO HA   H  N N 269 
PRO HB2  H  N N 270 
PRO HB3  H  N N 271 
PRO HG2  H  N N 272 
PRO HG3  H  N N 273 
PRO HD2  H  N N 274 
PRO HD3  H  N N 275 
PRO HXT  H  N N 276 
SER N    N  N N 277 
SER CA   C  N S 278 
SER C    C  N N 279 
SER O    O  N N 280 
SER CB   C  N N 281 
SER OG   O  N N 282 
SER OXT  O  N N 283 
SER H    H  N N 284 
SER H2   H  N N 285 
SER HA   H  N N 286 
SER HB2  H  N N 287 
SER HB3  H  N N 288 
SER HG   H  N N 289 
SER HXT  H  N N 290 
THR N    N  N N 291 
THR CA   C  N S 292 
THR C    C  N N 293 
THR O    O  N N 294 
THR CB   C  N R 295 
THR OG1  O  N N 296 
THR CG2  C  N N 297 
THR OXT  O  N N 298 
THR H    H  N N 299 
THR H2   H  N N 300 
THR HA   H  N N 301 
THR HB   H  N N 302 
THR HG1  H  N N 303 
THR HG21 H  N N 304 
THR HG22 H  N N 305 
THR HG23 H  N N 306 
THR HXT  H  N N 307 
TRP N    N  N N 308 
TRP CA   C  N S 309 
TRP C    C  N N 310 
TRP O    O  N N 311 
TRP CB   C  N N 312 
TRP CG   C  Y N 313 
TRP CD1  C  Y N 314 
TRP CD2  C  Y N 315 
TRP NE1  N  Y N 316 
TRP CE2  C  Y N 317 
TRP CE3  C  Y N 318 
TRP CZ2  C  Y N 319 
TRP CZ3  C  Y N 320 
TRP CH2  C  Y N 321 
TRP OXT  O  N N 322 
TRP H    H  N N 323 
TRP H2   H  N N 324 
TRP HA   H  N N 325 
TRP HB2  H  N N 326 
TRP HB3  H  N N 327 
TRP HD1  H  N N 328 
TRP HE1  H  N N 329 
TRP HE3  H  N N 330 
TRP HZ2  H  N N 331 
TRP HZ3  H  N N 332 
TRP HH2  H  N N 333 
TRP HXT  H  N N 334 
TYR N    N  N N 335 
TYR CA   C  N S 336 
TYR C    C  N N 337 
TYR O    O  N N 338 
TYR CB   C  N N 339 
TYR CG   C  Y N 340 
TYR CD1  C  Y N 341 
TYR CD2  C  Y N 342 
TYR CE1  C  Y N 343 
TYR CE2  C  Y N 344 
TYR CZ   C  Y N 345 
TYR OH   O  N N 346 
TYR OXT  O  N N 347 
TYR H    H  N N 348 
TYR H2   H  N N 349 
TYR HA   H  N N 350 
TYR HB2  H  N N 351 
TYR HB3  H  N N 352 
TYR HD1  H  N N 353 
TYR HD2  H  N N 354 
TYR HE1  H  N N 355 
TYR HE2  H  N N 356 
TYR HH   H  N N 357 
TYR HXT  H  N N 358 
VAL N    N  N N 359 
VAL CA   C  N S 360 
VAL C    C  N N 361 
VAL O    O  N N 362 
VAL CB   C  N N 363 
VAL CG1  C  N N 364 
VAL CG2  C  N N 365 
VAL OXT  O  N N 366 
VAL H    H  N N 367 
VAL H2   H  N N 368 
VAL HA   H  N N 369 
VAL HB   H  N N 370 
VAL HG11 H  N N 371 
VAL HG12 H  N N 372 
VAL HG13 H  N N 373 
VAL HG21 H  N N 374 
VAL HG22 H  N N 375 
VAL HG23 H  N N 376 
VAL HXT  H  N N 377 
# 
loop_
_chem_comp_bond.comp_id 
_chem_comp_bond.atom_id_1 
_chem_comp_bond.atom_id_2 
_chem_comp_bond.value_order 
_chem_comp_bond.pdbx_aromatic_flag 
_chem_comp_bond.pdbx_stereo_config 
_chem_comp_bond.pdbx_ordinal 
ALA N   CA   sing N N 1   
ALA N   H    sing N N 2   
ALA N   H2   sing N N 3   
ALA CA  C    sing N N 4   
ALA CA  CB   sing N N 5   
ALA CA  HA   sing N N 6   
ALA C   O    doub N N 7   
ALA C   OXT  sing N N 8   
ALA CB  HB1  sing N N 9   
ALA CB  HB2  sing N N 10  
ALA CB  HB3  sing N N 11  
ALA OXT HXT  sing N N 12  
ARG N   CA   sing N N 13  
ARG N   H    sing N N 14  
ARG N   H2   sing N N 15  
ARG CA  C    sing N N 16  
ARG CA  CB   sing N N 17  
ARG CA  HA   sing N N 18  
ARG C   O    doub N N 19  
ARG C   OXT  sing N N 20  
ARG CB  CG   sing N N 21  
ARG CB  HB2  sing N N 22  
ARG CB  HB3  sing N N 23  
ARG CG  CD   sing N N 24  
ARG CG  HG2  sing N N 25  
ARG CG  HG3  sing N N 26  
ARG CD  NE   sing N N 27  
ARG CD  HD2  sing N N 28  
ARG CD  HD3  sing N N 29  
ARG NE  CZ   sing N N 30  
ARG NE  HE   sing N N 31  
ARG CZ  NH1  sing N N 32  
ARG CZ  NH2  doub N N 33  
ARG NH1 HH11 sing N N 34  
ARG NH1 HH12 sing N N 35  
ARG NH2 HH21 sing N N 36  
ARG NH2 HH22 sing N N 37  
ARG OXT HXT  sing N N 38  
ASN N   CA   sing N N 39  
ASN N   H    sing N N 40  
ASN N   H2   sing N N 41  
ASN CA  C    sing N N 42  
ASN CA  CB   sing N N 43  
ASN CA  HA   sing N N 44  
ASN C   O    doub N N 45  
ASN C   OXT  sing N N 46  
ASN CB  CG   sing N N 47  
ASN CB  HB2  sing N N 48  
ASN CB  HB3  sing N N 49  
ASN CG  OD1  doub N N 50  
ASN CG  ND2  sing N N 51  
ASN ND2 HD21 sing N N 52  
ASN ND2 HD22 sing N N 53  
ASN OXT HXT  sing N N 54  
ASP N   CA   sing N N 55  
ASP N   H    sing N N 56  
ASP N   H2   sing N N 57  
ASP CA  C    sing N N 58  
ASP CA  CB   sing N N 59  
ASP CA  HA   sing N N 60  
ASP C   O    doub N N 61  
ASP C   OXT  sing N N 62  
ASP CB  CG   sing N N 63  
ASP CB  HB2  sing N N 64  
ASP CB  HB3  sing N N 65  
ASP CG  OD1  doub N N 66  
ASP CG  OD2  sing N N 67  
ASP OD2 HD2  sing N N 68  
ASP OXT HXT  sing N N 69  
GLN N   CA   sing N N 70  
GLN N   H    sing N N 71  
GLN N   H2   sing N N 72  
GLN CA  C    sing N N 73  
GLN CA  CB   sing N N 74  
GLN CA  HA   sing N N 75  
GLN C   O    doub N N 76  
GLN C   OXT  sing N N 77  
GLN CB  CG   sing N N 78  
GLN CB  HB2  sing N N 79  
GLN CB  HB3  sing N N 80  
GLN CG  CD   sing N N 81  
GLN CG  HG2  sing N N 82  
GLN CG  HG3  sing N N 83  
GLN CD  OE1  doub N N 84  
GLN CD  NE2  sing N N 85  
GLN NE2 HE21 sing N N 86  
GLN NE2 HE22 sing N N 87  
GLN OXT HXT  sing N N 88  
GLU N   CA   sing N N 89  
GLU N   H    sing N N 90  
GLU N   H2   sing N N 91  
GLU CA  C    sing N N 92  
GLU CA  CB   sing N N 93  
GLU CA  HA   sing N N 94  
GLU C   O    doub N N 95  
GLU C   OXT  sing N N 96  
GLU CB  CG   sing N N 97  
GLU CB  HB2  sing N N 98  
GLU CB  HB3  sing N N 99  
GLU CG  CD   sing N N 100 
GLU CG  HG2  sing N N 101 
GLU CG  HG3  sing N N 102 
GLU CD  OE1  doub N N 103 
GLU CD  OE2  sing N N 104 
GLU OE2 HE2  sing N N 105 
GLU OXT HXT  sing N N 106 
GLY N   CA   sing N N 107 
GLY N   H    sing N N 108 
GLY N   H2   sing N N 109 
GLY CA  C    sing N N 110 
GLY CA  HA2  sing N N 111 
GLY CA  HA3  sing N N 112 
GLY C   O    doub N N 113 
GLY C   OXT  sing N N 114 
GLY OXT HXT  sing N N 115 
HIS N   CA   sing N N 116 
HIS N   H    sing N N 117 
HIS N   H2   sing N N 118 
HIS CA  C    sing N N 119 
HIS CA  CB   sing N N 120 
HIS CA  HA   sing N N 121 
HIS C   O    doub N N 122 
HIS C   OXT  sing N N 123 
HIS CB  CG   sing N N 124 
HIS CB  HB2  sing N N 125 
HIS CB  HB3  sing N N 126 
HIS CG  ND1  sing Y N 127 
HIS CG  CD2  doub Y N 128 
HIS ND1 CE1  doub Y N 129 
HIS ND1 HD1  sing N N 130 
HIS CD2 NE2  sing Y N 131 
HIS CD2 HD2  sing N N 132 
HIS CE1 NE2  sing Y N 133 
HIS CE1 HE1  sing N N 134 
HIS NE2 HE2  sing N N 135 
HIS OXT HXT  sing N N 136 
HOH O   H1   sing N N 137 
HOH O   H2   sing N N 138 
ILE N   CA   sing N N 139 
ILE N   H    sing N N 140 
ILE N   H2   sing N N 141 
ILE CA  C    sing N N 142 
ILE CA  CB   sing N N 143 
ILE CA  HA   sing N N 144 
ILE C   O    doub N N 145 
ILE C   OXT  sing N N 146 
ILE CB  CG1  sing N N 147 
ILE CB  CG2  sing N N 148 
ILE CB  HB   sing N N 149 
ILE CG1 CD1  sing N N 150 
ILE CG1 HG12 sing N N 151 
ILE CG1 HG13 sing N N 152 
ILE CG2 HG21 sing N N 153 
ILE CG2 HG22 sing N N 154 
ILE CG2 HG23 sing N N 155 
ILE CD1 HD11 sing N N 156 
ILE CD1 HD12 sing N N 157 
ILE CD1 HD13 sing N N 158 
ILE OXT HXT  sing N N 159 
LEU N   CA   sing N N 160 
LEU N   H    sing N N 161 
LEU N   H2   sing N N 162 
LEU CA  C    sing N N 163 
LEU CA  CB   sing N N 164 
LEU CA  HA   sing N N 165 
LEU C   O    doub N N 166 
LEU C   OXT  sing N N 167 
LEU CB  CG   sing N N 168 
LEU CB  HB2  sing N N 169 
LEU CB  HB3  sing N N 170 
LEU CG  CD1  sing N N 171 
LEU CG  CD2  sing N N 172 
LEU CG  HG   sing N N 173 
LEU CD1 HD11 sing N N 174 
LEU CD1 HD12 sing N N 175 
LEU CD1 HD13 sing N N 176 
LEU CD2 HD21 sing N N 177 
LEU CD2 HD22 sing N N 178 
LEU CD2 HD23 sing N N 179 
LEU OXT HXT  sing N N 180 
LYS N   CA   sing N N 181 
LYS N   H    sing N N 182 
LYS N   H2   sing N N 183 
LYS CA  C    sing N N 184 
LYS CA  CB   sing N N 185 
LYS CA  HA   sing N N 186 
LYS C   O    doub N N 187 
LYS C   OXT  sing N N 188 
LYS CB  CG   sing N N 189 
LYS CB  HB2  sing N N 190 
LYS CB  HB3  sing N N 191 
LYS CG  CD   sing N N 192 
LYS CG  HG2  sing N N 193 
LYS CG  HG3  sing N N 194 
LYS CD  CE   sing N N 195 
LYS CD  HD2  sing N N 196 
LYS CD  HD3  sing N N 197 
LYS CE  NZ   sing N N 198 
LYS CE  HE2  sing N N 199 
LYS CE  HE3  sing N N 200 
LYS NZ  HZ1  sing N N 201 
LYS NZ  HZ2  sing N N 202 
LYS NZ  HZ3  sing N N 203 
LYS OXT HXT  sing N N 204 
MET N   CA   sing N N 205 
MET N   H    sing N N 206 
MET N   H2   sing N N 207 
MET CA  C    sing N N 208 
MET CA  CB   sing N N 209 
MET CA  HA   sing N N 210 
MET C   O    doub N N 211 
MET C   OXT  sing N N 212 
MET CB  CG   sing N N 213 
MET CB  HB2  sing N N 214 
MET CB  HB3  sing N N 215 
MET CG  SD   sing N N 216 
MET CG  HG2  sing N N 217 
MET CG  HG3  sing N N 218 
MET SD  CE   sing N N 219 
MET CE  HE1  sing N N 220 
MET CE  HE2  sing N N 221 
MET CE  HE3  sing N N 222 
MET OXT HXT  sing N N 223 
PHE N   CA   sing N N 224 
PHE N   H    sing N N 225 
PHE N   H2   sing N N 226 
PHE CA  C    sing N N 227 
PHE CA  CB   sing N N 228 
PHE CA  HA   sing N N 229 
PHE C   O    doub N N 230 
PHE C   OXT  sing N N 231 
PHE CB  CG   sing N N 232 
PHE CB  HB2  sing N N 233 
PHE CB  HB3  sing N N 234 
PHE CG  CD1  doub Y N 235 
PHE CG  CD2  sing Y N 236 
PHE CD1 CE1  sing Y N 237 
PHE CD1 HD1  sing N N 238 
PHE CD2 CE2  doub Y N 239 
PHE CD2 HD2  sing N N 240 
PHE CE1 CZ   doub Y N 241 
PHE CE1 HE1  sing N N 242 
PHE CE2 CZ   sing Y N 243 
PHE CE2 HE2  sing N N 244 
PHE CZ  HZ   sing N N 245 
PHE OXT HXT  sing N N 246 
PRO N   CA   sing N N 247 
PRO N   CD   sing N N 248 
PRO N   H    sing N N 249 
PRO CA  C    sing N N 250 
PRO CA  CB   sing N N 251 
PRO CA  HA   sing N N 252 
PRO C   O    doub N N 253 
PRO C   OXT  sing N N 254 
PRO CB  CG   sing N N 255 
PRO CB  HB2  sing N N 256 
PRO CB  HB3  sing N N 257 
PRO CG  CD   sing N N 258 
PRO CG  HG2  sing N N 259 
PRO CG  HG3  sing N N 260 
PRO CD  HD2  sing N N 261 
PRO CD  HD3  sing N N 262 
PRO OXT HXT  sing N N 263 
SER N   CA   sing N N 264 
SER N   H    sing N N 265 
SER N   H2   sing N N 266 
SER CA  C    sing N N 267 
SER CA  CB   sing N N 268 
SER CA  HA   sing N N 269 
SER C   O    doub N N 270 
SER C   OXT  sing N N 271 
SER CB  OG   sing N N 272 
SER CB  HB2  sing N N 273 
SER CB  HB3  sing N N 274 
SER OG  HG   sing N N 275 
SER OXT HXT  sing N N 276 
THR N   CA   sing N N 277 
THR N   H    sing N N 278 
THR N   H2   sing N N 279 
THR CA  C    sing N N 280 
THR CA  CB   sing N N 281 
THR CA  HA   sing N N 282 
THR C   O    doub N N 283 
THR C   OXT  sing N N 284 
THR CB  OG1  sing N N 285 
THR CB  CG2  sing N N 286 
THR CB  HB   sing N N 287 
THR OG1 HG1  sing N N 288 
THR CG2 HG21 sing N N 289 
THR CG2 HG22 sing N N 290 
THR CG2 HG23 sing N N 291 
THR OXT HXT  sing N N 292 
TRP N   CA   sing N N 293 
TRP N   H    sing N N 294 
TRP N   H2   sing N N 295 
TRP CA  C    sing N N 296 
TRP CA  CB   sing N N 297 
TRP CA  HA   sing N N 298 
TRP C   O    doub N N 299 
TRP C   OXT  sing N N 300 
TRP CB  CG   sing N N 301 
TRP CB  HB2  sing N N 302 
TRP CB  HB3  sing N N 303 
TRP CG  CD1  doub Y N 304 
TRP CG  CD2  sing Y N 305 
TRP CD1 NE1  sing Y N 306 
TRP CD1 HD1  sing N N 307 
TRP CD2 CE2  doub Y N 308 
TRP CD2 CE3  sing Y N 309 
TRP NE1 CE2  sing Y N 310 
TRP NE1 HE1  sing N N 311 
TRP CE2 CZ2  sing Y N 312 
TRP CE3 CZ3  doub Y N 313 
TRP CE3 HE3  sing N N 314 
TRP CZ2 CH2  doub Y N 315 
TRP CZ2 HZ2  sing N N 316 
TRP CZ3 CH2  sing Y N 317 
TRP CZ3 HZ3  sing N N 318 
TRP CH2 HH2  sing N N 319 
TRP OXT HXT  sing N N 320 
TYR N   CA   sing N N 321 
TYR N   H    sing N N 322 
TYR N   H2   sing N N 323 
TYR CA  C    sing N N 324 
TYR CA  CB   sing N N 325 
TYR CA  HA   sing N N 326 
TYR C   O    doub N N 327 
TYR C   OXT  sing N N 328 
TYR CB  CG   sing N N 329 
TYR CB  HB2  sing N N 330 
TYR CB  HB3  sing N N 331 
TYR CG  CD1  doub Y N 332 
TYR CG  CD2  sing Y N 333 
TYR CD1 CE1  sing Y N 334 
TYR CD1 HD1  sing N N 335 
TYR CD2 CE2  doub Y N 336 
TYR CD2 HD2  sing N N 337 
TYR CE1 CZ   doub Y N 338 
TYR CE1 HE1  sing N N 339 
TYR CE2 CZ   sing Y N 340 
TYR CE2 HE2  sing N N 341 
TYR CZ  OH   sing N N 342 
TYR OH  HH   sing N N 343 
TYR OXT HXT  sing N N 344 
VAL N   CA   sing N N 345 
VAL N   H    sing N N 346 
VAL N   H2   sing N N 347 
VAL CA  C    sing N N 348 
VAL CA  CB   sing N N 349 
VAL CA  HA   sing N N 350 
VAL C   O    doub N N 351 
VAL C   OXT  sing N N 352 
VAL CB  CG1  sing N N 353 
VAL CB  CG2  sing N N 354 
VAL CB  HB   sing N N 355 
VAL CG1 HG11 sing N N 356 
VAL CG1 HG12 sing N N 357 
VAL CG1 HG13 sing N N 358 
VAL CG2 HG21 sing N N 359 
VAL CG2 HG22 sing N N 360 
VAL CG2 HG23 sing N N 361 
VAL OXT HXT  sing N N 362 
# 
loop_
_pdbx_entity_nonpoly.entity_id 
_pdbx_entity_nonpoly.name 
_pdbx_entity_nonpoly.comp_id 
2 'CALCIUM ION' CA  
3 water         HOH 
# 
_pdbx_initial_refinement_model.id               1 
_pdbx_initial_refinement_model.entity_id_list   ? 
_pdbx_initial_refinement_model.type             'experimental model' 
_pdbx_initial_refinement_model.source_name      PDB 
_pdbx_initial_refinement_model.accession_code   1GMM 
_pdbx_initial_refinement_model.details          'PDB ENTRY 1GMM' 
# 
